data_7W52
#
_entry.id   7W52
#
_cell.length_a   56.987
_cell.length_b   96.260
_cell.length_c   426.923
_cell.angle_alpha   90.000
_cell.angle_beta   90.000
_cell.angle_gamma   90.000
#
_symmetry.space_group_name_H-M   'P 21 21 21'
#
loop_
_entity.id
_entity.type
_entity.pdbx_description
1 polymer 'Actin, alpha skeletal muscle'
2 polymer 'Actin-binding protein fragmin P'
3 non-polymer "ADENOSINE-5'-TRIPHOSPHATE"
4 non-polymer 'CALCIUM ION'
5 non-polymer 'ACETATE ION'
6 non-polymer 'SODIUM ION'
7 non-polymer 1,2-ETHANEDIOL
8 water water
#
loop_
_entity_poly.entity_id
_entity_poly.type
_entity_poly.pdbx_seq_one_letter_code
_entity_poly.pdbx_strand_id
1 'polypeptide(L)'
;MCDEDETTALVCDNGSGLVKAGFAGDDAPRAVFPSIVGRPRHQGVMVGMGQKDSYVGDEAQSKRGILTLKYPIE(HIC)G
IITNWDDMEKIWHHTFYNELRVAPEEHPTLLTEAPLNPKANREKMTQIMFETFNVPAMYVAIQAVLSLYASGRTTGIVLD
SGDGVTHNVPIYEGYALPHAIMRLDLAGRDLTDYLMKILTERGYSFVTTAEREIVRDIKEKLCYVALDFENEMATAASSS
SLEKSYELPDGQVITIGNERFRCPETLFQPSFIGMESAGIHETTYNSIMKCDIDIRKDLYANNVMSGGTTMYPGIADRMQ
KEITALAPSTMKIKIIAPPERKYSVWIGGSILASLSTFQQMWITKQEYDEAGPSIVHRKCF
;
A,C,E,G
2 'polypeptide(L)'
;GPANLGTELEKKVKLEASQHEDAWKGAGKQVGVEIWRIQQFKVVPVPKKHHGSFYTGDSYIVLSTYHPKTNPDKLAYDVH
FWLGAFTTQDEAGTAAYKTVELDDYLGGLPVQYREVQGYESERFLSLFPKGGLRILDGGVETGFHHVE
;
B,D,F,H
#
# COMPACT_ATOMS: atom_id res chain seq x y z
N THR A 7 35.94 3.54 -30.06
CA THR A 7 34.64 3.42 -29.42
C THR A 7 33.74 4.58 -29.80
N THR A 8 33.07 4.47 -30.95
CA THR A 8 32.16 5.51 -31.38
C THR A 8 30.93 5.53 -30.49
N ALA A 9 30.49 6.73 -30.13
CA ALA A 9 29.25 6.89 -29.37
C ALA A 9 28.07 6.98 -30.33
N LEU A 10 26.95 6.39 -29.93
CA LEU A 10 25.72 6.49 -30.69
C LEU A 10 24.91 7.70 -30.23
N VAL A 11 24.26 8.35 -31.18
CA VAL A 11 23.36 9.46 -30.90
C VAL A 11 22.02 9.10 -31.49
N CYS A 12 21.02 8.90 -30.64
CA CYS A 12 19.69 8.52 -31.08
C CYS A 12 18.71 9.55 -30.55
N ASP A 13 18.01 10.23 -31.46
CA ASP A 13 17.05 11.28 -31.14
C ASP A 13 15.65 10.78 -31.52
N ASN A 14 14.87 10.39 -30.51
CA ASN A 14 13.57 9.78 -30.74
C ASN A 14 12.47 10.83 -30.69
N GLY A 15 11.70 10.93 -31.78
CA GLY A 15 10.59 11.86 -31.86
C GLY A 15 9.29 11.13 -32.16
N SER A 16 8.19 11.89 -32.06
CA SER A 16 6.86 11.30 -32.25
C SER A 16 6.67 10.75 -33.66
N GLY A 17 7.33 11.36 -34.65
CA GLY A 17 7.15 10.92 -36.01
C GLY A 17 8.38 10.26 -36.62
N LEU A 18 9.57 10.75 -36.28
CA LEU A 18 10.79 10.30 -36.94
C LEU A 18 11.85 9.93 -35.91
N VAL A 19 12.54 8.83 -36.18
CA VAL A 19 13.75 8.47 -35.46
C VAL A 19 14.94 9.10 -36.18
N LYS A 20 15.83 9.76 -35.43
CA LYS A 20 17.06 10.30 -35.96
C LYS A 20 18.21 9.64 -35.22
N ALA A 21 19.03 8.86 -35.94
CA ALA A 21 20.07 8.07 -35.30
C ALA A 21 21.35 8.13 -36.12
N GLY A 22 22.47 7.99 -35.43
CA GLY A 22 23.76 8.05 -36.10
C GLY A 22 24.89 7.96 -35.09
N PHE A 23 26.05 8.46 -35.50
CA PHE A 23 27.27 8.37 -34.70
C PHE A 23 27.75 9.75 -34.31
N ALA A 24 28.17 9.89 -33.05
CA ALA A 24 28.77 11.14 -32.58
C ALA A 24 29.98 11.48 -33.44
N GLY A 25 30.07 12.75 -33.84
CA GLY A 25 31.11 13.20 -34.74
C GLY A 25 30.67 13.35 -36.18
N ASP A 26 29.57 12.71 -36.57
CA ASP A 26 28.99 12.96 -37.88
C ASP A 26 28.20 14.26 -37.86
N ASP A 27 28.11 14.89 -39.02
CA ASP A 27 27.39 16.15 -39.16
C ASP A 27 25.91 15.96 -39.50
N ALA A 28 25.43 14.72 -39.56
CA ALA A 28 24.02 14.47 -39.86
C ALA A 28 23.68 13.07 -39.40
N PRO A 29 22.42 12.80 -39.07
CA PRO A 29 22.02 11.41 -38.75
C PRO A 29 22.11 10.52 -39.98
N ARG A 30 22.73 9.35 -39.81
CA ARG A 30 22.83 8.39 -40.90
C ARG A 30 21.53 7.64 -41.14
N ALA A 31 20.68 7.52 -40.13
CA ALA A 31 19.41 6.82 -40.24
C ALA A 31 18.28 7.74 -39.80
N VAL A 32 17.31 7.96 -40.70
CA VAL A 32 16.11 8.73 -40.40
C VAL A 32 14.93 7.93 -40.94
N PHE A 33 14.05 7.47 -40.06
CA PHE A 33 12.97 6.60 -40.49
C PHE A 33 11.76 6.85 -39.61
N PRO A 34 10.56 6.49 -40.09
CA PRO A 34 9.35 6.75 -39.30
C PRO A 34 9.33 5.94 -38.01
N SER A 35 8.93 6.60 -36.92
CA SER A 35 8.78 5.95 -35.62
C SER A 35 7.42 5.24 -35.57
N ILE A 36 7.31 4.21 -36.41
CA ILE A 36 6.07 3.47 -36.60
C ILE A 36 6.35 1.98 -36.46
N VAL A 37 5.42 1.25 -35.84
CA VAL A 37 5.54 -0.18 -35.62
C VAL A 37 4.27 -0.85 -36.13
N GLY A 38 4.43 -1.91 -36.90
CA GLY A 38 3.32 -2.65 -37.46
C GLY A 38 3.29 -4.09 -36.95
N ARG A 39 2.10 -4.60 -36.68
CA ARG A 39 1.91 -5.93 -36.14
C ARG A 39 0.88 -6.70 -36.97
N PRO A 40 1.04 -8.03 -37.06
CA PRO A 40 0.48 -8.79 -38.20
C PRO A 40 -1.03 -9.01 -38.16
N ARG A 41 -1.79 -7.91 -38.26
CA ARG A 41 -3.24 -7.91 -38.56
C ARG A 41 -3.75 -6.46 -38.50
N SER A 54 6.70 -8.38 -36.12
CA SER A 54 6.80 -6.92 -36.05
C SER A 54 7.61 -6.35 -37.20
N TYR A 55 7.20 -5.17 -37.66
CA TYR A 55 7.91 -4.45 -38.71
C TYR A 55 7.93 -2.98 -38.33
N VAL A 56 9.02 -2.29 -38.67
CA VAL A 56 9.28 -0.93 -38.23
C VAL A 56 9.63 -0.08 -39.43
N GLY A 57 9.10 1.14 -39.46
CA GLY A 57 9.54 2.10 -40.47
C GLY A 57 9.00 1.78 -41.86
N ASP A 58 9.91 1.77 -42.85
CA ASP A 58 9.46 1.70 -44.24
C ASP A 58 8.87 0.33 -44.57
N GLU A 59 9.44 -0.75 -44.04
CA GLU A 59 8.92 -2.07 -44.36
C GLU A 59 7.57 -2.32 -43.70
N ALA A 60 7.32 -1.71 -42.54
CA ALA A 60 5.98 -1.72 -41.98
C ALA A 60 4.99 -1.05 -42.92
N GLN A 61 5.40 0.05 -43.54
CA GLN A 61 4.50 0.77 -44.44
C GLN A 61 4.31 0.04 -45.77
N SER A 62 5.31 -0.71 -46.20
CA SER A 62 5.13 -1.52 -47.41
C SER A 62 4.15 -2.67 -47.16
N LYS A 63 4.11 -3.18 -45.94
CA LYS A 63 3.17 -4.22 -45.52
C LYS A 63 1.96 -3.63 -44.82
N ARG A 64 1.48 -2.47 -45.28
CA ARG A 64 0.36 -1.81 -44.62
C ARG A 64 -0.91 -2.65 -44.72
N GLY A 65 -1.11 -3.35 -45.85
CA GLY A 65 -2.35 -4.08 -46.08
C GLY A 65 -2.58 -5.24 -45.14
N ILE A 66 -1.56 -5.66 -44.39
CA ILE A 66 -1.67 -6.84 -43.53
C ILE A 66 -1.23 -6.59 -42.10
N LEU A 67 -0.89 -5.35 -41.74
CA LEU A 67 -0.48 -5.04 -40.38
C LEU A 67 -1.27 -3.85 -39.86
N THR A 68 -1.20 -3.68 -38.53
CA THR A 68 -1.75 -2.52 -37.85
C THR A 68 -0.59 -1.66 -37.35
N LEU A 69 -0.60 -0.37 -37.70
CA LEU A 69 0.51 0.53 -37.44
C LEU A 69 0.19 1.44 -36.25
N LYS A 70 1.21 1.70 -35.42
CA LYS A 70 1.04 2.53 -34.23
C LYS A 70 2.28 3.39 -34.01
N TYR A 71 2.09 4.47 -33.26
CA TYR A 71 3.15 5.43 -32.91
C TYR A 71 3.51 5.25 -31.44
N PRO A 72 4.68 4.67 -31.13
CA PRO A 72 5.04 4.47 -29.71
C PRO A 72 5.34 5.75 -28.95
N ILE A 73 5.55 6.88 -29.63
CA ILE A 73 5.79 8.16 -28.97
C ILE A 73 4.64 9.10 -29.29
N GLU A 74 4.08 9.72 -28.26
CA GLU A 74 2.93 10.60 -28.40
C GLU A 74 3.24 11.97 -27.82
N GLY A 76 5.81 13.64 -28.06
CA GLY A 76 7.17 13.63 -27.56
C GLY A 76 7.42 12.76 -26.35
N ILE A 77 6.41 11.96 -25.98
CA ILE A 77 6.46 11.11 -24.80
C ILE A 77 6.30 9.66 -25.23
N ILE A 78 7.17 8.79 -24.71
CA ILE A 78 7.04 7.37 -24.98
C ILE A 78 5.88 6.81 -24.17
N THR A 79 4.94 6.15 -24.84
CA THR A 79 3.75 5.60 -24.19
C THR A 79 3.54 4.11 -24.45
N ASN A 80 4.12 3.54 -25.50
CA ASN A 80 4.04 2.11 -25.79
C ASN A 80 5.47 1.56 -25.73
N TRP A 81 5.85 1.05 -24.55
CA TRP A 81 7.23 0.65 -24.32
C TRP A 81 7.61 -0.62 -25.08
N ASP A 82 6.67 -1.56 -25.24
CA ASP A 82 6.96 -2.74 -26.04
C ASP A 82 7.26 -2.36 -27.48
N ASP A 83 6.50 -1.39 -28.02
CA ASP A 83 6.75 -0.95 -29.39
C ASP A 83 8.00 -0.08 -29.46
N MET A 84 8.26 0.72 -28.43
CA MET A 84 9.50 1.49 -28.39
C MET A 84 10.71 0.56 -28.40
N GLU A 85 10.66 -0.50 -27.59
CA GLU A 85 11.72 -1.49 -27.60
C GLU A 85 11.96 -2.03 -29.01
N LYS A 86 10.88 -2.19 -29.78
CA LYS A 86 11.03 -2.58 -31.19
C LYS A 86 11.71 -1.47 -32.00
N ILE A 87 11.36 -0.21 -31.71
CA ILE A 87 11.98 0.92 -32.42
C ILE A 87 13.49 0.92 -32.19
N TRP A 88 13.91 0.81 -30.93
CA TRP A 88 15.34 0.84 -30.62
C TRP A 88 16.06 -0.36 -31.22
N HIS A 89 15.45 -1.55 -31.13
CA HIS A 89 16.08 -2.73 -31.71
C HIS A 89 16.26 -2.58 -33.22
N HIS A 90 15.23 -2.06 -33.90
CA HIS A 90 15.37 -1.76 -35.31
C HIS A 90 16.48 -0.74 -35.56
N THR A 91 16.55 0.29 -34.72
CA THR A 91 17.57 1.33 -34.88
C THR A 91 18.98 0.73 -34.80
N PHE A 92 19.23 -0.08 -33.76
CA PHE A 92 20.55 -0.65 -33.58
C PHE A 92 20.85 -1.72 -34.63
N TYR A 93 19.94 -2.66 -34.83
CA TYR A 93 20.28 -3.85 -35.60
C TYR A 93 19.97 -3.73 -37.09
N ASN A 94 18.81 -3.20 -37.46
CA ASN A 94 18.46 -3.12 -38.87
C ASN A 94 19.05 -1.90 -39.55
N GLU A 95 18.97 -0.73 -38.92
CA GLU A 95 19.43 0.50 -39.55
C GLU A 95 20.94 0.67 -39.39
N LEU A 96 21.38 1.06 -38.20
CA LEU A 96 22.80 1.33 -37.98
C LEU A 96 23.65 0.05 -38.01
N ARG A 97 23.03 -1.11 -37.82
CA ARG A 97 23.74 -2.40 -37.82
C ARG A 97 24.96 -2.36 -36.90
N VAL A 98 24.70 -2.00 -35.64
CA VAL A 98 25.72 -1.94 -34.61
C VAL A 98 25.39 -2.95 -33.53
N ALA A 99 26.43 -3.37 -32.81
CA ALA A 99 26.24 -4.11 -31.56
C ALA A 99 26.10 -3.08 -30.45
N PRO A 100 24.92 -2.93 -29.84
CA PRO A 100 24.74 -1.86 -28.84
C PRO A 100 25.64 -2.01 -27.63
N GLU A 101 26.12 -3.21 -27.32
CA GLU A 101 27.01 -3.40 -26.18
C GLU A 101 28.40 -2.82 -26.41
N GLU A 102 28.71 -2.37 -27.62
CA GLU A 102 30.03 -1.83 -27.94
C GLU A 102 30.02 -0.32 -28.09
N HIS A 103 28.92 0.35 -27.79
CA HIS A 103 28.84 1.79 -28.03
C HIS A 103 28.15 2.52 -26.90
N PRO A 104 28.83 3.44 -26.22
CA PRO A 104 28.13 4.39 -25.36
C PRO A 104 27.06 5.11 -26.16
N THR A 105 25.90 5.33 -25.54
CA THR A 105 24.71 5.75 -26.28
C THR A 105 24.10 6.99 -25.65
N LEU A 106 23.94 8.04 -26.44
CA LEU A 106 23.26 9.25 -26.01
C LEU A 106 21.84 9.26 -26.58
N LEU A 107 20.86 9.42 -25.70
CA LEU A 107 19.46 9.52 -26.09
C LEU A 107 18.95 10.92 -25.72
N THR A 108 17.78 11.25 -26.25
CA THR A 108 17.15 12.54 -26.00
C THR A 108 15.75 12.34 -25.45
N GLU A 109 15.28 13.33 -24.68
CA GLU A 109 13.95 13.27 -24.09
C GLU A 109 13.29 14.64 -24.19
N ALA A 110 11.95 14.62 -24.25
CA ALA A 110 11.16 15.83 -24.27
C ALA A 110 11.36 16.60 -22.97
N PRO A 111 11.13 17.92 -22.98
CA PRO A 111 11.22 18.70 -21.74
C PRO A 111 10.19 18.23 -20.73
N LEU A 112 10.58 18.22 -19.46
CA LEU A 112 9.71 17.80 -18.35
C LEU A 112 9.25 16.36 -18.51
N ASN A 113 10.09 15.52 -19.10
CA ASN A 113 9.80 14.09 -19.19
C ASN A 113 9.67 13.51 -17.78
N PRO A 114 8.60 12.75 -17.50
CA PRO A 114 8.44 12.21 -16.14
C PRO A 114 9.58 11.28 -15.76
N LYS A 115 9.82 11.17 -14.45
CA LYS A 115 10.96 10.40 -13.96
C LYS A 115 10.83 8.92 -14.28
N ALA A 116 9.60 8.38 -14.22
CA ALA A 116 9.41 6.97 -14.50
C ALA A 116 9.77 6.63 -15.93
N ASN A 117 9.52 7.54 -16.87
CA ASN A 117 9.90 7.30 -18.26
C ASN A 117 11.41 7.29 -18.43
N ARG A 118 12.12 8.20 -17.76
CA ARG A 118 13.57 8.22 -17.82
C ARG A 118 14.15 6.91 -17.28
N GLU A 119 13.63 6.44 -16.15
CA GLU A 119 14.18 5.24 -15.53
C GLU A 119 13.96 4.01 -16.40
N LYS A 120 12.80 3.92 -17.06
CA LYS A 120 12.56 2.75 -17.90
C LYS A 120 13.34 2.82 -19.21
N MET A 121 13.60 4.03 -19.71
CA MET A 121 14.55 4.17 -20.82
C MET A 121 15.92 3.67 -20.41
N THR A 122 16.36 4.06 -19.21
CA THR A 122 17.65 3.62 -18.69
C THR A 122 17.71 2.11 -18.55
N GLN A 123 16.66 1.51 -17.95
CA GLN A 123 16.65 0.08 -17.72
C GLN A 123 16.72 -0.69 -19.03
N ILE A 124 15.94 -0.27 -20.03
CA ILE A 124 15.94 -0.98 -21.31
C ILE A 124 17.30 -0.89 -21.98
N MET A 125 17.95 0.28 -21.90
CA MET A 125 19.26 0.43 -22.53
C MET A 125 20.31 -0.45 -21.89
N PHE A 126 20.25 -0.64 -20.58
CA PHE A 126 21.28 -1.39 -19.88
C PHE A 126 20.95 -2.88 -19.76
N GLU A 127 19.68 -3.24 -19.56
CA GLU A 127 19.32 -4.62 -19.32
C GLU A 127 18.98 -5.37 -20.59
N THR A 128 18.34 -4.70 -21.56
CA THR A 128 18.01 -5.34 -22.83
C THR A 128 19.13 -5.20 -23.85
N PHE A 129 19.69 -3.99 -23.95
CA PHE A 129 20.70 -3.70 -24.98
C PHE A 129 22.12 -3.76 -24.43
N ASN A 130 22.28 -3.80 -23.12
CA ASN A 130 23.61 -3.90 -22.48
C ASN A 130 24.56 -2.81 -22.98
N VAL A 131 24.11 -1.58 -23.08
CA VAL A 131 25.02 -0.49 -23.55
C VAL A 131 26.09 -0.28 -22.48
N PRO A 132 27.36 0.01 -22.82
CA PRO A 132 28.38 0.23 -21.79
C PRO A 132 28.19 1.55 -21.04
N ALA A 133 27.62 2.56 -21.69
CA ALA A 133 27.36 3.84 -21.06
C ALA A 133 26.16 4.49 -21.73
N MET A 134 25.45 5.34 -20.99
CA MET A 134 24.23 5.93 -21.49
C MET A 134 24.02 7.31 -20.88
N TYR A 135 23.36 8.17 -21.65
CA TYR A 135 22.97 9.50 -21.19
C TYR A 135 21.71 9.90 -21.93
N VAL A 136 20.83 10.63 -21.24
CA VAL A 136 19.62 11.18 -21.84
C VAL A 136 19.64 12.69 -21.65
N ALA A 137 19.51 13.42 -22.74
CA ALA A 137 19.73 14.87 -22.76
C ALA A 137 18.46 15.61 -23.15
N ILE A 138 18.42 16.89 -22.81
CA ILE A 138 17.27 17.74 -23.11
C ILE A 138 17.35 18.15 -24.58
N GLN A 139 16.30 17.84 -25.34
CA GLN A 139 16.31 18.08 -26.78
C GLN A 139 16.58 19.55 -27.11
N ALA A 140 15.89 20.45 -26.40
CA ALA A 140 16.03 21.87 -26.70
C ALA A 140 17.42 22.38 -26.36
N VAL A 141 18.06 21.80 -25.33
CA VAL A 141 19.42 22.24 -25.00
C VAL A 141 20.40 21.83 -26.09
N LEU A 142 20.25 20.60 -26.62
CA LEU A 142 21.10 20.19 -27.74
C LEU A 142 20.92 21.12 -28.92
N SER A 143 19.67 21.53 -29.20
CA SER A 143 19.42 22.43 -30.32
C SER A 143 20.12 23.77 -30.12
N LEU A 144 20.12 24.28 -28.88
CA LEU A 144 20.74 25.57 -28.63
C LEU A 144 22.25 25.51 -28.81
N TYR A 145 22.90 24.47 -28.26
CA TYR A 145 24.32 24.28 -28.50
C TYR A 145 24.61 24.10 -29.98
N ALA A 146 23.76 23.37 -30.69
CA ALA A 146 23.94 23.22 -32.14
C ALA A 146 23.96 24.56 -32.86
N SER A 147 23.30 25.57 -32.30
CA SER A 147 23.27 26.91 -32.87
C SER A 147 24.42 27.78 -32.44
N GLY A 148 25.32 27.27 -31.61
CA GLY A 148 26.43 28.06 -31.10
C GLY A 148 26.04 29.03 -30.00
N ARG A 149 25.11 28.63 -29.14
CA ARG A 149 24.58 29.51 -28.10
C ARG A 149 24.54 28.79 -26.77
N THR A 150 24.71 29.56 -25.70
CA THR A 150 24.46 29.10 -24.35
C THR A 150 23.24 29.75 -23.72
N THR A 151 22.74 30.85 -24.29
CA THR A 151 21.55 31.54 -23.80
C THR A 151 20.60 31.77 -24.96
N GLY A 152 19.32 31.49 -24.74
CA GLY A 152 18.32 31.69 -25.77
C GLY A 152 17.05 30.95 -25.40
N ILE A 153 16.02 31.19 -26.22
CA ILE A 153 14.74 30.51 -26.06
C ILE A 153 14.47 29.68 -27.30
N VAL A 154 14.37 28.38 -27.12
CA VAL A 154 14.20 27.45 -28.23
C VAL A 154 12.72 27.25 -28.50
N LEU A 155 12.34 27.38 -29.77
CA LEU A 155 11.02 26.94 -30.23
C LEU A 155 11.22 25.63 -30.96
N ASP A 156 10.80 24.54 -30.35
CA ASP A 156 10.95 23.20 -30.93
C ASP A 156 9.58 22.68 -31.31
N SER A 157 9.34 22.55 -32.62
CA SER A 157 8.07 22.04 -33.13
C SER A 157 8.36 20.88 -34.07
N GLY A 158 7.82 19.71 -33.74
CA GLY A 158 8.07 18.53 -34.55
C GLY A 158 6.83 18.01 -35.26
N ASP A 159 6.62 16.70 -35.21
CA ASP A 159 5.41 16.10 -35.75
C ASP A 159 4.33 15.88 -34.70
N GLY A 160 4.71 15.81 -33.43
CA GLY A 160 3.76 15.51 -32.37
C GLY A 160 3.52 16.63 -31.38
N VAL A 161 4.54 17.43 -31.07
CA VAL A 161 4.44 18.41 -30.00
C VAL A 161 5.29 19.63 -30.33
N THR A 162 4.96 20.75 -29.69
CA THR A 162 5.68 22.01 -29.80
C THR A 162 6.02 22.50 -28.40
N HIS A 163 7.26 22.95 -28.20
CA HIS A 163 7.70 23.44 -26.91
C HIS A 163 8.40 24.78 -27.05
N ASN A 164 8.33 25.58 -25.99
CA ASN A 164 9.23 26.71 -25.78
C ASN A 164 10.10 26.37 -24.57
N VAL A 165 11.41 26.49 -24.74
CA VAL A 165 12.35 26.21 -23.65
C VAL A 165 13.36 27.34 -23.60
N PRO A 166 13.27 28.24 -22.62
CA PRO A 166 14.32 29.24 -22.44
C PRO A 166 15.48 28.67 -21.64
N ILE A 167 16.68 29.12 -22.00
CA ILE A 167 17.92 28.58 -21.46
C ILE A 167 18.86 29.75 -21.21
N TYR A 168 19.52 29.75 -20.04
CA TYR A 168 20.44 30.81 -19.66
C TYR A 168 21.75 30.22 -19.21
N GLU A 169 22.85 30.69 -19.82
CA GLU A 169 24.22 30.26 -19.55
C GLU A 169 24.32 28.75 -19.43
N GLY A 170 23.62 28.03 -20.29
CA GLY A 170 23.68 26.58 -20.32
C GLY A 170 22.63 25.87 -19.51
N TYR A 171 21.80 26.59 -18.77
CA TYR A 171 20.86 25.97 -17.83
C TYR A 171 19.44 26.32 -18.26
N ALA A 172 18.64 25.30 -18.52
CA ALA A 172 17.24 25.50 -18.85
C ALA A 172 16.49 26.02 -17.64
N LEU A 173 15.42 26.77 -17.90
CA LEU A 173 14.57 27.36 -16.87
C LEU A 173 13.24 26.61 -16.86
N PRO A 174 13.12 25.54 -16.09
CA PRO A 174 11.97 24.63 -16.29
C PRO A 174 10.62 25.26 -15.98
N HIS A 175 10.56 26.20 -15.04
CA HIS A 175 9.28 26.82 -14.71
C HIS A 175 8.74 27.72 -15.81
N ALA A 176 9.58 28.09 -16.79
CA ALA A 176 9.14 28.92 -17.89
C ALA A 176 8.87 28.12 -19.16
N ILE A 177 9.00 26.79 -19.10
CA ILE A 177 8.81 25.94 -20.27
C ILE A 177 7.32 25.90 -20.63
N MET A 178 7.03 25.94 -21.92
N MET A 178 7.03 25.94 -21.92
CA MET A 178 5.67 25.88 -22.42
CA MET A 178 5.68 25.88 -22.45
C MET A 178 5.51 24.70 -23.37
C MET A 178 5.53 24.66 -23.35
N ARG A 179 4.35 24.05 -23.31
CA ARG A 179 4.04 22.90 -24.16
C ARG A 179 2.75 23.18 -24.92
N LEU A 180 2.75 22.90 -26.22
CA LEU A 180 1.60 23.11 -27.09
C LEU A 180 1.39 21.85 -27.93
N ASP A 181 0.28 21.16 -27.72
CA ASP A 181 0.01 19.89 -28.39
C ASP A 181 -0.55 20.12 -29.79
N LEU A 182 0.23 20.83 -30.59
CA LEU A 182 -0.11 21.16 -31.98
C LEU A 182 1.18 21.19 -32.77
N ALA A 183 1.28 20.34 -33.80
CA ALA A 183 2.55 20.22 -34.51
C ALA A 183 2.29 19.65 -35.91
N GLY A 184 3.30 18.99 -36.49
CA GLY A 184 3.29 18.73 -37.92
C GLY A 184 2.17 17.79 -38.34
N ARG A 185 1.86 16.79 -37.52
CA ARG A 185 0.81 15.84 -37.88
C ARG A 185 -0.55 16.53 -37.94
N ASP A 186 -0.79 17.49 -37.04
CA ASP A 186 -2.04 18.25 -37.09
C ASP A 186 -2.11 19.08 -38.37
N LEU A 187 -0.98 19.63 -38.81
CA LEU A 187 -0.97 20.44 -40.03
C LEU A 187 -1.17 19.57 -41.27
N THR A 188 -0.63 18.35 -41.25
CA THR A 188 -0.88 17.41 -42.35
C THR A 188 -2.36 17.09 -42.45
N ASP A 189 -2.99 16.74 -41.32
CA ASP A 189 -4.42 16.45 -41.31
C ASP A 189 -5.23 17.65 -41.77
N TYR A 190 -4.83 18.85 -41.34
CA TYR A 190 -5.57 20.06 -41.72
C TYR A 190 -5.44 20.33 -43.21
N LEU A 191 -4.22 20.21 -43.75
CA LEU A 191 -4.04 20.40 -45.18
C LEU A 191 -4.90 19.39 -45.96
N MET A 192 -4.95 18.15 -45.47
CA MET A 192 -5.80 17.15 -46.10
C MET A 192 -7.27 17.59 -46.12
N LYS A 193 -7.73 18.18 -45.02
CA LYS A 193 -9.11 18.64 -44.95
C LYS A 193 -9.38 19.78 -45.93
N ILE A 194 -8.58 20.86 -45.86
CA ILE A 194 -8.88 22.02 -46.67
C ILE A 194 -8.62 21.77 -48.15
N LEU A 195 -7.83 20.74 -48.50
CA LEU A 195 -7.65 20.39 -49.89
C LEU A 195 -8.92 19.84 -50.54
N THR A 196 -9.91 19.45 -49.74
CA THR A 196 -11.16 18.97 -50.32
C THR A 196 -11.98 20.10 -50.93
N GLU A 197 -11.74 21.35 -50.52
CA GLU A 197 -12.52 22.47 -51.04
C GLU A 197 -12.42 22.57 -52.55
N ARG A 198 -11.20 22.48 -53.09
CA ARG A 198 -11.00 22.53 -54.54
C ARG A 198 -11.47 21.27 -55.25
N GLY A 199 -11.88 20.23 -54.51
CA GLY A 199 -12.37 19.00 -55.10
C GLY A 199 -11.45 17.81 -54.98
N TYR A 200 -10.27 17.97 -54.37
CA TYR A 200 -9.35 16.85 -54.23
C TYR A 200 -9.75 15.99 -53.03
N SER A 201 -9.26 14.75 -53.03
CA SER A 201 -9.64 13.79 -52.00
C SER A 201 -8.43 12.91 -51.68
N PHE A 202 -7.81 13.16 -50.54
CA PHE A 202 -6.70 12.36 -50.04
C PHE A 202 -7.20 11.61 -48.81
N VAL A 203 -7.38 10.30 -48.93
CA VAL A 203 -8.01 9.48 -47.90
C VAL A 203 -7.08 8.39 -47.40
N THR A 204 -6.54 7.59 -48.30
CA THR A 204 -5.66 6.50 -47.89
C THR A 204 -4.39 7.06 -47.24
N THR A 205 -3.73 6.21 -46.45
CA THR A 205 -2.47 6.61 -45.83
C THR A 205 -1.42 6.90 -46.90
N ALA A 206 -1.44 6.16 -48.01
CA ALA A 206 -0.58 6.49 -49.14
C ALA A 206 -0.89 7.89 -49.66
N GLU A 207 -2.17 8.27 -49.67
CA GLU A 207 -2.54 9.62 -50.08
C GLU A 207 -2.22 10.63 -48.99
N ARG A 208 -2.32 10.23 -47.72
CA ARG A 208 -1.96 11.14 -46.63
C ARG A 208 -0.49 11.49 -46.64
N GLU A 209 0.38 10.50 -46.91
CA GLU A 209 1.80 10.79 -47.03
C GLU A 209 2.09 11.75 -48.17
N ILE A 210 1.29 11.67 -49.26
CA ILE A 210 1.43 12.63 -50.34
C ILE A 210 1.09 14.03 -49.86
N VAL A 211 0.09 14.15 -48.98
CA VAL A 211 -0.27 15.45 -48.44
C VAL A 211 0.86 16.01 -47.60
N ARG A 212 1.47 15.17 -46.76
CA ARG A 212 2.63 15.60 -46.00
C ARG A 212 3.74 16.08 -46.92
N ASP A 213 3.90 15.45 -48.08
CA ASP A 213 4.88 15.93 -49.05
C ASP A 213 4.46 17.27 -49.63
N ILE A 214 3.18 17.39 -50.01
CA ILE A 214 2.67 18.69 -50.48
C ILE A 214 2.92 19.76 -49.43
N LYS A 215 2.68 19.43 -48.17
CA LYS A 215 2.90 20.39 -47.07
C LYS A 215 4.35 20.85 -47.00
N GLU A 216 5.29 19.90 -47.10
CA GLU A 216 6.70 20.24 -46.94
C GLU A 216 7.29 20.95 -48.15
N LYS A 217 6.57 20.99 -49.28
CA LYS A 217 7.15 21.55 -50.50
C LYS A 217 6.48 22.83 -50.98
N LEU A 218 5.20 23.05 -50.68
CA LEU A 218 4.48 24.18 -51.24
C LEU A 218 3.90 25.12 -50.20
N CYS A 219 3.85 24.74 -48.93
CA CYS A 219 3.33 25.61 -47.90
C CYS A 219 4.33 26.68 -47.49
N TYR A 220 3.79 27.79 -46.98
CA TYR A 220 4.62 28.86 -46.43
C TYR A 220 3.77 29.66 -45.44
N VAL A 221 4.45 30.33 -44.53
CA VAL A 221 3.76 31.15 -43.54
C VAL A 221 3.65 32.56 -44.09
N ALA A 222 2.44 33.11 -44.07
CA ALA A 222 2.19 34.44 -44.58
C ALA A 222 2.67 35.50 -43.60
N LEU A 223 3.31 36.55 -44.13
CA LEU A 223 3.70 37.67 -43.28
C LEU A 223 2.47 38.37 -42.72
N ASP A 224 1.48 38.66 -43.59
CA ASP A 224 0.20 39.21 -43.19
C ASP A 224 -0.88 38.29 -43.72
N PHE A 225 -1.53 37.53 -42.83
CA PHE A 225 -2.42 36.48 -43.26
C PHE A 225 -3.64 37.03 -44.02
N GLU A 226 -4.27 38.08 -43.48
CA GLU A 226 -5.46 38.63 -44.14
C GLU A 226 -5.11 39.30 -45.46
N ASN A 227 -3.95 39.96 -45.54
CA ASN A 227 -3.48 40.47 -46.82
C ASN A 227 -3.30 39.35 -47.84
N GLU A 228 -2.68 38.25 -47.44
CA GLU A 228 -2.45 37.19 -48.40
C GLU A 228 -3.76 36.51 -48.82
N MET A 229 -4.71 36.38 -47.90
CA MET A 229 -6.01 35.86 -48.28
C MET A 229 -6.65 36.73 -49.36
N ALA A 230 -6.58 38.06 -49.20
CA ALA A 230 -7.11 38.96 -50.23
C ALA A 230 -6.34 38.85 -51.53
N THR A 231 -5.03 38.58 -51.45
CA THR A 231 -4.23 38.43 -52.66
C THR A 231 -4.57 37.15 -53.40
N ALA A 232 -4.81 36.06 -52.66
CA ALA A 232 -5.15 34.79 -53.30
C ALA A 232 -6.52 34.86 -53.96
N ALA A 233 -7.44 35.65 -53.42
CA ALA A 233 -8.74 35.84 -54.05
C ALA A 233 -8.67 36.80 -55.23
N SER A 234 -7.75 37.77 -55.18
CA SER A 234 -7.62 38.75 -56.26
C SER A 234 -6.93 38.15 -57.48
N SER A 235 -5.81 37.48 -57.27
CA SER A 235 -4.98 36.97 -58.35
C SER A 235 -4.74 35.47 -58.16
N SER A 236 -4.17 34.86 -59.19
CA SER A 236 -3.72 33.47 -59.14
C SER A 236 -2.21 33.38 -58.98
N SER A 237 -1.55 34.47 -58.56
CA SER A 237 -0.09 34.49 -58.50
C SER A 237 0.46 33.69 -57.34
N LEU A 238 -0.36 33.37 -56.35
CA LEU A 238 0.08 32.55 -55.22
C LEU A 238 -0.15 31.06 -55.45
N GLU A 239 -0.67 30.67 -56.61
CA GLU A 239 -0.98 29.28 -56.87
C GLU A 239 0.25 28.51 -57.32
N LYS A 240 0.33 27.25 -56.90
CA LYS A 240 1.41 26.36 -57.31
C LYS A 240 0.82 25.01 -57.72
N SER A 241 1.47 24.38 -58.70
CA SER A 241 1.07 23.06 -59.17
C SER A 241 1.93 21.97 -58.55
N TYR A 242 1.38 20.77 -58.49
CA TYR A 242 2.05 19.64 -57.87
C TYR A 242 1.63 18.36 -58.55
N GLU A 243 2.61 17.57 -59.00
CA GLU A 243 2.34 16.35 -59.73
C GLU A 243 2.30 15.17 -58.75
N LEU A 244 1.18 14.45 -58.74
CA LEU A 244 1.06 13.25 -57.92
C LEU A 244 1.84 12.09 -58.54
N PRO A 245 2.17 11.07 -57.75
CA PRO A 245 2.93 9.93 -58.29
C PRO A 245 2.27 9.26 -59.49
N ASP A 246 0.93 9.26 -59.58
CA ASP A 246 0.23 8.66 -60.71
C ASP A 246 0.13 9.59 -61.91
N GLY A 247 0.75 10.76 -61.86
CA GLY A 247 0.76 11.69 -62.97
C GLY A 247 -0.17 12.88 -62.83
N GLN A 248 -1.19 12.77 -61.99
CA GLN A 248 -2.17 13.85 -61.87
C GLN A 248 -1.52 15.11 -61.32
N VAL A 249 -1.84 16.25 -61.93
CA VAL A 249 -1.33 17.55 -61.54
C VAL A 249 -2.45 18.31 -60.84
N ILE A 250 -2.24 18.65 -59.57
CA ILE A 250 -3.20 19.42 -58.79
C ILE A 250 -2.67 20.84 -58.64
N THR A 251 -3.57 21.77 -58.36
CA THR A 251 -3.21 23.17 -58.16
C THR A 251 -3.71 23.62 -56.80
N ILE A 252 -2.82 24.28 -56.04
CA ILE A 252 -3.08 24.71 -54.67
C ILE A 252 -2.96 26.22 -54.62
N GLY A 253 -3.75 26.84 -53.73
CA GLY A 253 -3.76 28.28 -53.63
C GLY A 253 -3.52 28.80 -52.23
N ASN A 254 -4.56 29.38 -51.62
CA ASN A 254 -4.41 29.91 -50.27
C ASN A 254 -4.22 28.81 -49.24
N GLU A 255 -4.51 27.56 -49.60
CA GLU A 255 -4.17 26.43 -48.74
C GLU A 255 -2.68 26.40 -48.40
N ARG A 256 -1.84 27.00 -49.24
CA ARG A 256 -0.40 26.98 -49.00
C ARG A 256 -0.05 27.64 -47.68
N PHE A 257 -0.69 28.76 -47.37
CA PHE A 257 -0.39 29.47 -46.14
C PHE A 257 -1.46 29.29 -45.08
N ARG A 258 -2.66 28.85 -45.47
CA ARG A 258 -3.69 28.57 -44.47
C ARG A 258 -3.26 27.42 -43.57
N CYS A 259 -2.52 26.45 -44.12
CA CYS A 259 -2.16 25.27 -43.31
C CYS A 259 -1.18 25.64 -42.19
N PRO A 260 -0.02 26.25 -42.46
CA PRO A 260 0.85 26.63 -41.33
C PRO A 260 0.31 27.79 -40.50
N GLU A 261 -0.67 28.54 -41.01
CA GLU A 261 -1.28 29.61 -40.21
C GLU A 261 -1.81 29.09 -38.88
N THR A 262 -2.27 27.84 -38.85
CA THR A 262 -2.73 27.19 -37.62
C THR A 262 -1.74 27.33 -36.47
N LEU A 263 -0.44 27.39 -36.77
CA LEU A 263 0.55 27.52 -35.70
C LEU A 263 0.36 28.82 -34.93
N PHE A 264 -0.01 29.89 -35.62
CA PHE A 264 -0.31 31.16 -34.99
C PHE A 264 -1.78 31.29 -34.60
N GLN A 265 -2.66 30.54 -35.25
CA GLN A 265 -4.09 30.54 -34.96
C GLN A 265 -4.54 29.10 -34.75
N PRO A 266 -4.28 28.54 -33.56
CA PRO A 266 -4.71 27.14 -33.31
C PRO A 266 -6.20 26.93 -33.45
N SER A 267 -7.02 27.99 -33.44
CA SER A 267 -8.45 27.83 -33.61
C SER A 267 -8.81 27.29 -34.99
N PHE A 268 -7.90 27.38 -35.97
CA PHE A 268 -8.17 26.84 -37.31
C PHE A 268 -8.51 25.36 -37.29
N ILE A 269 -8.14 24.65 -36.22
CA ILE A 269 -8.48 23.23 -36.10
C ILE A 269 -9.30 23.03 -34.82
N GLY A 270 -9.99 24.07 -34.38
CA GLY A 270 -10.81 23.97 -33.20
C GLY A 270 -10.07 23.92 -31.88
N MET A 271 -8.78 24.24 -31.87
CA MET A 271 -7.99 24.20 -30.66
C MET A 271 -8.06 25.55 -29.96
N GLU A 272 -8.42 25.53 -28.68
CA GLU A 272 -8.50 26.74 -27.87
C GLU A 272 -7.15 26.90 -27.18
N SER A 273 -6.24 27.60 -27.84
CA SER A 273 -4.86 27.64 -27.39
C SER A 273 -4.16 28.85 -28.00
N ALA A 274 -3.22 29.41 -27.25
CA ALA A 274 -2.39 30.48 -27.80
C ALA A 274 -1.53 29.94 -28.95
N GLY A 275 -1.25 30.81 -29.92
CA GLY A 275 -0.36 30.46 -31.02
C GLY A 275 1.09 30.47 -30.59
N ILE A 276 1.96 30.00 -31.47
CA ILE A 276 3.36 29.83 -31.09
C ILE A 276 4.04 31.16 -30.79
N HIS A 277 3.53 32.28 -31.32
CA HIS A 277 4.12 33.56 -30.96
C HIS A 277 3.78 33.94 -29.51
N GLU A 278 2.56 33.65 -29.08
CA GLU A 278 2.17 34.00 -27.71
C GLU A 278 2.83 33.08 -26.69
N THR A 279 2.97 31.80 -27.00
CA THR A 279 3.67 30.90 -26.09
C THR A 279 5.14 31.30 -25.96
N THR A 280 5.74 31.77 -27.05
CA THR A 280 7.11 32.28 -26.97
C THR A 280 7.19 33.48 -26.04
N TYR A 281 6.33 34.47 -26.27
CA TYR A 281 6.27 35.63 -25.39
C TYR A 281 5.93 35.23 -23.95
N ASN A 282 4.91 34.39 -23.79
CA ASN A 282 4.52 33.94 -22.46
C ASN A 282 5.67 33.26 -21.74
N SER A 283 6.47 32.47 -22.47
CA SER A 283 7.61 31.81 -21.85
C SER A 283 8.64 32.83 -21.38
N ILE A 284 8.94 33.84 -22.21
CA ILE A 284 9.92 34.84 -21.85
C ILE A 284 9.49 35.59 -20.58
N MET A 285 8.22 35.97 -20.51
CA MET A 285 7.70 36.73 -19.38
C MET A 285 7.73 35.94 -18.07
N LYS A 286 7.91 34.63 -18.12
CA LYS A 286 8.04 33.82 -16.91
C LYS A 286 9.47 33.75 -16.40
N CYS A 287 10.43 34.31 -17.12
CA CYS A 287 11.81 34.36 -16.67
C CYS A 287 12.09 35.70 -15.98
N ASP A 288 13.14 35.73 -15.16
CA ASP A 288 13.54 36.96 -14.49
C ASP A 288 13.71 38.08 -15.50
N ILE A 289 13.45 39.31 -15.04
CA ILE A 289 13.46 40.47 -15.93
C ILE A 289 14.83 40.63 -16.58
N ASP A 290 15.90 40.48 -15.81
CA ASP A 290 17.25 40.79 -16.27
C ASP A 290 17.73 39.91 -17.42
N ILE A 291 17.06 38.79 -17.69
CA ILE A 291 17.50 37.88 -18.75
C ILE A 291 16.57 37.89 -19.96
N ARG A 292 15.45 38.59 -19.89
CA ARG A 292 14.50 38.58 -21.01
C ARG A 292 15.11 39.19 -22.27
N LYS A 293 15.92 40.24 -22.12
CA LYS A 293 16.48 40.88 -23.31
C LYS A 293 17.42 39.94 -24.06
N ASP A 294 18.11 39.06 -23.35
CA ASP A 294 18.93 38.06 -24.03
C ASP A 294 18.09 37.02 -24.74
N LEU A 295 16.91 36.69 -24.20
CA LEU A 295 16.05 35.70 -24.83
C LEU A 295 15.37 36.28 -26.07
N TYR A 296 14.91 37.53 -25.99
CA TYR A 296 14.29 38.17 -27.14
C TYR A 296 15.22 38.17 -28.35
N ALA A 297 16.51 38.41 -28.11
CA ALA A 297 17.49 38.46 -29.19
C ALA A 297 18.02 37.10 -29.61
N ASN A 298 17.50 36.00 -29.04
CA ASN A 298 18.01 34.67 -29.34
C ASN A 298 16.88 33.63 -29.35
N ASN A 299 15.88 33.87 -30.19
CA ASN A 299 14.83 32.87 -30.44
C ASN A 299 15.33 31.87 -31.48
N VAL A 300 15.60 30.64 -31.05
CA VAL A 300 16.17 29.62 -31.93
C VAL A 300 15.08 28.62 -32.27
N MET A 301 14.81 28.46 -33.56
CA MET A 301 13.83 27.50 -34.05
C MET A 301 14.48 26.15 -34.33
N SER A 302 13.78 25.08 -33.95
N SER A 302 13.77 25.09 -33.97
CA SER A 302 14.25 23.73 -34.20
CA SER A 302 14.24 23.72 -34.15
C SER A 302 13.06 22.82 -34.46
C SER A 302 13.05 22.82 -34.46
N GLY A 303 13.31 21.77 -35.22
CA GLY A 303 12.27 20.82 -35.57
C GLY A 303 11.71 21.06 -36.96
N GLY A 304 11.14 20.00 -37.53
CA GLY A 304 10.70 20.04 -38.92
C GLY A 304 9.57 21.01 -39.17
N THR A 305 8.69 21.21 -38.19
CA THR A 305 7.53 22.08 -38.37
C THR A 305 7.90 23.56 -38.35
N THR A 306 9.13 23.92 -37.96
CA THR A 306 9.61 25.28 -38.14
C THR A 306 10.29 25.50 -39.50
N MET A 307 10.13 24.58 -40.44
CA MET A 307 10.79 24.70 -41.73
C MET A 307 10.00 25.48 -42.77
N TYR A 308 8.78 25.90 -42.45
CA TYR A 308 7.98 26.63 -43.41
C TYR A 308 8.70 27.91 -43.83
N PRO A 309 8.89 28.14 -45.12
CA PRO A 309 9.38 29.45 -45.57
C PRO A 309 8.51 30.56 -44.99
N GLY A 310 9.16 31.66 -44.58
CA GLY A 310 8.47 32.80 -44.03
C GLY A 310 8.15 32.72 -42.55
N ILE A 311 8.35 31.58 -41.90
CA ILE A 311 7.92 31.47 -40.51
C ILE A 311 8.78 32.35 -39.61
N ALA A 312 10.07 32.52 -39.93
CA ALA A 312 10.94 33.34 -39.08
C ALA A 312 10.56 34.81 -39.16
N ASP A 313 10.40 35.33 -40.38
CA ASP A 313 10.01 36.74 -40.53
C ASP A 313 8.65 37.00 -39.91
N ARG A 314 7.74 36.04 -40.02
CA ARG A 314 6.44 36.17 -39.37
C ARG A 314 6.59 36.18 -37.86
N MET A 315 7.40 35.27 -37.31
CA MET A 315 7.65 35.27 -35.87
C MET A 315 8.30 36.57 -35.41
N GLN A 316 9.21 37.11 -36.23
CA GLN A 316 9.81 38.40 -35.92
C GLN A 316 8.74 39.49 -35.82
N LYS A 317 7.77 39.47 -36.75
CA LYS A 317 6.72 40.49 -36.73
C LYS A 317 5.82 40.35 -35.50
N GLU A 318 5.44 39.12 -35.15
CA GLU A 318 4.51 38.92 -34.05
C GLU A 318 5.16 39.22 -32.70
N ILE A 319 6.41 38.78 -32.50
CA ILE A 319 7.10 39.06 -31.24
C ILE A 319 7.34 40.56 -31.08
N THR A 320 7.64 41.24 -32.19
CA THR A 320 7.82 42.69 -32.14
C THR A 320 6.56 43.39 -31.63
N ALA A 321 5.39 42.95 -32.10
CA ALA A 321 4.14 43.56 -31.67
C ALA A 321 3.81 43.27 -30.21
N LEU A 322 4.44 42.27 -29.61
CA LEU A 322 4.17 41.94 -28.21
C LEU A 322 5.20 42.52 -27.24
N ALA A 323 6.38 42.85 -27.72
CA ALA A 323 7.49 43.33 -26.91
C ALA A 323 7.53 44.85 -26.90
N PRO A 324 8.25 45.45 -25.95
CA PRO A 324 8.45 46.90 -26.00
C PRO A 324 9.16 47.32 -27.27
N SER A 325 8.83 48.52 -27.75
CA SER A 325 9.22 48.93 -29.10
C SER A 325 10.73 49.02 -29.28
N THR A 326 11.49 49.23 -28.21
CA THR A 326 12.94 49.31 -28.32
C THR A 326 13.64 47.95 -28.21
N MET A 327 12.89 46.88 -27.96
CA MET A 327 13.50 45.58 -27.72
C MET A 327 14.09 45.04 -29.02
N LYS A 328 15.39 44.75 -29.02
CA LYS A 328 15.99 44.08 -30.16
C LYS A 328 15.56 42.61 -30.15
N ILE A 329 14.95 42.17 -31.25
CA ILE A 329 14.41 40.83 -31.37
C ILE A 329 15.11 40.14 -32.54
N LYS A 330 15.36 38.84 -32.40
CA LYS A 330 16.06 38.09 -33.42
C LYS A 330 15.54 36.65 -33.42
N ILE A 331 15.09 36.19 -34.58
CA ILE A 331 14.68 34.80 -34.78
C ILE A 331 15.79 34.13 -35.59
N ILE A 332 16.35 33.06 -35.04
CA ILE A 332 17.39 32.28 -35.70
C ILE A 332 16.77 31.01 -36.24
N ALA A 333 16.99 30.74 -37.54
CA ALA A 333 16.40 29.59 -38.22
C ALA A 333 17.50 28.85 -38.98
N PRO A 334 18.24 27.98 -38.30
CA PRO A 334 19.33 27.25 -38.96
C PRO A 334 18.80 26.40 -40.11
N PRO A 335 19.51 26.36 -41.25
CA PRO A 335 18.98 25.63 -42.41
C PRO A 335 18.70 24.17 -42.13
N GLU A 336 19.50 23.52 -41.28
CA GLU A 336 19.34 22.10 -40.99
C GLU A 336 18.63 21.88 -39.66
N ARG A 337 17.64 22.72 -39.34
CA ARG A 337 16.99 22.63 -38.04
C ARG A 337 16.11 21.40 -37.89
N LYS A 338 15.83 20.68 -38.98
N LYS A 338 15.84 20.69 -38.98
CA LYS A 338 15.17 19.38 -38.87
CA LYS A 338 15.17 19.38 -38.88
C LYS A 338 15.99 18.39 -38.07
C LYS A 338 15.99 18.42 -38.03
N TYR A 339 17.30 18.64 -37.95
CA TYR A 339 18.22 17.72 -37.28
C TYR A 339 19.06 18.41 -36.21
N SER A 340 18.66 19.62 -35.79
N SER A 340 18.66 19.62 -35.78
CA SER A 340 19.43 20.39 -34.83
CA SER A 340 19.48 20.36 -34.84
C SER A 340 19.60 19.63 -33.52
C SER A 340 19.61 19.64 -33.50
N VAL A 341 18.52 19.03 -33.02
CA VAL A 341 18.58 18.23 -31.80
C VAL A 341 19.66 17.16 -31.94
N TRP A 342 19.57 16.36 -33.00
CA TRP A 342 20.54 15.30 -33.23
C TRP A 342 21.95 15.86 -33.31
N ILE A 343 22.13 16.93 -34.11
CA ILE A 343 23.46 17.48 -34.34
C ILE A 343 24.06 17.98 -33.03
N GLY A 344 23.25 18.64 -32.20
CA GLY A 344 23.73 19.03 -30.89
C GLY A 344 24.17 17.85 -30.05
N GLY A 345 23.44 16.74 -30.15
CA GLY A 345 23.87 15.52 -29.49
C GLY A 345 25.18 14.98 -30.05
N SER A 346 25.34 15.05 -31.38
CA SER A 346 26.58 14.56 -31.99
C SER A 346 27.77 15.39 -31.54
N ILE A 347 27.57 16.70 -31.38
CA ILE A 347 28.66 17.58 -30.92
C ILE A 347 29.01 17.27 -29.47
N LEU A 348 28.01 17.24 -28.59
CA LEU A 348 28.28 17.05 -27.17
C LEU A 348 28.85 15.67 -26.90
N ALA A 349 28.31 14.63 -27.54
CA ALA A 349 28.84 13.30 -27.35
C ALA A 349 30.26 13.16 -27.86
N SER A 350 30.73 14.10 -28.67
CA SER A 350 32.12 14.12 -29.11
C SER A 350 33.06 14.74 -28.08
N LEU A 351 32.56 15.12 -26.91
CA LEU A 351 33.36 15.79 -25.89
C LEU A 351 33.60 14.84 -24.73
N SER A 352 34.87 14.64 -24.37
CA SER A 352 35.19 13.67 -23.32
C SER A 352 34.63 14.08 -21.96
N THR A 353 34.57 15.38 -21.67
CA THR A 353 34.06 15.81 -20.37
C THR A 353 32.55 15.59 -20.27
N PHE A 354 31.83 15.69 -21.38
CA PHE A 354 30.40 15.38 -21.36
C PHE A 354 30.17 13.89 -21.17
N GLN A 355 30.90 13.05 -21.91
CA GLN A 355 30.81 11.61 -21.73
C GLN A 355 31.26 11.20 -20.32
N GLN A 356 32.09 12.01 -19.67
CA GLN A 356 32.51 11.70 -18.31
C GLN A 356 31.33 11.65 -17.36
N MET A 357 30.24 12.34 -17.68
CA MET A 357 29.03 12.34 -16.85
C MET A 357 28.08 11.19 -17.18
N TRP A 358 28.37 10.39 -18.20
CA TRP A 358 27.44 9.36 -18.61
C TRP A 358 27.40 8.23 -17.59
N ILE A 359 26.22 7.63 -17.43
CA ILE A 359 26.07 6.45 -16.58
C ILE A 359 26.81 5.28 -17.21
N THR A 360 27.71 4.67 -16.45
CA THR A 360 28.35 3.44 -16.92
C THR A 360 27.51 2.23 -16.54
N LYS A 361 27.72 1.13 -17.27
CA LYS A 361 27.03 -0.12 -16.94
C LYS A 361 27.33 -0.54 -15.51
N GLN A 362 28.56 -0.38 -15.06
CA GLN A 362 28.92 -0.72 -13.69
C GLN A 362 28.08 0.08 -12.70
N GLU A 363 27.95 1.39 -12.94
CA GLU A 363 27.17 2.24 -12.03
C GLU A 363 25.70 1.81 -11.99
N TYR A 364 25.15 1.42 -13.15
CA TYR A 364 23.76 0.98 -13.18
C TYR A 364 23.59 -0.35 -12.45
N ASP A 365 24.58 -1.24 -12.56
CA ASP A 365 24.48 -2.56 -11.93
C ASP A 365 24.41 -2.45 -10.41
N GLU A 366 24.92 -1.38 -9.82
CA GLU A 366 24.89 -1.20 -8.38
C GLU A 366 23.82 -0.23 -7.91
N ALA A 367 23.31 0.64 -8.79
CA ALA A 367 22.36 1.66 -8.40
C ALA A 367 20.97 1.48 -8.97
N GLY A 368 20.85 0.88 -10.16
CA GLY A 368 19.57 0.66 -10.78
C GLY A 368 19.12 1.83 -11.63
N PRO A 369 17.85 1.79 -12.07
CA PRO A 369 17.36 2.84 -12.99
C PRO A 369 17.24 4.22 -12.38
N SER A 370 17.29 4.35 -11.06
CA SER A 370 17.15 5.66 -10.43
C SER A 370 18.36 6.56 -10.62
N ILE A 371 19.41 6.08 -11.30
CA ILE A 371 20.65 6.83 -11.42
C ILE A 371 20.60 7.96 -12.45
N VAL A 372 19.52 8.06 -13.22
CA VAL A 372 19.42 9.16 -14.18
C VAL A 372 19.24 10.49 -13.47
N HIS A 373 18.49 10.49 -12.36
CA HIS A 373 18.26 11.73 -11.62
C HIS A 373 19.56 12.30 -11.06
N ARG A 374 20.60 11.49 -10.97
CA ARG A 374 21.88 11.93 -10.42
C ARG A 374 22.94 12.19 -11.48
N LYS A 375 22.70 11.82 -12.74
CA LYS A 375 23.72 11.99 -13.78
C LYS A 375 23.27 12.80 -14.97
N CYS A 376 22.02 12.65 -15.43
CA CYS A 376 21.57 13.22 -16.70
C CYS A 376 20.83 14.54 -16.45
N PHE A 377 21.44 15.63 -16.89
CA PHE A 377 20.82 16.96 -16.80
C PHE A 377 20.86 17.66 -18.15
N THR B 7 19.69 20.66 -8.23
CA THR B 7 20.60 21.66 -8.76
C THR B 7 21.96 21.57 -8.04
N GLU B 8 21.92 21.42 -6.72
CA GLU B 8 23.15 21.17 -5.97
C GLU B 8 23.82 19.89 -6.43
N LEU B 9 23.02 18.86 -6.72
CA LEU B 9 23.57 17.63 -7.29
C LEU B 9 23.99 17.83 -8.73
N GLU B 10 23.23 18.64 -9.48
CA GLU B 10 23.63 18.96 -10.85
C GLU B 10 24.88 19.82 -10.86
N LYS B 11 24.99 20.77 -9.93
CA LYS B 11 26.20 21.57 -9.81
C LYS B 11 27.41 20.70 -9.48
N LYS B 12 27.22 19.68 -8.65
CA LYS B 12 28.31 18.77 -8.31
C LYS B 12 28.75 17.95 -9.51
N VAL B 13 27.78 17.41 -10.27
CA VAL B 13 28.11 16.56 -11.41
C VAL B 13 28.83 17.37 -12.49
N LYS B 14 28.32 18.56 -12.79
CA LYS B 14 28.96 19.38 -13.81
C LYS B 14 30.32 19.87 -13.37
N LEU B 15 30.44 20.31 -12.10
CA LEU B 15 31.73 20.74 -11.59
C LEU B 15 32.77 19.63 -11.66
N GLU B 16 32.36 18.39 -11.35
CA GLU B 16 33.27 17.26 -11.43
C GLU B 16 33.75 17.04 -12.86
N ALA B 17 32.81 17.07 -13.82
CA ALA B 17 33.18 16.88 -15.22
C ALA B 17 34.18 17.94 -15.68
N SER B 18 34.02 19.17 -15.20
CA SER B 18 34.93 20.25 -15.60
C SER B 18 36.36 19.98 -15.16
N GLN B 19 36.56 19.14 -14.14
CA GLN B 19 37.90 18.79 -13.69
C GLN B 19 38.66 17.91 -14.67
N HIS B 20 37.99 17.38 -15.70
CA HIS B 20 38.62 16.47 -16.65
C HIS B 20 39.05 17.17 -17.93
N GLU B 21 39.15 18.49 -17.90
CA GLU B 21 39.62 19.28 -19.04
C GLU B 21 40.95 19.92 -18.66
N ASP B 22 42.05 19.40 -19.21
CA ASP B 22 43.38 19.93 -18.93
C ASP B 22 43.49 21.41 -19.26
N ALA B 23 42.66 21.92 -20.18
CA ALA B 23 42.81 23.31 -20.62
C ALA B 23 42.49 24.30 -19.50
N TRP B 24 41.66 23.91 -18.53
CA TRP B 24 41.28 24.83 -17.47
C TRP B 24 42.30 24.90 -16.34
N LYS B 25 43.24 23.96 -16.26
CA LYS B 25 44.22 23.97 -15.19
C LYS B 25 45.09 25.22 -15.28
N GLY B 26 45.11 25.99 -14.20
CA GLY B 26 45.84 27.23 -14.17
C GLY B 26 45.08 28.43 -14.71
N ALA B 27 43.85 28.23 -15.21
CA ALA B 27 43.10 29.33 -15.79
C ALA B 27 42.54 30.24 -14.70
N GLY B 28 42.43 31.52 -15.03
CA GLY B 28 41.84 32.50 -14.12
C GLY B 28 42.64 32.75 -12.87
N LYS B 29 43.95 32.52 -12.91
CA LYS B 29 44.78 32.63 -11.73
C LYS B 29 45.21 34.07 -11.45
N GLN B 30 45.30 34.89 -12.49
CA GLN B 30 45.74 36.27 -12.34
C GLN B 30 45.08 37.10 -13.43
N VAL B 31 45.14 38.42 -13.24
CA VAL B 31 44.52 39.34 -14.19
C VAL B 31 45.17 39.19 -15.56
N GLY B 32 44.36 39.12 -16.60
CA GLY B 32 44.87 38.98 -17.94
C GLY B 32 43.84 38.36 -18.87
N VAL B 33 44.33 37.98 -20.05
CA VAL B 33 43.50 37.40 -21.09
C VAL B 33 44.11 36.06 -21.49
N GLU B 34 43.32 34.99 -21.39
CA GLU B 34 43.72 33.66 -21.81
C GLU B 34 42.83 33.21 -22.97
N ILE B 35 43.41 32.55 -23.96
CA ILE B 35 42.73 32.27 -25.22
C ILE B 35 42.96 30.83 -25.62
N TRP B 36 41.87 30.13 -25.93
CA TRP B 36 41.89 28.78 -26.48
C TRP B 36 41.14 28.78 -27.81
N ARG B 37 41.53 27.85 -28.69
CA ARG B 37 40.83 27.62 -29.95
C ARG B 37 40.26 26.21 -29.99
N ILE B 38 39.07 26.06 -30.56
CA ILE B 38 38.52 24.73 -30.77
C ILE B 38 39.19 24.10 -31.98
N GLN B 39 39.75 22.91 -31.78
CA GLN B 39 40.46 22.19 -32.84
C GLN B 39 39.99 20.74 -32.83
N GLN B 40 39.08 20.43 -33.76
CA GLN B 40 38.49 19.09 -33.90
C GLN B 40 38.00 18.57 -32.56
N PHE B 41 37.12 19.37 -31.94
CA PHE B 41 36.40 19.14 -30.69
C PHE B 41 37.25 19.36 -29.44
N LYS B 42 38.52 19.71 -29.56
CA LYS B 42 39.42 19.83 -28.41
C LYS B 42 39.73 21.30 -28.13
N VAL B 43 39.87 21.62 -26.84
CA VAL B 43 40.18 22.98 -26.39
C VAL B 43 41.70 23.11 -26.32
N VAL B 44 42.27 23.84 -27.27
CA VAL B 44 43.72 23.93 -27.45
C VAL B 44 44.16 25.34 -27.11
N PRO B 45 45.09 25.54 -26.18
CA PRO B 45 45.53 26.88 -25.83
C PRO B 45 46.23 27.57 -26.99
N VAL B 46 45.94 28.85 -27.16
CA VAL B 46 46.55 29.65 -28.22
C VAL B 46 47.87 30.22 -27.70
N PRO B 47 48.97 30.05 -28.43
CA PRO B 47 50.25 30.62 -27.97
C PRO B 47 50.18 32.13 -27.81
N LYS B 48 50.84 32.63 -26.77
CA LYS B 48 50.77 34.04 -26.42
C LYS B 48 51.11 34.95 -27.60
N LYS B 49 52.11 34.56 -28.39
CA LYS B 49 52.51 35.33 -29.57
C LYS B 49 51.40 35.46 -30.60
N HIS B 50 50.33 34.68 -30.50
CA HIS B 50 49.20 34.77 -31.43
C HIS B 50 47.97 35.42 -30.82
N HIS B 51 48.01 35.76 -29.53
CA HIS B 51 46.86 36.36 -28.87
C HIS B 51 46.44 37.66 -29.57
N GLY B 52 45.15 37.79 -29.84
CA GLY B 52 44.63 38.91 -30.58
C GLY B 52 44.43 38.64 -32.06
N SER B 53 44.95 37.53 -32.58
CA SER B 53 44.76 37.12 -33.96
C SER B 53 43.81 35.93 -33.99
N PHE B 54 42.79 36.02 -34.82
CA PHE B 54 41.69 35.06 -34.85
C PHE B 54 41.40 34.65 -36.27
N TYR B 55 41.36 33.33 -36.52
CA TYR B 55 41.06 32.82 -37.84
C TYR B 55 39.57 32.91 -38.12
N THR B 56 39.23 33.49 -39.29
CA THR B 56 37.83 33.64 -39.67
C THR B 56 37.11 32.30 -39.70
N GLY B 57 37.83 31.21 -39.97
CA GLY B 57 37.17 29.93 -40.04
C GLY B 57 37.03 29.18 -38.73
N ASP B 58 37.35 29.79 -37.59
CA ASP B 58 37.48 29.04 -36.34
C ASP B 58 36.67 29.70 -35.22
N SER B 59 36.56 28.96 -34.12
CA SER B 59 35.90 29.40 -32.90
C SER B 59 36.88 29.34 -31.73
N TYR B 60 36.72 30.28 -30.80
CA TYR B 60 37.67 30.45 -29.70
C TYR B 60 36.92 30.65 -28.39
N ILE B 61 37.66 30.50 -27.29
CA ILE B 61 37.21 30.87 -25.96
C ILE B 61 38.23 31.85 -25.39
N VAL B 62 37.75 32.99 -24.90
CA VAL B 62 38.61 34.04 -24.39
C VAL B 62 38.17 34.35 -22.96
N LEU B 63 39.04 34.05 -22.00
CA LEU B 63 38.75 34.31 -20.59
C LEU B 63 39.49 35.57 -20.17
N SER B 64 38.74 36.64 -19.89
CA SER B 64 39.31 37.87 -19.37
C SER B 64 39.18 37.86 -17.85
N THR B 65 40.31 37.85 -17.15
CA THR B 65 40.35 37.94 -15.70
C THR B 65 40.73 39.36 -15.33
N TYR B 66 39.99 39.95 -14.39
CA TYR B 66 40.18 41.36 -14.08
C TYR B 66 39.80 41.62 -12.63
N HIS B 67 40.17 42.81 -12.14
CA HIS B 67 39.78 43.23 -10.81
C HIS B 67 38.44 43.96 -10.90
N PRO B 68 37.41 43.54 -10.16
CA PRO B 68 36.14 44.24 -10.23
C PRO B 68 36.23 45.59 -9.53
N LYS B 69 35.31 46.48 -9.89
CA LYS B 69 35.28 47.80 -9.27
C LYS B 69 35.02 47.69 -7.77
N THR B 70 34.32 46.63 -7.33
CA THR B 70 33.95 46.50 -5.94
C THR B 70 35.12 46.14 -5.02
N ASN B 71 36.23 45.64 -5.57
CA ASN B 71 37.36 45.24 -4.75
C ASN B 71 38.59 45.05 -5.62
N PRO B 72 39.61 45.92 -5.50
CA PRO B 72 40.77 45.81 -6.39
C PRO B 72 41.66 44.62 -6.11
N ASP B 73 41.42 43.87 -5.03
CA ASP B 73 42.22 42.71 -4.67
C ASP B 73 41.49 41.40 -4.93
N LYS B 74 40.45 41.42 -5.74
CA LYS B 74 39.71 40.23 -6.11
C LYS B 74 39.76 40.02 -7.61
N LEU B 75 39.43 38.81 -8.02
CA LEU B 75 39.41 38.42 -9.43
C LEU B 75 37.97 38.24 -9.88
N ALA B 76 37.62 38.87 -11.00
CA ALA B 76 36.35 38.67 -11.65
C ALA B 76 36.60 38.17 -13.07
N TYR B 77 35.56 37.62 -13.70
CA TYR B 77 35.74 36.90 -14.96
C TYR B 77 34.67 37.26 -15.97
N ASP B 78 35.12 37.62 -17.17
CA ASP B 78 34.27 37.66 -18.36
C ASP B 78 34.77 36.58 -19.31
N VAL B 79 33.92 35.58 -19.58
CA VAL B 79 34.28 34.49 -20.49
C VAL B 79 33.54 34.72 -21.81
N HIS B 80 34.29 35.11 -22.83
CA HIS B 80 33.75 35.28 -24.17
C HIS B 80 34.06 34.04 -25.00
N PHE B 81 33.13 33.66 -25.87
CA PHE B 81 33.47 32.76 -26.96
C PHE B 81 33.21 33.47 -28.27
N TRP B 82 34.17 33.36 -29.18
CA TRP B 82 34.21 34.14 -30.41
C TRP B 82 34.04 33.20 -31.59
N LEU B 83 33.08 33.52 -32.45
CA LEU B 83 32.72 32.67 -33.58
C LEU B 83 33.13 33.35 -34.87
N GLY B 84 34.08 32.75 -35.58
CA GLY B 84 34.48 33.29 -36.87
C GLY B 84 33.37 33.15 -37.88
N ALA B 85 33.32 34.11 -38.82
CA ALA B 85 32.27 34.14 -39.82
C ALA B 85 32.20 32.85 -40.63
N PHE B 86 33.28 32.09 -40.71
CA PHE B 86 33.30 30.84 -41.48
C PHE B 86 33.57 29.62 -40.61
N THR B 87 33.33 29.71 -39.31
CA THR B 87 33.48 28.55 -38.45
C THR B 87 32.39 27.53 -38.73
N THR B 88 32.70 26.26 -38.52
CA THR B 88 31.72 25.21 -38.73
C THR B 88 30.96 24.93 -37.43
N GLN B 89 29.83 24.23 -37.59
CA GLN B 89 28.87 24.06 -36.50
C GLN B 89 29.48 23.31 -35.32
N ASP B 90 30.29 22.30 -35.59
CA ASP B 90 30.96 21.58 -34.50
C ASP B 90 31.82 22.52 -33.67
N GLU B 91 32.48 23.48 -34.32
CA GLU B 91 33.38 24.38 -33.62
C GLU B 91 32.61 25.35 -32.73
N ALA B 92 31.58 25.98 -33.28
CA ALA B 92 30.79 26.93 -32.50
C ALA B 92 30.06 26.25 -31.36
N GLY B 93 29.51 25.06 -31.60
CA GLY B 93 28.81 24.35 -30.54
C GLY B 93 29.73 23.90 -29.42
N THR B 94 30.94 23.43 -29.77
CA THR B 94 31.92 23.06 -28.76
C THR B 94 32.37 24.27 -27.95
N ALA B 95 32.65 25.39 -28.63
CA ALA B 95 32.97 26.62 -27.93
C ALA B 95 31.86 27.02 -26.97
N ALA B 96 30.60 26.88 -27.39
CA ALA B 96 29.49 27.23 -26.51
C ALA B 96 29.46 26.32 -25.28
N TYR B 97 29.52 25.00 -25.49
CA TYR B 97 29.47 24.08 -24.36
C TYR B 97 30.67 24.25 -23.45
N LYS B 98 31.86 24.43 -24.02
CA LYS B 98 33.04 24.54 -23.17
C LYS B 98 33.08 25.86 -22.43
N THR B 99 32.44 26.90 -22.98
CA THR B 99 32.30 28.16 -22.24
C THR B 99 31.46 27.96 -20.97
N VAL B 100 30.37 27.19 -21.08
CA VAL B 100 29.59 26.86 -19.89
C VAL B 100 30.43 26.03 -18.92
N GLU B 101 31.23 25.11 -19.45
CA GLU B 101 32.06 24.25 -18.62
C GLU B 101 33.09 25.05 -17.83
N LEU B 102 33.80 25.96 -18.50
CA LEU B 102 34.75 26.83 -17.81
C LEU B 102 34.04 27.68 -16.76
N ASP B 103 32.85 28.19 -17.10
CA ASP B 103 32.00 28.88 -16.14
C ASP B 103 31.75 28.03 -14.90
N ASP B 104 31.36 26.76 -15.11
CA ASP B 104 31.20 25.83 -14.00
C ASP B 104 32.50 25.65 -13.24
N TYR B 105 33.60 25.47 -13.97
CA TYR B 105 34.90 25.25 -13.35
C TYR B 105 35.28 26.40 -12.41
N LEU B 106 34.89 27.62 -12.74
CA LEU B 106 35.17 28.80 -11.93
C LEU B 106 33.99 29.18 -11.04
N GLY B 107 33.18 28.19 -10.66
CA GLY B 107 32.13 28.41 -9.68
C GLY B 107 30.93 29.22 -10.14
N GLY B 108 30.75 29.39 -11.45
CA GLY B 108 29.66 30.20 -11.95
C GLY B 108 29.93 31.70 -11.97
N LEU B 109 31.02 32.15 -11.34
CA LEU B 109 31.35 33.57 -11.32
C LEU B 109 31.42 34.21 -12.70
N PRO B 110 32.04 33.61 -13.73
CA PRO B 110 32.17 34.31 -15.01
C PRO B 110 30.81 34.65 -15.62
N VAL B 111 30.79 35.77 -16.33
CA VAL B 111 29.64 36.18 -17.14
C VAL B 111 29.96 35.84 -18.60
N GLN B 112 29.03 35.11 -19.23
CA GLN B 112 29.25 34.60 -20.58
C GLN B 112 28.87 35.64 -21.63
N TYR B 113 29.71 35.75 -22.66
CA TYR B 113 29.45 36.64 -23.79
C TYR B 113 29.62 35.84 -25.08
N ARG B 114 28.64 35.93 -25.97
CA ARG B 114 28.74 35.35 -27.31
C ARG B 114 29.20 36.45 -28.26
N GLU B 115 30.34 36.24 -28.90
CA GLU B 115 30.92 37.22 -29.82
C GLU B 115 31.00 36.61 -31.21
N VAL B 116 30.50 37.34 -32.20
CA VAL B 116 30.62 36.93 -33.59
C VAL B 116 31.46 37.95 -34.34
N GLN B 117 32.21 37.47 -35.33
CA GLN B 117 33.13 38.30 -36.09
C GLN B 117 32.40 39.49 -36.72
N GLY B 118 32.93 40.69 -36.48
CA GLY B 118 32.36 41.90 -37.02
C GLY B 118 31.31 42.56 -36.15
N TYR B 119 30.78 41.85 -35.16
CA TYR B 119 29.75 42.38 -34.27
C TYR B 119 30.16 42.23 -32.82
N GLU B 120 31.46 42.17 -32.54
CA GLU B 120 31.94 41.94 -31.19
C GLU B 120 31.52 43.09 -30.26
N SER B 121 31.24 42.74 -29.01
CA SER B 121 30.95 43.74 -28.01
C SER B 121 32.16 44.65 -27.80
N GLU B 122 31.93 45.78 -27.14
CA GLU B 122 33.02 46.72 -26.82
C GLU B 122 33.82 46.14 -25.67
N ARG B 123 33.16 45.46 -24.75
CA ARG B 123 33.88 44.77 -23.68
C ARG B 123 34.95 43.85 -24.26
N PHE B 124 34.59 43.07 -25.29
CA PHE B 124 35.53 42.18 -25.94
C PHE B 124 36.61 42.97 -26.68
N LEU B 125 36.19 43.96 -27.48
CA LEU B 125 37.14 44.77 -28.23
C LEU B 125 38.14 45.47 -27.32
N SER B 126 37.71 45.86 -26.11
CA SER B 126 38.61 46.55 -25.20
C SER B 126 39.72 45.65 -24.66
N LEU B 127 39.66 44.34 -24.91
CA LEU B 127 40.72 43.45 -24.46
C LEU B 127 41.99 43.58 -25.30
N PHE B 128 41.90 44.22 -26.46
CA PHE B 128 43.04 44.32 -27.36
C PHE B 128 43.27 45.78 -27.74
N PRO B 129 44.54 46.22 -27.82
CA PRO B 129 44.85 47.61 -28.16
C PRO B 129 44.47 47.97 -29.59
N GLY B 132 45.26 45.64 -32.63
CA GLY B 132 45.62 44.48 -31.83
C GLY B 132 44.73 43.28 -32.10
N LEU B 133 43.57 43.53 -32.70
CA LEU B 133 42.59 42.49 -33.02
C LEU B 133 42.60 42.27 -34.53
N ARG B 134 43.29 41.23 -34.98
CA ARG B 134 43.47 40.95 -36.40
C ARG B 134 42.75 39.67 -36.77
N ILE B 135 41.95 39.75 -37.84
CA ILE B 135 41.25 38.58 -38.38
C ILE B 135 42.11 37.97 -39.48
N LEU B 136 42.38 36.68 -39.37
CA LEU B 136 43.22 35.99 -40.34
C LEU B 136 42.37 35.08 -41.21
N ASP B 137 42.80 34.92 -42.46
CA ASP B 137 42.14 33.99 -43.36
C ASP B 137 42.47 32.55 -42.99
N GLY B 138 41.55 31.65 -43.30
CA GLY B 138 41.75 30.24 -43.07
C GLY B 138 41.18 29.79 -41.74
N GLY B 139 41.67 28.66 -41.28
CA GLY B 139 41.21 28.07 -40.03
C GLY B 139 41.42 26.57 -40.04
N VAL B 140 41.42 25.99 -38.83
CA VAL B 140 41.58 24.55 -38.71
C VAL B 140 40.33 23.86 -39.23
N GLU B 141 40.52 22.70 -39.86
CA GLU B 141 39.41 22.01 -40.50
C GLU B 141 38.45 21.43 -39.46
N THR B 142 37.20 21.27 -39.88
CA THR B 142 36.15 20.80 -38.99
C THR B 142 36.50 19.45 -38.38
N GLY B 143 35.94 19.20 -37.20
CA GLY B 143 36.00 17.87 -36.62
C GLY B 143 34.91 16.94 -37.08
N PHE B 144 33.92 17.47 -37.81
CA PHE B 144 32.79 16.68 -38.28
C PHE B 144 33.22 15.69 -39.34
N HIS B 145 32.63 14.50 -39.31
CA HIS B 145 32.64 13.62 -40.47
C HIS B 145 31.42 13.96 -41.32
N HIS B 146 31.64 14.30 -42.57
CA HIS B 146 30.53 14.66 -43.45
C HIS B 146 29.81 13.41 -43.91
N VAL B 147 28.50 13.35 -43.68
CA VAL B 147 27.67 12.23 -44.07
C VAL B 147 27.22 12.46 -45.51
N GLU B 148 27.71 11.64 -46.42
CA GLU B 148 27.34 11.76 -47.83
C GLU B 148 25.88 11.40 -48.04
N THR C 7 21.65 20.44 36.35
CA THR C 7 22.68 19.47 36.68
C THR C 7 23.22 18.79 35.43
N THR C 8 23.18 19.49 34.30
CA THR C 8 23.70 18.96 33.05
C THR C 8 25.19 18.69 33.16
N ALA C 9 25.60 17.52 32.68
CA ALA C 9 27.02 17.18 32.68
C ALA C 9 27.74 17.86 31.52
N LEU C 10 28.97 18.30 31.79
CA LEU C 10 29.84 18.86 30.77
C LEU C 10 30.75 17.77 30.23
N VAL C 11 31.15 17.92 28.97
CA VAL C 11 32.14 17.05 28.35
C VAL C 11 33.21 17.93 27.74
N CYS C 12 34.45 17.77 28.19
CA CYS C 12 35.57 18.55 27.71
C CYS C 12 36.67 17.61 27.23
N ASP C 13 36.98 17.65 25.94
CA ASP C 13 38.00 16.79 25.34
C ASP C 13 39.18 17.67 24.94
N ASN C 14 40.24 17.63 25.74
CA ASN C 14 41.40 18.49 25.56
C ASN C 14 42.45 17.78 24.69
N GLY C 15 42.78 18.39 23.55
CA GLY C 15 43.80 17.88 22.66
C GLY C 15 45.01 18.79 22.60
N SER C 16 46.01 18.35 21.83
CA SER C 16 47.23 19.13 21.67
C SER C 16 46.95 20.46 20.97
N GLY C 17 46.05 20.46 19.99
CA GLY C 17 45.79 21.64 19.20
C GLY C 17 44.42 22.27 19.40
N LEU C 18 43.41 21.47 19.72
CA LEU C 18 42.04 21.97 19.78
C LEU C 18 41.35 21.47 21.04
N VAL C 19 40.59 22.37 21.65
CA VAL C 19 39.68 22.02 22.73
C VAL C 19 38.32 21.70 22.11
N LYS C 20 37.75 20.56 22.50
CA LYS C 20 36.38 20.22 22.14
C LYS C 20 35.59 20.12 23.44
N ALA C 21 34.53 20.92 23.56
CA ALA C 21 33.80 20.99 24.82
C ALA C 21 32.33 21.27 24.57
N GLY C 22 31.50 20.84 25.50
CA GLY C 22 30.07 21.07 25.40
C GLY C 22 29.31 20.31 26.48
N PHE C 23 28.06 20.00 26.18
CA PHE C 23 27.16 19.40 27.14
C PHE C 23 26.87 17.94 26.79
N ALA C 24 26.87 17.08 27.80
CA ALA C 24 26.46 15.69 27.61
C ALA C 24 25.04 15.64 27.07
N GLY C 25 24.84 14.84 26.04
CA GLY C 25 23.56 14.73 25.37
C GLY C 25 23.42 15.56 24.12
N ASP C 26 24.38 16.45 23.85
CA ASP C 26 24.42 17.15 22.57
C ASP C 26 25.11 16.26 21.53
N ASP C 27 24.74 16.47 20.26
CA ASP C 27 25.29 15.64 19.20
C ASP C 27 26.59 16.20 18.62
N ALA C 28 27.06 17.34 19.14
CA ALA C 28 28.31 17.94 18.70
C ALA C 28 28.81 18.86 19.81
N PRO C 29 30.10 19.13 19.87
CA PRO C 29 30.60 20.08 20.87
C PRO C 29 30.21 21.50 20.50
N ARG C 30 29.85 22.29 21.52
CA ARG C 30 29.48 23.68 21.31
C ARG C 30 30.69 24.61 21.29
N ALA C 31 31.82 24.19 21.84
CA ALA C 31 33.04 24.98 21.86
C ALA C 31 34.17 24.19 21.22
N VAL C 32 34.72 24.71 20.13
CA VAL C 32 35.93 24.19 19.51
C VAL C 32 36.84 25.39 19.26
N PHE C 33 37.98 25.42 19.94
CA PHE C 33 38.89 26.55 19.84
C PHE C 33 40.30 26.06 20.08
N PRO C 34 41.32 26.83 19.67
CA PRO C 34 42.71 26.37 19.82
C PRO C 34 43.13 26.29 21.28
N SER C 35 43.87 25.24 21.62
CA SER C 35 44.41 25.04 22.96
C SER C 35 45.72 25.79 23.09
N ILE C 36 45.61 27.12 23.11
CA ILE C 36 46.76 28.02 23.11
C ILE C 36 46.53 29.13 24.13
N VAL C 37 47.64 29.68 24.62
CA VAL C 37 47.63 30.90 25.44
C VAL C 37 48.63 31.87 24.83
N GLY C 38 48.17 33.07 24.52
CA GLY C 38 48.99 34.07 23.85
C GLY C 38 49.50 35.14 24.78
N ARG C 39 50.62 35.74 24.40
CA ARG C 39 51.25 36.84 25.13
C ARG C 39 51.92 37.77 24.12
N PRO C 40 52.01 39.07 24.41
CA PRO C 40 52.63 40.02 23.49
C PRO C 40 54.15 40.06 23.59
N SER C 54 47.76 37.96 29.28
CA SER C 54 47.71 36.75 28.48
C SER C 54 46.34 36.58 27.82
N TYR C 55 46.32 35.93 26.67
CA TYR C 55 45.09 35.75 25.90
C TYR C 55 44.94 34.28 25.53
N VAL C 56 43.71 33.77 25.61
CA VAL C 56 43.44 32.34 25.55
C VAL C 56 42.56 32.04 24.34
N GLY C 57 42.87 30.96 23.64
CA GLY C 57 41.98 30.46 22.61
C GLY C 57 41.89 31.42 21.43
N ASP C 58 40.65 31.69 21.00
CA ASP C 58 40.44 32.60 19.88
C ASP C 58 41.04 33.97 20.16
N GLU C 59 41.01 34.41 21.42
CA GLU C 59 41.51 35.73 21.77
C GLU C 59 43.00 35.87 21.54
N ALA C 60 43.72 34.75 21.42
CA ALA C 60 45.15 34.77 21.13
C ALA C 60 45.44 34.73 19.64
N GLN C 61 44.44 34.92 18.79
CA GLN C 61 44.63 34.99 17.35
C GLN C 61 44.51 36.44 16.86
N THR C 68 53.51 35.85 21.05
CA THR C 68 54.03 34.51 21.31
C THR C 68 52.93 33.60 21.85
N LEU C 69 52.86 32.38 21.33
CA LEU C 69 51.86 31.40 21.71
C LEU C 69 52.51 30.21 22.40
N LYS C 70 51.79 29.64 23.35
CA LYS C 70 52.24 28.45 24.07
C LYS C 70 51.17 27.37 24.01
N TYR C 71 51.61 26.12 23.89
CA TYR C 71 50.70 24.98 23.84
C TYR C 71 50.81 24.20 25.14
N PRO C 72 49.81 24.26 26.02
CA PRO C 72 49.94 23.57 27.31
C PRO C 72 49.89 22.05 27.22
N ILE C 73 49.40 21.49 26.12
CA ILE C 73 49.35 20.04 25.92
C ILE C 73 50.34 19.68 24.83
N GLU C 74 51.16 18.67 25.09
CA GLU C 74 52.24 18.28 24.19
C GLU C 74 52.22 16.78 23.91
N GLY C 76 49.75 15.15 23.41
CA GLY C 76 48.60 14.67 24.16
C GLY C 76 48.72 14.84 25.67
N ILE C 77 49.92 15.13 26.16
CA ILE C 77 50.19 15.19 27.59
C ILE C 77 50.14 16.64 28.05
N ILE C 78 49.49 16.87 29.19
CA ILE C 78 49.49 18.20 29.80
C ILE C 78 50.85 18.46 30.43
N THR C 79 51.53 19.52 29.98
CA THR C 79 52.86 19.84 30.50
C THR C 79 52.95 21.22 31.14
N ASN C 80 52.13 22.18 30.74
CA ASN C 80 52.11 23.52 31.36
C ASN C 80 50.79 23.64 32.12
N TRP C 81 50.86 23.47 33.44
CA TRP C 81 49.65 23.32 34.25
C TRP C 81 48.97 24.65 34.54
N ASP C 82 49.72 25.74 34.68
CA ASP C 82 49.08 27.04 34.88
C ASP C 82 48.40 27.51 33.61
N ASP C 83 49.03 27.28 32.46
CA ASP C 83 48.39 27.62 31.18
C ASP C 83 47.24 26.68 30.86
N MET C 84 47.36 25.40 31.24
CA MET C 84 46.22 24.49 31.10
C MET C 84 45.04 24.98 31.94
N GLU C 85 45.32 25.49 33.14
CA GLU C 85 44.28 26.05 33.99
C GLU C 85 43.59 27.22 33.31
N LYS C 86 44.35 28.05 32.59
CA LYS C 86 43.75 29.14 31.84
C LYS C 86 42.85 28.60 30.72
N ILE C 87 43.29 27.54 30.05
CA ILE C 87 42.46 26.91 29.02
C ILE C 87 41.13 26.48 29.61
N TRP C 88 41.19 25.77 30.74
CA TRP C 88 39.96 25.25 31.35
C TRP C 88 39.04 26.38 31.80
N HIS C 89 39.62 27.43 32.39
CA HIS C 89 38.80 28.58 32.80
C HIS C 89 38.11 29.20 31.61
N HIS C 90 38.87 29.46 30.54
CA HIS C 90 38.27 30.01 29.32
C HIS C 90 37.20 29.08 28.76
N THR C 91 37.39 27.77 28.88
CA THR C 91 36.41 26.81 28.40
C THR C 91 35.08 26.97 29.15
N PHE C 92 35.16 27.00 30.48
CA PHE C 92 33.93 27.09 31.29
C PHE C 92 33.28 28.46 31.15
N TYR C 93 34.03 29.53 31.44
CA TYR C 93 33.43 30.85 31.59
C TYR C 93 33.28 31.59 30.27
N ASN C 94 34.28 31.51 29.38
CA ASN C 94 34.24 32.33 28.17
C ASN C 94 33.56 31.64 27.01
N GLU C 95 33.80 30.33 26.83
CA GLU C 95 33.25 29.61 25.68
C GLU C 95 31.86 29.06 26.02
N LEU C 96 31.79 28.10 26.94
CA LEU C 96 30.51 27.52 27.32
C LEU C 96 29.69 28.46 28.18
N ARG C 97 30.35 29.39 28.89
CA ARG C 97 29.70 30.36 29.77
C ARG C 97 28.83 29.65 30.81
N VAL C 98 29.47 28.76 31.56
CA VAL C 98 28.83 28.00 32.61
C VAL C 98 29.61 28.19 33.91
N ALA C 99 28.92 28.03 35.03
CA ALA C 99 29.57 27.99 36.33
C ALA C 99 30.01 26.56 36.59
N PRO C 100 31.33 26.27 36.58
CA PRO C 100 31.77 24.87 36.65
C PRO C 100 31.40 24.17 37.95
N GLU C 101 31.05 24.91 39.01
CA GLU C 101 30.59 24.28 40.23
C GLU C 101 29.21 23.66 40.09
N GLU C 102 28.46 24.01 39.05
CA GLU C 102 27.10 23.53 38.86
C GLU C 102 27.02 22.33 37.91
N HIS C 103 28.14 21.80 37.44
CA HIS C 103 28.08 20.75 36.44
C HIS C 103 29.11 19.65 36.70
N PRO C 104 28.68 18.40 36.82
CA PRO C 104 29.64 17.29 36.78
C PRO C 104 30.34 17.29 35.44
N THR C 105 31.65 17.05 35.45
CA THR C 105 32.48 17.28 34.27
C THR C 105 33.23 16.01 33.90
N LEU C 106 33.09 15.59 32.65
CA LEU C 106 33.87 14.49 32.10
C LEU C 106 35.02 15.04 31.27
N LEU C 107 36.24 14.62 31.58
CA LEU C 107 37.42 14.98 30.83
C LEU C 107 37.98 13.75 30.13
N THR C 108 38.94 13.97 29.23
CA THR C 108 39.59 12.89 28.52
C THR C 108 41.09 13.00 28.71
N GLU C 109 41.77 11.87 28.53
CA GLU C 109 43.23 11.82 28.64
C GLU C 109 43.77 10.87 27.59
N ALA C 110 45.04 11.07 27.25
CA ALA C 110 45.72 10.18 26.32
C ALA C 110 46.04 8.86 27.00
N PRO C 111 46.15 7.78 26.23
CA PRO C 111 46.53 6.50 26.84
C PRO C 111 47.90 6.54 27.48
N LEU C 112 48.04 5.83 28.60
CA LEU C 112 49.26 5.81 29.41
C LEU C 112 49.64 7.20 29.92
N ASN C 113 48.65 8.07 30.09
CA ASN C 113 48.91 9.37 30.70
C ASN C 113 49.54 9.15 32.07
N PRO C 114 50.70 9.74 32.36
CA PRO C 114 51.35 9.52 33.66
C PRO C 114 50.42 9.87 34.81
N LYS C 115 50.35 8.98 35.79
CA LYS C 115 49.33 9.12 36.83
C LYS C 115 49.58 10.31 37.75
N ALA C 116 50.79 10.90 37.69
CA ALA C 116 50.98 12.19 38.35
C ALA C 116 50.18 13.29 37.66
N ASN C 117 50.07 13.21 36.33
CA ASN C 117 49.23 14.16 35.60
C ASN C 117 47.75 13.90 35.84
N ARG C 118 47.37 12.64 36.05
CA ARG C 118 45.97 12.34 36.37
C ARG C 118 45.56 12.97 37.70
N GLU C 119 46.46 12.95 38.68
CA GLU C 119 46.14 13.53 39.98
C GLU C 119 46.04 15.06 39.91
N LYS C 120 46.98 15.70 39.21
CA LYS C 120 46.92 17.15 39.09
C LYS C 120 45.68 17.59 38.31
N MET C 121 45.25 16.78 37.35
CA MET C 121 43.98 17.07 36.67
C MET C 121 42.81 16.97 37.64
N THR C 122 42.80 15.92 38.47
CA THR C 122 41.71 15.73 39.42
C THR C 122 41.71 16.84 40.47
N GLN C 123 42.89 17.22 40.96
CA GLN C 123 42.96 18.22 42.02
C GLN C 123 42.48 19.59 41.52
N ILE C 124 42.91 19.98 40.33
CA ILE C 124 42.53 21.29 39.79
C ILE C 124 41.02 21.38 39.60
N MET C 125 40.40 20.30 39.10
CA MET C 125 38.96 20.32 38.87
C MET C 125 38.19 20.50 40.18
N PHE C 126 38.65 19.87 41.25
CA PHE C 126 37.94 19.96 42.52
C PHE C 126 38.37 21.19 43.31
N GLU C 127 39.69 21.43 43.43
CA GLU C 127 40.17 22.49 44.30
C GLU C 127 40.05 23.86 43.63
N THR C 128 40.28 23.94 42.33
CA THR C 128 40.23 25.24 41.65
C THR C 128 38.86 25.53 41.05
N PHE C 129 38.24 24.55 40.39
CA PHE C 129 36.98 24.79 39.70
C PHE C 129 35.76 24.27 40.46
N ASN C 130 35.95 23.44 41.47
CA ASN C 130 34.88 23.07 42.41
C ASN C 130 33.75 22.32 41.70
N VAL C 131 34.11 21.44 40.77
CA VAL C 131 33.09 20.64 40.08
C VAL C 131 32.44 19.69 41.08
N PRO C 132 31.12 19.46 41.00
CA PRO C 132 30.50 18.53 41.96
C PRO C 132 30.96 17.10 41.78
N ALA C 133 31.33 16.71 40.56
CA ALA C 133 31.84 15.37 40.28
C ALA C 133 32.65 15.42 39.00
N MET C 134 33.56 14.47 38.85
CA MET C 134 34.37 14.44 37.64
C MET C 134 34.79 13.02 37.31
N TYR C 135 35.27 12.85 36.08
CA TYR C 135 35.74 11.58 35.54
C TYR C 135 36.64 11.89 34.36
N VAL C 136 37.69 11.11 34.21
CA VAL C 136 38.59 11.23 33.05
C VAL C 136 38.60 9.89 32.33
N ALA C 137 38.35 9.93 31.03
CA ALA C 137 38.15 8.73 30.21
C ALA C 137 39.23 8.63 29.14
N ILE C 138 39.47 7.40 28.70
CA ILE C 138 40.43 7.15 27.63
C ILE C 138 39.81 7.56 26.30
N GLN C 139 40.53 8.38 25.53
CA GLN C 139 39.97 8.99 24.34
C GLN C 139 39.57 7.94 23.30
N ALA C 140 40.46 7.00 23.02
CA ALA C 140 40.19 6.02 21.97
C ALA C 140 39.02 5.11 22.34
N VAL C 141 38.80 4.86 23.63
CA VAL C 141 37.64 4.09 24.05
C VAL C 141 36.35 4.83 23.74
N LEU C 142 36.31 6.14 24.02
CA LEU C 142 35.15 6.93 23.67
C LEU C 142 34.91 6.92 22.17
N SER C 143 35.99 7.01 21.38
CA SER C 143 35.84 6.94 19.93
C SER C 143 35.24 5.61 19.50
N LEU C 144 35.65 4.51 20.14
CA LEU C 144 35.12 3.21 19.77
C LEU C 144 33.62 3.13 20.04
N TYR C 145 33.18 3.60 21.21
CA TYR C 145 31.77 3.60 21.52
C TYR C 145 30.99 4.52 20.59
N ALA C 146 31.58 5.65 20.21
CA ALA C 146 30.94 6.54 19.26
C ALA C 146 30.70 5.85 17.93
N SER C 147 31.54 4.88 17.56
CA SER C 147 31.36 4.13 16.33
C SER C 147 30.39 2.97 16.47
N GLY C 148 29.78 2.80 17.64
CA GLY C 148 28.87 1.69 17.86
C GLY C 148 29.55 0.34 17.97
N ARG C 149 30.72 0.29 18.60
CA ARG C 149 31.50 -0.92 18.72
C ARG C 149 31.99 -1.10 20.15
N THR C 150 32.21 -2.36 20.53
CA THR C 150 32.89 -2.70 21.77
C THR C 150 34.23 -3.38 21.53
N THR C 151 34.52 -3.77 20.29
CA THR C 151 35.79 -4.42 19.94
C THR C 151 36.34 -3.76 18.68
N GLY C 152 37.60 -3.35 18.75
CA GLY C 152 38.27 -2.80 17.59
C GLY C 152 39.59 -2.18 17.99
N ILE C 153 40.36 -1.81 16.97
CA ILE C 153 41.61 -1.08 17.17
C ILE C 153 41.43 0.32 16.62
N VAL C 154 41.57 1.31 17.49
CA VAL C 154 41.37 2.71 17.13
C VAL C 154 42.69 3.29 16.66
N LEU C 155 42.68 3.93 15.50
CA LEU C 155 43.77 4.80 15.09
C LEU C 155 43.32 6.24 15.36
N ASP C 156 43.87 6.86 16.40
CA ASP C 156 43.52 8.21 16.81
C ASP C 156 44.71 9.12 16.50
N SER C 157 44.50 10.10 15.62
CA SER C 157 45.57 10.97 15.17
C SER C 157 45.07 12.41 15.12
N GLY C 158 45.62 13.26 15.97
CA GLY C 158 45.21 14.65 16.04
C GLY C 158 46.27 15.63 15.56
N ASP C 159 46.52 16.67 16.35
CA ASP C 159 47.51 17.68 16.00
C ASP C 159 48.86 17.45 16.66
N GLY C 160 48.92 16.65 17.72
CA GLY C 160 50.15 16.49 18.45
C GLY C 160 50.69 15.07 18.54
N VAL C 161 49.81 14.07 18.53
CA VAL C 161 50.22 12.68 18.72
C VAL C 161 49.28 11.76 17.96
N THR C 162 49.77 10.57 17.65
CA THR C 162 49.00 9.51 17.02
C THR C 162 49.08 8.26 17.89
N HIS C 163 47.94 7.63 18.15
CA HIS C 163 47.91 6.42 18.96
C HIS C 163 47.18 5.30 18.24
N ASN C 164 47.60 4.07 18.51
CA ASN C 164 46.90 2.86 18.13
C ASN C 164 46.44 2.16 19.40
N VAL C 165 45.13 2.03 19.58
CA VAL C 165 44.58 1.47 20.82
C VAL C 165 43.64 0.31 20.50
N PRO C 166 44.10 -0.93 20.67
CA PRO C 166 43.20 -2.07 20.47
C PRO C 166 42.32 -2.29 21.70
N ILE C 167 41.04 -2.55 21.44
CA ILE C 167 40.05 -2.75 22.50
C ILE C 167 39.28 -4.03 22.20
N TYR C 168 39.00 -4.81 23.24
CA TYR C 168 38.26 -6.05 23.11
C TYR C 168 37.17 -6.13 24.17
N GLU C 169 35.92 -6.21 23.72
CA GLU C 169 34.76 -6.34 24.59
C GLU C 169 34.72 -5.22 25.64
N GLY C 170 35.14 -4.02 25.23
CA GLY C 170 35.07 -2.84 26.05
C GLY C 170 36.27 -2.56 26.91
N TYR C 171 37.35 -3.32 26.77
CA TYR C 171 38.52 -3.14 27.64
C TYR C 171 39.76 -2.95 26.79
N ALA C 172 40.43 -1.81 26.99
CA ALA C 172 41.66 -1.53 26.28
C ALA C 172 42.76 -2.51 26.67
N LEU C 173 43.71 -2.69 25.77
CA LEU C 173 44.83 -3.60 25.95
C LEU C 173 46.12 -2.77 25.99
N PRO C 174 46.54 -2.30 27.16
CA PRO C 174 47.64 -1.33 27.22
C PRO C 174 48.96 -1.85 26.69
N HIS C 175 49.25 -3.14 26.86
CA HIS C 175 50.53 -3.69 26.42
C HIS C 175 50.68 -3.68 24.89
N ALA C 176 49.58 -3.52 24.17
CA ALA C 176 49.61 -3.45 22.71
C ALA C 176 49.40 -2.03 22.19
N ILE C 177 49.36 -1.04 23.07
CA ILE C 177 49.12 0.34 22.67
C ILE C 177 50.39 0.93 22.08
N MET C 178 50.27 1.61 20.94
CA MET C 178 51.39 2.23 20.26
C MET C 178 51.23 3.75 20.27
N ARG C 179 52.34 4.46 20.43
CA ARG C 179 52.36 5.92 20.37
C ARG C 179 53.36 6.36 19.31
N LEU C 180 52.94 7.32 18.48
CA LEU C 180 53.77 7.86 17.40
C LEU C 180 53.70 9.37 17.47
N ASP C 181 54.83 10.02 17.75
CA ASP C 181 54.87 11.47 17.89
C ASP C 181 54.97 12.15 16.53
N LEU C 182 53.95 11.86 15.70
CA LEU C 182 53.84 12.41 14.36
C LEU C 182 52.37 12.64 14.09
N ALA C 183 51.98 13.89 13.85
CA ALA C 183 50.56 14.19 13.72
C ALA C 183 50.39 15.50 12.94
N GLY C 184 49.23 16.15 13.15
CA GLY C 184 48.82 17.23 12.26
C GLY C 184 49.75 18.43 12.26
N ARG C 185 50.33 18.75 13.42
CA ARG C 185 51.24 19.89 13.47
C ARG C 185 52.49 19.65 12.65
N ASP C 186 53.05 18.43 12.73
CA ASP C 186 54.21 18.08 11.91
C ASP C 186 53.86 18.13 10.43
N LEU C 187 52.64 17.74 10.08
CA LEU C 187 52.22 17.77 8.68
C LEU C 187 52.06 19.20 8.19
N THR C 188 51.50 20.07 9.02
CA THR C 188 51.42 21.48 8.66
C THR C 188 52.81 22.06 8.45
N ASP C 189 53.75 21.72 9.34
CA ASP C 189 55.12 22.23 9.21
C ASP C 189 55.78 21.71 7.94
N TYR C 190 55.57 20.43 7.63
CA TYR C 190 56.17 19.86 6.42
C TYR C 190 55.56 20.47 5.17
N LEU C 191 54.25 20.71 5.17
CA LEU C 191 53.63 21.39 4.03
C LEU C 191 54.20 22.78 3.85
N MET C 192 54.40 23.51 4.96
CA MET C 192 55.09 24.80 4.88
C MET C 192 56.43 24.67 4.19
N LYS C 193 57.17 23.61 4.50
CA LYS C 193 58.50 23.44 3.91
C LYS C 193 58.41 23.17 2.41
N ILE C 194 57.65 22.15 2.01
CA ILE C 194 57.68 21.76 0.60
C ILE C 194 56.98 22.79 -0.29
N LEU C 195 56.11 23.62 0.28
CA LEU C 195 55.53 24.71 -0.49
C LEU C 195 56.57 25.76 -0.86
N THR C 196 57.75 25.74 -0.22
CA THR C 196 58.79 26.70 -0.58
C THR C 196 59.36 26.41 -1.97
N GLU C 197 59.28 25.16 -2.41
CA GLU C 197 59.91 24.78 -3.68
C GLU C 197 59.34 25.57 -4.84
N ARG C 198 58.02 25.78 -4.84
CA ARG C 198 57.38 26.61 -5.86
C ARG C 198 57.64 28.09 -5.66
N GLY C 199 58.34 28.49 -4.59
CA GLY C 199 58.69 29.87 -4.37
C GLY C 199 57.88 30.57 -3.29
N TYR C 200 56.84 29.92 -2.77
CA TYR C 200 56.04 30.53 -1.72
C TYR C 200 56.79 30.52 -0.39
N SER C 201 56.40 31.43 0.50
CA SER C 201 57.06 31.54 1.80
C SER C 201 56.01 31.84 2.86
N PHE C 202 55.65 30.81 3.63
CA PHE C 202 54.73 30.93 4.75
C PHE C 202 55.57 30.83 6.02
N VAL C 203 55.73 31.97 6.71
CA VAL C 203 56.66 32.08 7.83
C VAL C 203 55.93 32.44 9.12
N THR C 204 55.12 33.48 9.08
CA THR C 204 54.55 34.05 10.28
C THR C 204 53.37 33.23 10.79
N THR C 205 52.87 33.63 11.96
CA THR C 205 51.78 32.90 12.62
C THR C 205 50.51 32.91 11.78
N ALA C 206 50.18 34.07 11.18
CA ALA C 206 49.02 34.11 10.29
C ALA C 206 49.27 33.29 9.03
N GLU C 207 50.48 33.36 8.49
CA GLU C 207 50.81 32.56 7.31
C GLU C 207 50.75 31.07 7.62
N ARG C 208 51.19 30.69 8.83
CA ARG C 208 51.12 29.29 9.22
C ARG C 208 49.67 28.80 9.27
N GLU C 209 48.76 29.66 9.74
CA GLU C 209 47.35 29.31 9.76
C GLU C 209 46.82 29.10 8.35
N ILE C 210 47.34 29.84 7.37
CA ILE C 210 46.93 29.62 5.98
C ILE C 210 47.36 28.24 5.51
N VAL C 211 48.59 27.83 5.88
CA VAL C 211 49.07 26.52 5.47
C VAL C 211 48.24 25.41 6.10
N ARG C 212 47.85 25.59 7.36
CA ARG C 212 46.95 24.63 7.99
C ARG C 212 45.64 24.53 7.21
N ASP C 213 45.11 25.66 6.73
CA ASP C 213 43.89 25.65 5.95
C ASP C 213 44.09 24.94 4.61
N ILE C 214 45.20 25.22 3.93
CA ILE C 214 45.52 24.51 2.69
C ILE C 214 45.58 23.01 2.95
N LYS C 215 46.23 22.62 4.04
CA LYS C 215 46.35 21.21 4.39
C LYS C 215 44.98 20.55 4.54
N GLU C 216 44.07 21.21 5.25
CA GLU C 216 42.77 20.62 5.54
C GLU C 216 41.85 20.61 4.32
N LYS C 217 42.07 21.49 3.36
CA LYS C 217 41.14 21.65 2.24
C LYS C 217 41.61 20.96 0.96
N LEU C 218 42.91 20.84 0.74
N LEU C 218 42.91 20.83 0.72
CA LEU C 218 43.46 20.41 -0.54
CA LEU C 218 43.40 20.34 -0.56
C LEU C 218 44.29 19.13 -0.49
C LEU C 218 44.28 19.11 -0.50
N CYS C 219 44.70 18.68 0.68
CA CYS C 219 45.58 17.53 0.77
C CYS C 219 44.80 16.22 0.62
N TYR C 220 45.51 15.16 0.21
CA TYR C 220 44.90 13.83 0.18
C TYR C 220 46.00 12.78 0.21
N VAL C 221 45.63 11.57 0.60
CA VAL C 221 46.56 10.46 0.65
C VAL C 221 46.44 9.70 -0.66
N ALA C 222 47.56 9.55 -1.36
CA ALA C 222 47.57 8.81 -2.61
C ALA C 222 47.48 7.31 -2.33
N LEU C 223 46.69 6.61 -3.15
CA LEU C 223 46.65 5.16 -3.04
C LEU C 223 48.02 4.56 -3.36
N ASP C 224 48.60 4.94 -4.49
CA ASP C 224 49.95 4.52 -4.89
C ASP C 224 50.79 5.77 -5.01
N PHE C 225 51.69 5.99 -4.04
CA PHE C 225 52.41 7.27 -3.98
C PHE C 225 53.29 7.48 -5.20
N GLU C 226 54.12 6.49 -5.55
CA GLU C 226 55.01 6.66 -6.69
C GLU C 226 54.22 6.86 -7.98
N ASN C 227 53.10 6.14 -8.15
CA ASN C 227 52.28 6.35 -9.34
C ASN C 227 51.67 7.74 -9.35
N GLU C 228 51.28 8.25 -8.17
CA GLU C 228 50.74 9.60 -8.10
C GLU C 228 51.81 10.63 -8.44
N MET C 229 53.04 10.41 -8.00
CA MET C 229 54.14 11.29 -8.36
C MET C 229 54.34 11.32 -9.87
N ALA C 230 54.26 10.14 -10.51
CA ALA C 230 54.38 10.08 -11.96
C ALA C 230 53.27 10.88 -12.65
N THR C 231 52.05 10.79 -12.12
CA THR C 231 50.93 11.56 -12.69
C THR C 231 51.18 13.05 -12.55
N ALA C 232 51.66 13.49 -11.38
CA ALA C 232 51.92 14.91 -11.16
C ALA C 232 52.98 15.43 -12.12
N ALA C 233 53.98 14.60 -12.45
CA ALA C 233 55.03 15.02 -13.37
C ALA C 233 54.58 14.96 -14.83
N SER C 234 53.58 14.15 -15.15
CA SER C 234 53.15 13.96 -16.53
C SER C 234 52.17 15.02 -16.99
N SER C 235 51.31 15.50 -16.10
CA SER C 235 50.24 16.42 -16.46
C SER C 235 50.02 17.40 -15.32
N SER C 236 49.12 18.35 -15.55
CA SER C 236 48.66 19.29 -14.53
C SER C 236 47.31 18.89 -13.96
N SER C 237 46.93 17.62 -14.08
CA SER C 237 45.59 17.19 -13.69
C SER C 237 45.40 17.15 -12.18
N LEU C 238 46.48 17.05 -11.40
CA LEU C 238 46.38 17.03 -9.95
C LEU C 238 46.57 18.39 -9.31
N GLU C 239 46.67 19.45 -10.10
CA GLU C 239 47.03 20.77 -9.57
C GLU C 239 45.78 21.52 -9.16
N LYS C 240 45.88 22.21 -8.02
CA LYS C 240 44.76 22.95 -7.44
C LYS C 240 45.21 24.37 -7.13
N SER C 241 44.26 25.30 -7.24
CA SER C 241 44.52 26.69 -6.91
C SER C 241 43.97 27.02 -5.53
N TYR C 242 44.58 28.01 -4.89
CA TYR C 242 44.17 28.43 -3.55
C TYR C 242 44.38 29.94 -3.44
N GLU C 243 43.32 30.65 -3.06
CA GLU C 243 43.37 32.11 -2.93
C GLU C 243 43.84 32.48 -1.54
N LEU C 244 44.88 33.29 -1.46
CA LEU C 244 45.37 33.80 -0.20
C LEU C 244 44.51 34.97 0.25
N PRO C 245 44.52 35.29 1.55
CA PRO C 245 43.72 36.44 2.02
C PRO C 245 43.97 37.74 1.28
N ASP C 246 45.19 37.98 0.80
CA ASP C 246 45.50 39.21 0.09
C ASP C 246 45.04 39.20 -1.36
N GLY C 247 44.46 38.09 -1.84
CA GLY C 247 43.99 37.98 -3.20
C GLY C 247 44.88 37.16 -4.13
N GLN C 248 46.14 36.95 -3.75
CA GLN C 248 47.05 36.16 -4.57
C GLN C 248 46.59 34.70 -4.64
N VAL C 249 46.53 34.16 -5.85
CA VAL C 249 46.14 32.77 -6.07
C VAL C 249 47.41 31.94 -6.27
N ILE C 250 47.61 30.95 -5.42
CA ILE C 250 48.75 30.07 -5.52
C ILE C 250 48.33 28.76 -6.15
N THR C 251 49.30 27.95 -6.57
CA THR C 251 49.05 26.69 -7.24
C THR C 251 49.82 25.59 -6.53
N ILE C 252 49.13 24.51 -6.18
CA ILE C 252 49.73 23.37 -5.49
C ILE C 252 49.53 22.14 -6.36
N GLY C 253 50.50 21.23 -6.31
CA GLY C 253 50.46 20.04 -7.13
C GLY C 253 50.73 18.76 -6.35
N ASN C 254 51.95 18.22 -6.47
CA ASN C 254 52.23 16.99 -5.74
C ASN C 254 52.38 17.21 -4.25
N GLU C 255 52.53 18.47 -3.81
CA GLU C 255 52.51 18.75 -2.38
C GLU C 255 51.21 18.34 -1.73
N ARG C 256 50.12 18.23 -2.51
CA ARG C 256 48.83 17.83 -1.96
C ARG C 256 48.93 16.49 -1.26
N PHE C 257 49.59 15.51 -1.88
CA PHE C 257 49.67 14.18 -1.29
C PHE C 257 51.02 13.87 -0.67
N ARG C 258 52.09 14.58 -1.03
CA ARG C 258 53.37 14.40 -0.35
C ARG C 258 53.29 14.76 1.13
N CYS C 259 52.43 15.70 1.50
CA CYS C 259 52.35 16.11 2.90
C CYS C 259 51.79 14.99 3.78
N PRO C 260 50.61 14.42 3.53
CA PRO C 260 50.14 13.30 4.36
C PRO C 260 50.80 11.97 4.05
N GLU C 261 51.57 11.87 2.96
CA GLU C 261 52.39 10.68 2.76
C GLU C 261 53.32 10.46 3.94
N THR C 262 53.68 11.55 4.65
CA THR C 262 54.57 11.47 5.79
C THR C 262 54.05 10.51 6.86
N LEU C 263 52.73 10.40 7.01
CA LEU C 263 52.17 9.47 7.98
C LEU C 263 52.60 8.03 7.69
N PHE C 264 52.73 7.69 6.42
CA PHE C 264 53.17 6.34 6.05
C PHE C 264 54.68 6.25 5.90
N GLN C 265 55.35 7.34 5.52
CA GLN C 265 56.80 7.40 5.43
C GLN C 265 57.32 8.52 6.34
N PRO C 266 57.46 8.26 7.64
CA PRO C 266 57.98 9.30 8.55
C PRO C 266 59.37 9.80 8.19
N SER C 267 60.11 9.10 7.33
CA SER C 267 61.42 9.59 6.89
C SER C 267 61.30 10.88 6.09
N PHE C 268 60.10 11.20 5.60
CA PHE C 268 59.89 12.44 4.84
C PHE C 268 60.29 13.67 5.66
N ILE C 269 60.24 13.58 6.98
CA ILE C 269 60.64 14.68 7.85
C ILE C 269 61.83 14.25 8.70
N GLY C 270 62.68 13.38 8.16
CA GLY C 270 63.85 12.92 8.88
C GLY C 270 63.55 12.11 10.12
N MET C 271 62.32 11.63 10.28
CA MET C 271 61.93 10.87 11.46
C MET C 271 62.14 9.38 11.19
N GLU C 272 62.93 8.73 12.03
CA GLU C 272 63.22 7.31 11.88
C GLU C 272 62.21 6.54 12.72
N SER C 273 61.10 6.16 12.09
CA SER C 273 60.01 5.53 12.80
C SER C 273 59.11 4.79 11.82
N ALA C 274 58.36 3.83 12.35
CA ALA C 274 57.37 3.14 11.55
C ALA C 274 56.21 4.09 11.21
N GLY C 275 55.60 3.84 10.05
CA GLY C 275 54.43 4.60 9.65
C GLY C 275 53.18 4.10 10.36
N ILE C 276 52.08 4.84 10.17
CA ILE C 276 50.84 4.52 10.86
C ILE C 276 50.32 3.15 10.43
N HIS C 277 50.56 2.77 9.18
CA HIS C 277 50.17 1.44 8.74
C HIS C 277 50.94 0.36 9.49
N GLU C 278 52.22 0.62 9.79
CA GLU C 278 53.03 -0.34 10.51
C GLU C 278 52.73 -0.33 12.01
N THR C 279 52.46 0.84 12.58
CA THR C 279 52.10 0.89 13.99
C THR C 279 50.76 0.20 14.24
N THR C 280 49.82 0.34 13.30
CA THR C 280 48.57 -0.41 13.41
C THR C 280 48.82 -1.91 13.39
N TYR C 281 49.66 -2.36 12.44
CA TYR C 281 50.00 -3.77 12.38
C TYR C 281 50.74 -4.24 13.63
N ASN C 282 51.68 -3.42 14.12
CA ASN C 282 52.47 -3.82 15.28
C ASN C 282 51.62 -3.85 16.54
N SER C 283 50.59 -3.00 16.63
CA SER C 283 49.69 -3.05 17.78
C SER C 283 48.82 -4.29 17.75
N ILE C 284 48.31 -4.64 16.57
CA ILE C 284 47.50 -5.85 16.44
C ILE C 284 48.32 -7.09 16.78
N MET C 285 49.56 -7.16 16.27
CA MET C 285 50.40 -8.32 16.48
C MET C 285 50.75 -8.55 17.94
N LYS C 286 50.64 -7.52 18.78
CA LYS C 286 50.90 -7.67 20.20
C LYS C 286 49.67 -8.09 20.99
N CYS C 287 48.53 -8.32 20.33
CA CYS C 287 47.35 -8.89 20.96
C CYS C 287 47.26 -10.38 20.69
N ASP C 288 46.45 -11.05 21.51
CA ASP C 288 46.20 -12.48 21.34
C ASP C 288 45.76 -12.80 19.92
N ILE C 289 46.32 -13.88 19.36
CA ILE C 289 45.95 -14.30 18.02
C ILE C 289 44.46 -14.63 17.93
N ASP C 290 43.83 -14.96 19.05
CA ASP C 290 42.39 -15.26 19.07
C ASP C 290 41.53 -14.06 18.69
N ILE C 291 42.01 -12.84 18.90
CA ILE C 291 41.21 -11.63 18.69
C ILE C 291 41.69 -10.79 17.52
N ARG C 292 42.79 -11.17 16.88
CA ARG C 292 43.34 -10.33 15.81
C ARG C 292 42.38 -10.20 14.64
N LYS C 293 41.64 -11.27 14.33
CA LYS C 293 40.65 -11.21 13.26
C LYS C 293 39.60 -10.13 13.53
N ASP C 294 39.19 -10.00 14.80
CA ASP C 294 38.22 -8.96 15.14
C ASP C 294 38.82 -7.56 15.04
N LEU C 295 40.12 -7.42 15.31
CA LEU C 295 40.78 -6.12 15.19
C LEU C 295 40.97 -5.73 13.72
N TYR C 296 41.36 -6.70 12.89
CA TYR C 296 41.58 -6.44 11.47
C TYR C 296 40.30 -6.01 10.77
N ALA C 297 39.15 -6.50 11.24
CA ALA C 297 37.87 -6.16 10.64
C ALA C 297 37.25 -4.91 11.23
N ASN C 298 37.93 -4.26 12.20
CA ASN C 298 37.37 -3.11 12.89
C ASN C 298 38.46 -2.08 13.21
N ASN C 299 39.13 -1.61 12.17
CA ASN C 299 40.07 -0.49 12.29
C ASN C 299 39.27 0.80 12.24
N VAL C 300 39.10 1.44 13.39
CA VAL C 300 38.32 2.66 13.50
C VAL C 300 39.27 3.85 13.55
N MET C 301 39.11 4.78 12.61
CA MET C 301 39.92 5.99 12.60
C MET C 301 39.21 7.10 13.36
N SER C 302 40.00 7.90 14.08
CA SER C 302 39.46 9.04 14.81
C SER C 302 40.51 10.14 14.85
N GLY C 303 40.06 11.36 15.08
CA GLY C 303 40.99 12.47 15.14
C GLY C 303 41.09 13.22 13.83
N GLY C 304 41.47 14.49 13.93
CA GLY C 304 41.46 15.35 12.75
C GLY C 304 42.43 14.95 11.66
N THR C 305 43.55 14.34 12.02
CA THR C 305 44.55 13.98 11.02
C THR C 305 44.19 12.73 10.23
N THR C 306 43.13 12.01 10.63
CA THR C 306 42.62 10.92 9.80
C THR C 306 41.57 11.39 8.80
N MET C 307 41.43 12.70 8.60
CA MET C 307 40.39 13.23 7.72
C MET C 307 40.82 13.34 6.27
N TYR C 308 42.09 13.08 5.96
CA TYR C 308 42.57 13.23 4.60
C TYR C 308 41.77 12.34 3.64
N PRO C 309 41.30 12.87 2.52
CA PRO C 309 40.69 12.00 1.50
C PRO C 309 41.67 10.93 1.07
N GLY C 310 41.16 9.71 0.90
CA GLY C 310 41.97 8.59 0.46
C GLY C 310 42.74 7.86 1.54
N ILE C 311 42.68 8.32 2.79
CA ILE C 311 43.49 7.69 3.84
C ILE C 311 42.91 6.33 4.23
N ALA C 312 41.60 6.15 4.10
CA ALA C 312 41.01 4.85 4.42
C ALA C 312 41.41 3.80 3.38
N ASP C 313 41.28 4.15 2.10
CA ASP C 313 41.65 3.23 1.02
C ASP C 313 43.12 2.85 1.11
N ARG C 314 43.99 3.82 1.41
CA ARG C 314 45.41 3.54 1.50
C ARG C 314 45.73 2.67 2.71
N MET C 315 45.09 2.94 3.85
CA MET C 315 45.24 2.07 5.02
C MET C 315 44.75 0.66 4.71
N GLN C 316 43.63 0.55 3.99
CA GLN C 316 43.13 -0.79 3.63
C GLN C 316 44.17 -1.53 2.79
N LYS C 317 44.82 -0.82 1.88
CA LYS C 317 45.83 -1.46 1.02
C LYS C 317 47.04 -1.89 1.83
N GLU C 318 47.56 -0.99 2.67
CA GLU C 318 48.81 -1.29 3.39
C GLU C 318 48.60 -2.33 4.49
N ILE C 319 47.43 -2.38 5.11
CA ILE C 319 47.18 -3.42 6.11
C ILE C 319 46.96 -4.76 5.42
N THR C 320 46.36 -4.77 4.23
CA THR C 320 46.20 -6.02 3.48
C THR C 320 47.56 -6.62 3.14
N ALA C 321 48.55 -5.77 2.80
CA ALA C 321 49.86 -6.27 2.45
C ALA C 321 50.59 -6.88 3.64
N LEU C 322 50.28 -6.41 4.86
CA LEU C 322 50.96 -6.89 6.05
C LEU C 322 50.24 -8.04 6.74
N ALA C 323 48.96 -8.22 6.47
CA ALA C 323 48.15 -9.22 7.15
C ALA C 323 48.24 -10.56 6.45
N PRO C 324 47.90 -11.65 7.15
CA PRO C 324 47.77 -12.94 6.47
C PRO C 324 46.83 -12.84 5.27
N SER C 325 47.07 -13.73 4.29
CA SER C 325 46.45 -13.60 2.98
C SER C 325 44.92 -13.75 3.03
N THR C 326 44.38 -14.49 3.99
CA THR C 326 42.93 -14.64 4.05
C THR C 326 42.26 -13.62 4.96
N MET C 327 43.03 -12.75 5.60
CA MET C 327 42.48 -11.84 6.60
C MET C 327 41.55 -10.82 5.95
N LYS C 328 40.30 -10.80 6.37
CA LYS C 328 39.36 -9.77 5.94
C LYS C 328 39.62 -8.51 6.74
N ILE C 329 39.85 -7.39 6.05
CA ILE C 329 40.25 -6.15 6.67
C ILE C 329 39.22 -5.08 6.33
N LYS C 330 38.89 -4.26 7.34
CA LYS C 330 37.95 -3.16 7.16
C LYS C 330 38.45 -1.94 7.91
N ILE C 331 38.43 -0.80 7.24
CA ILE C 331 38.75 0.49 7.84
C ILE C 331 37.46 1.29 7.94
N ILE C 332 37.16 1.78 9.14
CA ILE C 332 35.95 2.55 9.39
C ILE C 332 36.35 4.00 9.63
N ALA C 333 35.84 4.91 8.81
CA ALA C 333 36.17 6.33 8.83
C ALA C 333 34.88 7.13 9.00
N PRO C 334 34.37 7.25 10.23
CA PRO C 334 33.15 8.03 10.45
C PRO C 334 33.31 9.45 9.97
N PRO C 335 32.30 10.01 9.31
CA PRO C 335 32.45 11.35 8.71
C PRO C 335 32.73 12.45 9.73
N GLU C 336 32.27 12.30 10.97
CA GLU C 336 32.49 13.29 12.01
C GLU C 336 33.62 12.89 12.94
N ARG C 337 34.62 12.18 12.45
CA ARG C 337 35.62 11.57 13.33
C ARG C 337 36.56 12.59 13.96
N LYS C 338 36.57 13.84 13.50
CA LYS C 338 37.32 14.84 14.24
C LYS C 338 36.66 15.17 15.58
N TYR C 339 35.43 14.72 15.80
CA TYR C 339 34.74 14.89 17.08
C TYR C 339 34.32 13.57 17.71
N SER C 340 34.88 12.45 17.25
CA SER C 340 34.46 11.14 17.76
C SER C 340 34.68 11.03 19.26
N VAL C 341 35.85 11.47 19.74
CA VAL C 341 36.14 11.38 21.17
C VAL C 341 35.08 12.10 21.98
N TRP C 342 34.79 13.36 21.62
CA TRP C 342 33.82 14.14 22.37
C TRP C 342 32.44 13.50 22.32
N ILE C 343 32.00 13.09 21.12
CA ILE C 343 30.67 12.51 20.97
C ILE C 343 30.54 11.25 21.83
N GLY C 344 31.57 10.41 21.81
CA GLY C 344 31.56 9.25 22.69
C GLY C 344 31.41 9.63 24.14
N GLY C 345 32.10 10.69 24.56
CA GLY C 345 31.94 11.19 25.91
C GLY C 345 30.55 11.73 26.17
N SER C 346 29.95 12.38 25.19
CA SER C 346 28.60 12.90 25.36
C SER C 346 27.58 11.78 25.51
N ILE C 347 27.80 10.66 24.82
CA ILE C 347 26.91 9.51 24.98
C ILE C 347 27.08 8.88 26.35
N LEU C 348 28.32 8.59 26.74
CA LEU C 348 28.56 7.90 28.01
C LEU C 348 28.16 8.76 29.20
N ALA C 349 28.35 10.07 29.11
CA ALA C 349 27.97 10.96 30.21
C ALA C 349 26.46 11.15 30.32
N SER C 350 25.68 10.65 29.37
CA SER C 350 24.23 10.66 29.46
C SER C 350 23.68 9.38 30.09
N LEU C 351 24.55 8.51 30.60
CA LEU C 351 24.16 7.22 31.18
C LEU C 351 24.37 7.28 32.68
N SER C 352 23.31 7.08 33.45
CA SER C 352 23.40 7.27 34.89
C SER C 352 24.34 6.27 35.54
N THR C 353 24.43 5.04 35.01
CA THR C 353 25.38 4.08 35.56
C THR C 353 26.82 4.51 35.30
N PHE C 354 27.09 5.17 34.18
CA PHE C 354 28.44 5.69 33.95
C PHE C 354 28.76 6.79 34.95
N GLN C 355 27.82 7.72 35.16
CA GLN C 355 28.03 8.78 36.13
C GLN C 355 28.14 8.25 37.56
N GLN C 356 27.62 7.05 37.82
CA GLN C 356 27.75 6.47 39.16
C GLN C 356 29.20 6.22 39.52
N MET C 357 30.07 6.03 38.53
CA MET C 357 31.48 5.77 38.79
C MET C 357 32.29 7.04 38.99
N TRP C 358 31.69 8.21 38.79
CA TRP C 358 32.46 9.44 38.83
C TRP C 358 32.89 9.77 40.25
N ILE C 359 34.05 10.42 40.37
CA ILE C 359 34.53 10.89 41.67
C ILE C 359 33.62 12.03 42.14
N THR C 360 32.99 11.85 43.29
CA THR C 360 32.17 12.91 43.84
C THR C 360 33.05 13.93 44.56
N LYS C 361 32.49 15.14 44.71
CA LYS C 361 33.15 16.18 45.51
C LYS C 361 33.47 15.67 46.90
N GLN C 362 32.54 14.96 47.53
CA GLN C 362 32.76 14.43 48.87
C GLN C 362 33.89 13.42 48.89
N GLU C 363 33.88 12.48 47.93
CA GLU C 363 34.93 11.46 47.88
C GLU C 363 36.31 12.07 47.70
N TYR C 364 36.41 13.19 46.98
CA TYR C 364 37.69 13.85 46.83
C TYR C 364 38.16 14.48 48.14
N ASP C 365 37.23 15.05 48.91
CA ASP C 365 37.60 15.75 50.13
C ASP C 365 38.18 14.80 51.18
N GLU C 366 37.91 13.51 51.08
CA GLU C 366 38.36 12.54 52.06
C GLU C 366 39.57 11.74 51.61
N ALA C 367 39.81 11.64 50.31
CA ALA C 367 40.90 10.84 49.78
C ALA C 367 41.97 11.64 49.04
N GLY C 368 41.61 12.79 48.45
CA GLY C 368 42.56 13.59 47.74
C GLY C 368 42.71 13.16 46.29
N PRO C 369 43.74 13.68 45.61
CA PRO C 369 43.87 13.42 44.16
C PRO C 369 44.12 11.97 43.80
N SER C 370 44.62 11.13 44.72
CA SER C 370 44.92 9.75 44.36
C SER C 370 43.66 8.92 44.12
N ILE C 371 42.48 9.46 44.38
CA ILE C 371 41.23 8.74 44.16
C ILE C 371 41.00 8.45 42.68
N VAL C 372 41.71 9.16 41.79
CA VAL C 372 41.47 8.98 40.35
C VAL C 372 41.94 7.62 39.89
N HIS C 373 42.95 7.03 40.55
CA HIS C 373 43.42 5.70 40.16
C HIS C 373 42.44 4.60 40.57
N ARG C 374 41.53 4.88 41.49
CA ARG C 374 40.60 3.88 41.98
C ARG C 374 39.22 3.97 41.34
N LYS C 375 38.91 5.06 40.64
CA LYS C 375 37.58 5.25 40.08
C LYS C 375 37.56 5.34 38.57
N CYS C 376 38.54 6.00 37.95
CA CYS C 376 38.51 6.31 36.53
C CYS C 376 39.31 5.28 35.76
N PHE C 377 38.63 4.47 34.94
CA PHE C 377 39.29 3.47 34.10
C PHE C 377 38.84 3.59 32.65
N GLU D 8 41.25 -7.24 39.38
CA GLU D 8 41.77 -5.93 39.73
C GLU D 8 40.70 -5.10 40.47
N LEU D 9 41.00 -3.83 40.67
CA LEU D 9 40.01 -2.91 41.22
C LEU D 9 39.07 -2.39 40.14
N GLU D 10 39.52 -2.38 38.88
CA GLU D 10 38.66 -1.93 37.80
C GLU D 10 37.43 -2.81 37.66
N LYS D 11 37.63 -4.13 37.66
CA LYS D 11 36.48 -5.05 37.61
C LYS D 11 35.54 -4.80 38.77
N LYS D 12 36.08 -4.44 39.93
CA LYS D 12 35.23 -4.18 41.10
C LYS D 12 34.34 -2.97 40.88
N VAL D 13 34.90 -1.89 40.33
CA VAL D 13 34.14 -0.66 40.16
C VAL D 13 33.07 -0.83 39.09
N LYS D 14 33.41 -1.47 37.96
CA LYS D 14 32.45 -1.63 36.88
C LYS D 14 31.32 -2.58 37.27
N LEU D 15 31.61 -3.59 38.08
CA LEU D 15 30.55 -4.48 38.56
C LEU D 15 29.58 -3.73 39.47
N GLU D 16 30.10 -2.83 40.31
CA GLU D 16 29.22 -2.02 41.16
C GLU D 16 28.35 -1.08 40.33
N ALA D 17 28.91 -0.50 39.28
CA ALA D 17 28.13 0.39 38.42
C ALA D 17 26.99 -0.35 37.74
N SER D 18 27.25 -1.58 37.28
CA SER D 18 26.21 -2.36 36.61
C SER D 18 25.06 -2.73 37.54
N GLN D 19 25.26 -2.61 38.86
CA GLN D 19 24.20 -2.92 39.80
C GLN D 19 23.10 -1.87 39.81
N HIS D 20 23.35 -0.69 39.28
CA HIS D 20 22.40 0.41 39.32
C HIS D 20 21.58 0.52 38.05
N GLU D 21 21.57 -0.51 37.21
CA GLU D 21 20.76 -0.56 36.01
C GLU D 21 19.63 -1.57 36.25
N ASP D 22 18.40 -1.07 36.35
CA ASP D 22 17.26 -1.92 36.67
C ASP D 22 16.96 -2.94 35.59
N ALA D 23 17.45 -2.75 34.37
CA ALA D 23 17.14 -3.68 33.29
C ALA D 23 17.83 -5.02 33.46
N TRP D 24 18.93 -5.09 34.20
CA TRP D 24 19.66 -6.33 34.38
C TRP D 24 19.11 -7.20 35.51
N LYS D 25 18.21 -6.66 36.35
CA LYS D 25 17.67 -7.43 37.47
C LYS D 25 16.92 -8.65 36.97
N GLY D 26 17.42 -9.83 37.32
CA GLY D 26 16.81 -11.08 36.90
C GLY D 26 17.20 -11.56 35.52
N ALA D 27 18.13 -10.86 34.85
CA ALA D 27 18.53 -11.26 33.51
C ALA D 27 19.47 -12.44 33.56
N GLY D 28 19.36 -13.33 32.56
CA GLY D 28 20.28 -14.43 32.42
C GLY D 28 20.12 -15.55 33.42
N LYS D 29 18.92 -15.72 33.99
CA LYS D 29 18.70 -16.76 34.99
C LYS D 29 18.13 -18.05 34.40
N GLN D 30 17.45 -17.97 33.25
CA GLN D 30 16.85 -19.13 32.61
C GLN D 30 17.17 -19.12 31.12
N VAL D 31 17.18 -20.30 30.52
CA VAL D 31 17.42 -20.41 29.08
C VAL D 31 16.33 -19.65 28.34
N GLY D 32 16.73 -18.84 27.38
CA GLY D 32 15.80 -18.04 26.62
C GLY D 32 16.46 -16.79 26.07
N VAL D 33 15.63 -15.94 25.48
CA VAL D 33 16.07 -14.72 24.80
C VAL D 33 15.43 -13.53 25.50
N GLU D 34 16.25 -12.61 25.98
CA GLU D 34 15.78 -11.37 26.57
C GLU D 34 16.21 -10.20 25.69
N ILE D 35 15.30 -9.25 25.49
CA ILE D 35 15.47 -8.20 24.50
C ILE D 35 15.13 -6.85 25.13
N TRP D 36 16.05 -5.90 25.00
CA TRP D 36 15.82 -4.51 25.39
C TRP D 36 16.06 -3.62 24.18
N ARG D 37 15.39 -2.46 24.18
CA ARG D 37 15.62 -1.42 23.18
C ARG D 37 16.15 -0.17 23.86
N ILE D 38 17.12 0.49 23.22
CA ILE D 38 17.59 1.77 23.70
C ILE D 38 16.56 2.84 23.34
N GLN D 39 16.12 3.59 24.34
CA GLN D 39 15.10 4.63 24.14
C GLN D 39 15.56 5.89 24.87
N GLN D 40 16.15 6.82 24.13
CA GLN D 40 16.70 8.06 24.67
C GLN D 40 17.60 7.80 25.88
N PHE D 41 18.64 7.00 25.63
CA PHE D 41 19.73 6.63 26.54
C PHE D 41 19.30 5.61 27.60
N LYS D 42 18.05 5.20 27.66
CA LYS D 42 17.59 4.24 28.65
C LYS D 42 17.52 2.84 28.05
N VAL D 43 17.77 1.83 28.90
CA VAL D 43 17.60 0.44 28.51
C VAL D 43 16.19 0.02 28.91
N VAL D 44 15.33 -0.19 27.92
CA VAL D 44 13.91 -0.46 28.14
C VAL D 44 13.60 -1.86 27.65
N PRO D 45 13.03 -2.73 28.47
CA PRO D 45 12.69 -4.09 28.02
C PRO D 45 11.67 -4.05 26.89
N VAL D 46 11.82 -4.98 25.96
CA VAL D 46 10.88 -5.15 24.85
C VAL D 46 9.83 -6.18 25.27
N PRO D 47 8.54 -5.86 25.17
CA PRO D 47 7.52 -6.82 25.60
C PRO D 47 7.60 -8.10 24.77
N LYS D 48 7.37 -9.24 25.43
CA LYS D 48 7.56 -10.54 24.80
C LYS D 48 6.73 -10.66 23.52
N LYS D 49 5.55 -10.03 23.48
CA LYS D 49 4.73 -10.05 22.28
C LYS D 49 5.39 -9.33 21.10
N HIS D 50 6.51 -8.65 21.32
CA HIS D 50 7.19 -7.91 20.26
C HIS D 50 8.58 -8.45 19.96
N HIS D 51 9.02 -9.49 20.65
CA HIS D 51 10.32 -10.08 20.37
C HIS D 51 10.37 -10.59 18.94
N GLY D 52 11.47 -10.32 18.25
CA GLY D 52 11.64 -10.68 16.86
C GLY D 52 11.37 -9.55 15.89
N SER D 53 10.58 -8.56 16.29
CA SER D 53 10.36 -7.37 15.49
C SER D 53 11.33 -6.28 15.95
N PHE D 54 12.08 -5.72 15.02
CA PHE D 54 13.08 -4.71 15.31
C PHE D 54 12.86 -3.52 14.41
N TYR D 55 12.86 -2.32 15.00
CA TYR D 55 12.69 -1.09 14.21
C TYR D 55 14.00 -0.73 13.55
N THR D 56 13.94 -0.43 12.25
CA THR D 56 15.15 -0.14 11.50
C THR D 56 15.86 1.10 12.00
N GLY D 57 15.17 1.99 12.71
CA GLY D 57 15.77 3.21 13.21
C GLY D 57 16.27 3.14 14.63
N ASP D 58 16.33 1.96 15.24
CA ASP D 58 16.64 1.82 16.65
C ASP D 58 17.79 0.83 16.85
N SER D 59 18.26 0.78 18.10
CA SER D 59 19.31 -0.14 18.53
C SER D 59 18.80 -0.97 19.69
N TYR D 60 19.30 -2.21 19.79
CA TYR D 60 18.76 -3.18 20.72
C TYR D 60 19.91 -3.91 21.41
N ILE D 61 19.57 -4.57 22.52
CA ILE D 61 20.45 -5.52 23.18
C ILE D 61 19.69 -6.83 23.32
N VAL D 62 20.26 -7.91 22.81
CA VAL D 62 19.62 -9.23 22.81
C VAL D 62 20.54 -10.19 23.55
N LEU D 63 20.09 -10.68 24.71
CA LEU D 63 20.85 -11.61 25.52
C LEU D 63 20.29 -13.01 25.36
N SER D 64 21.10 -13.93 24.85
CA SER D 64 20.71 -15.32 24.70
C SER D 64 21.37 -16.15 25.79
N THR D 65 20.55 -16.73 26.66
CA THR D 65 21.01 -17.65 27.69
C THR D 65 20.75 -19.07 27.21
N TYR D 66 21.79 -19.90 27.21
CA TYR D 66 21.67 -21.23 26.64
C TYR D 66 22.58 -22.20 27.40
N HIS D 67 22.30 -23.49 27.24
CA HIS D 67 23.15 -24.53 27.79
C HIS D 67 24.26 -24.85 26.80
N PRO D 68 25.52 -24.59 27.12
CA PRO D 68 26.60 -24.99 26.21
C PRO D 68 26.78 -26.50 26.22
N LYS D 69 27.13 -27.04 25.06
CA LYS D 69 27.38 -28.48 25.02
C LYS D 69 28.63 -28.84 25.81
N THR D 70 29.60 -27.94 25.89
CA THR D 70 30.80 -28.13 26.70
C THR D 70 30.47 -27.80 28.15
N ASN D 71 30.41 -28.83 29.01
CA ASN D 71 29.98 -28.71 30.40
C ASN D 71 28.60 -28.06 30.46
N PRO D 72 27.53 -28.81 30.19
CA PRO D 72 26.20 -28.19 30.13
C PRO D 72 25.62 -27.79 31.47
N ASP D 73 26.32 -28.08 32.58
CA ASP D 73 25.79 -27.73 33.90
C ASP D 73 25.61 -26.24 34.05
N LYS D 74 26.49 -25.44 33.47
CA LYS D 74 26.43 -23.99 33.63
C LYS D 74 25.52 -23.38 32.56
N LEU D 75 25.35 -22.07 32.63
CA LEU D 75 24.64 -21.30 31.62
C LEU D 75 25.65 -20.43 30.88
N ALA D 76 25.61 -20.50 29.55
CA ALA D 76 26.45 -19.66 28.71
C ALA D 76 25.61 -18.53 28.12
N TYR D 77 26.29 -17.44 27.76
CA TYR D 77 25.62 -16.24 27.31
C TYR D 77 26.25 -15.71 26.03
N ASP D 78 25.42 -15.44 25.03
CA ASP D 78 25.76 -14.57 23.92
C ASP D 78 24.94 -13.30 24.08
N VAL D 79 25.62 -12.16 24.17
CA VAL D 79 24.94 -10.86 24.19
C VAL D 79 25.17 -10.20 22.85
N HIS D 80 24.09 -10.00 22.09
CA HIS D 80 24.14 -9.29 20.83
C HIS D 80 23.54 -7.91 21.02
N PHE D 81 24.19 -6.90 20.44
CA PHE D 81 23.53 -5.62 20.24
C PHE D 81 23.33 -5.43 18.75
N TRP D 82 22.12 -5.02 18.38
CA TRP D 82 21.66 -4.97 17.00
C TRP D 82 21.45 -3.52 16.61
N LEU D 83 22.10 -3.10 15.52
CA LEU D 83 22.09 -1.71 15.05
C LEU D 83 21.24 -1.62 13.79
N GLY D 84 20.12 -0.92 13.89
CA GLY D 84 19.27 -0.73 12.74
C GLY D 84 19.95 0.12 11.67
N ALA D 85 19.50 -0.06 10.43
CA ALA D 85 20.09 0.69 9.32
C ALA D 85 19.98 2.19 9.50
N PHE D 86 19.01 2.66 10.29
CA PHE D 86 18.79 4.09 10.47
C PHE D 86 18.91 4.54 11.92
N THR D 87 19.53 3.72 12.76
CA THR D 87 19.69 4.10 14.15
C THR D 87 20.70 5.25 14.28
N THR D 88 20.47 6.12 15.26
CA THR D 88 21.33 7.28 15.43
C THR D 88 22.50 6.96 16.34
N GLN D 89 23.51 7.83 16.30
CA GLN D 89 24.77 7.57 16.98
C GLN D 89 24.59 7.35 18.47
N ASP D 90 23.72 8.13 19.11
CA ASP D 90 23.48 7.97 20.54
C ASP D 90 22.94 6.58 20.85
N GLU D 91 22.06 6.06 19.99
CA GLU D 91 21.48 4.75 20.26
C GLU D 91 22.50 3.64 20.08
N ALA D 92 23.35 3.73 19.05
CA ALA D 92 24.34 2.69 18.83
C ALA D 92 25.43 2.75 19.89
N GLY D 93 25.84 3.96 20.28
CA GLY D 93 26.85 4.08 21.32
C GLY D 93 26.36 3.55 22.66
N THR D 94 25.10 3.84 23.01
CA THR D 94 24.55 3.34 24.26
C THR D 94 24.44 1.83 24.25
N ALA D 95 23.90 1.27 23.16
CA ALA D 95 23.80 -0.19 23.06
C ALA D 95 25.16 -0.84 23.22
N ALA D 96 26.19 -0.27 22.59
CA ALA D 96 27.54 -0.79 22.76
C ALA D 96 27.98 -0.73 24.21
N TYR D 97 27.79 0.43 24.86
CA TYR D 97 28.24 0.56 26.25
C TYR D 97 27.48 -0.39 27.16
N LYS D 98 26.15 -0.43 27.02
CA LYS D 98 25.35 -1.25 27.93
C LYS D 98 25.53 -2.73 27.68
N THR D 99 25.98 -3.11 26.47
CA THR D 99 26.37 -4.49 26.23
C THR D 99 27.57 -4.88 27.08
N VAL D 100 28.60 -4.03 27.11
CA VAL D 100 29.74 -4.28 27.98
C VAL D 100 29.30 -4.31 29.43
N GLU D 101 28.34 -3.48 29.80
CA GLU D 101 27.89 -3.42 31.19
C GLU D 101 27.18 -4.70 31.59
N LEU D 102 26.25 -5.18 30.76
CA LEU D 102 25.59 -6.45 31.02
C LEU D 102 26.61 -7.59 31.07
N ASP D 103 27.60 -7.57 30.18
CA ASP D 103 28.73 -8.49 30.27
C ASP D 103 29.38 -8.42 31.64
N ASP D 104 29.74 -7.21 32.08
CA ASP D 104 30.27 -7.02 33.43
C ASP D 104 29.31 -7.59 34.47
N TYR D 105 28.02 -7.27 34.33
CA TYR D 105 27.01 -7.73 35.28
C TYR D 105 27.02 -9.24 35.43
N LEU D 106 27.13 -9.97 34.31
CA LEU D 106 27.21 -11.43 34.33
C LEU D 106 28.65 -11.92 34.46
N GLY D 107 29.53 -11.12 35.07
CA GLY D 107 30.86 -11.58 35.42
C GLY D 107 31.80 -11.85 34.27
N GLY D 108 31.62 -11.16 33.14
CA GLY D 108 32.46 -11.41 31.99
C GLY D 108 32.12 -12.64 31.17
N LEU D 109 31.17 -13.46 31.64
CA LEU D 109 30.82 -14.68 30.91
C LEU D 109 30.24 -14.44 29.53
N PRO D 110 29.34 -13.48 29.29
CA PRO D 110 28.77 -13.33 27.94
C PRO D 110 29.82 -13.00 26.89
N VAL D 111 29.63 -13.55 25.69
CA VAL D 111 30.43 -13.23 24.53
C VAL D 111 29.67 -12.19 23.71
N GLN D 112 30.34 -11.10 23.35
CA GLN D 112 29.68 -9.96 22.74
C GLN D 112 29.65 -10.08 21.22
N TYR D 113 28.51 -9.73 20.63
CA TYR D 113 28.29 -9.78 19.20
C TYR D 113 27.69 -8.47 18.74
N ARG D 114 28.31 -7.85 17.74
CA ARG D 114 27.77 -6.68 17.07
C ARG D 114 27.02 -7.13 15.82
N GLU D 115 25.72 -6.90 15.77
CA GLU D 115 24.91 -7.23 14.61
C GLU D 115 24.38 -5.95 13.99
N VAL D 116 24.57 -5.82 12.68
CA VAL D 116 23.98 -4.71 11.93
C VAL D 116 22.90 -5.28 11.01
N GLN D 117 21.86 -4.48 10.80
CA GLN D 117 20.70 -4.90 10.02
C GLN D 117 21.13 -5.39 8.64
N GLY D 118 20.68 -6.59 8.28
CA GLY D 118 20.99 -7.19 7.01
C GLY D 118 22.29 -7.98 6.96
N TYR D 119 23.10 -7.93 8.02
CA TYR D 119 24.36 -8.65 8.07
C TYR D 119 24.51 -9.38 9.40
N GLU D 120 23.40 -9.85 9.97
CA GLU D 120 23.45 -10.46 11.29
C GLU D 120 24.14 -11.82 11.23
N SER D 121 24.71 -12.22 12.35
CA SER D 121 25.41 -13.52 12.48
C SER D 121 24.39 -14.65 12.43
N GLU D 122 24.86 -15.88 12.24
CA GLU D 122 23.96 -17.04 12.27
C GLU D 122 23.52 -17.25 13.73
N ARG D 123 24.41 -16.98 14.67
CA ARG D 123 24.06 -17.15 16.10
C ARG D 123 22.85 -16.26 16.41
N PHE D 124 22.88 -15.04 15.91
CA PHE D 124 21.77 -14.12 16.15
C PHE D 124 20.50 -14.58 15.43
N LEU D 125 20.63 -14.96 14.17
CA LEU D 125 19.46 -15.34 13.38
C LEU D 125 18.80 -16.59 13.94
N SER D 126 19.59 -17.54 14.45
CA SER D 126 19.04 -18.78 14.99
C SER D 126 18.22 -18.57 16.25
N LEU D 127 18.21 -17.35 16.82
CA LEU D 127 17.42 -17.09 18.01
C LEU D 127 15.93 -16.98 17.70
N PHE D 128 15.56 -16.77 16.45
CA PHE D 128 14.17 -16.57 16.08
C PHE D 128 13.71 -17.63 15.09
N PRO D 129 12.45 -18.10 15.20
CA PRO D 129 11.92 -19.21 14.39
C PRO D 129 11.81 -18.88 12.90
N GLY D 132 9.34 -14.64 12.09
CA GLY D 132 10.42 -14.68 13.06
C GLY D 132 11.13 -13.35 13.24
N LEU D 133 12.10 -13.08 12.36
CA LEU D 133 12.90 -11.86 12.43
C LEU D 133 12.36 -10.87 11.40
N ARG D 134 11.59 -9.89 11.87
CA ARG D 134 10.96 -8.90 11.00
C ARG D 134 11.46 -7.50 11.33
N ILE D 135 11.83 -6.76 10.30
CA ILE D 135 12.28 -5.38 10.43
C ILE D 135 11.10 -4.46 10.16
N LEU D 136 10.90 -3.47 11.03
CA LEU D 136 9.79 -2.53 10.92
C LEU D 136 10.30 -1.13 10.62
N ASP D 137 9.49 -0.37 9.87
CA ASP D 137 9.81 1.02 9.60
C ASP D 137 9.63 1.88 10.84
N GLY D 138 10.44 2.92 10.95
CA GLY D 138 10.35 3.85 12.06
C GLY D 138 11.39 3.61 13.12
N GLY D 139 11.10 4.13 14.31
CA GLY D 139 12.01 4.03 15.43
C GLY D 139 11.79 5.11 16.48
N VAL D 140 12.15 4.82 17.73
CA VAL D 140 12.04 5.81 18.78
C VAL D 140 13.02 6.96 18.50
N GLU D 141 12.62 8.17 18.86
CA GLU D 141 13.39 9.37 18.54
C GLU D 141 14.75 9.34 19.23
N THR D 142 15.73 9.98 18.59
CA THR D 142 17.07 10.08 19.16
C THR D 142 17.03 10.77 20.52
N GLY D 143 17.98 10.42 21.38
CA GLY D 143 18.15 11.13 22.63
C GLY D 143 19.00 12.37 22.52
N PHE D 144 19.72 12.53 21.41
CA PHE D 144 20.59 13.68 21.21
C PHE D 144 19.77 14.96 21.12
N HIS D 145 20.35 16.05 21.63
CA HIS D 145 19.91 17.39 21.25
C HIS D 145 20.82 17.88 20.12
N HIS D 146 20.21 18.28 19.01
CA HIS D 146 20.99 18.70 17.86
C HIS D 146 21.55 20.10 18.09
N VAL D 147 22.84 20.27 17.81
CA VAL D 147 23.50 21.57 17.89
C VAL D 147 23.62 22.13 16.48
N GLU D 148 23.15 23.35 16.28
CA GLU D 148 23.35 24.02 15.00
C GLU D 148 24.62 24.87 15.05
N THR E 7 -37.77 -9.07 -7.00
CA THR E 7 -37.45 -8.54 -5.68
C THR E 7 -36.45 -7.38 -5.84
N THR E 8 -36.23 -6.65 -4.74
CA THR E 8 -35.41 -5.44 -4.76
C THR E 8 -34.05 -5.70 -5.39
N ALA E 9 -33.54 -4.69 -6.09
CA ALA E 9 -32.21 -4.76 -6.66
C ALA E 9 -31.17 -4.54 -5.57
N LEU E 10 -30.01 -5.18 -5.74
CA LEU E 10 -28.89 -5.03 -4.82
C LEU E 10 -27.88 -4.03 -5.38
N VAL E 11 -27.23 -3.30 -4.48
CA VAL E 11 -26.15 -2.38 -4.84
C VAL E 11 -24.92 -2.80 -4.06
N CYS E 12 -23.86 -3.17 -4.76
CA CYS E 12 -22.65 -3.65 -4.10
C CYS E 12 -21.47 -2.85 -4.63
N ASP E 13 -20.85 -2.07 -3.75
CA ASP E 13 -19.74 -1.19 -4.10
C ASP E 13 -18.45 -1.80 -3.54
N ASN E 14 -17.68 -2.45 -4.40
CA ASN E 14 -16.46 -3.14 -3.99
C ASN E 14 -15.29 -2.15 -4.01
N GLY E 15 -14.65 -1.98 -2.86
CA GLY E 15 -13.45 -1.17 -2.75
C GLY E 15 -12.23 -2.01 -2.42
N SER E 16 -11.07 -1.34 -2.41
CA SER E 16 -9.81 -2.03 -2.09
C SER E 16 -9.78 -2.47 -0.64
N GLY E 17 -10.36 -1.67 0.26
CA GLY E 17 -10.33 -2.00 1.67
C GLY E 17 -11.66 -2.44 2.26
N LEU E 18 -12.76 -1.99 1.69
CA LEU E 18 -14.07 -2.24 2.28
C LEU E 18 -15.11 -2.55 1.21
N VAL E 19 -16.00 -3.49 1.53
CA VAL E 19 -17.17 -3.76 0.71
C VAL E 19 -18.34 -2.99 1.30
N LYS E 20 -19.09 -2.30 0.44
CA LYS E 20 -20.33 -1.63 0.84
C LYS E 20 -21.46 -2.22 0.02
N ALA E 21 -22.42 -2.86 0.69
CA ALA E 21 -23.50 -3.56 0.00
C ALA E 21 -24.83 -3.30 0.68
N GLY E 22 -25.90 -3.37 -0.11
CA GLY E 22 -27.22 -3.12 0.42
C GLY E 22 -28.26 -3.21 -0.67
N PHE E 23 -29.43 -2.61 -0.43
CA PHE E 23 -30.57 -2.70 -1.33
C PHE E 23 -30.86 -1.33 -1.94
N ALA E 24 -31.14 -1.32 -3.24
CA ALA E 24 -31.55 -0.09 -3.91
C ALA E 24 -32.77 0.51 -3.22
N GLY E 25 -32.70 1.82 -2.95
CA GLY E 25 -33.75 2.52 -2.25
C GLY E 25 -33.46 2.76 -0.78
N ASP E 26 -32.51 2.05 -0.20
CA ASP E 26 -32.06 2.35 1.15
C ASP E 26 -31.17 3.57 1.14
N ASP E 27 -31.15 4.29 2.27
CA ASP E 27 -30.34 5.50 2.37
C ASP E 27 -28.92 5.21 2.86
N ALA E 28 -28.57 3.95 3.10
CA ALA E 28 -27.25 3.59 3.58
C ALA E 28 -27.02 2.12 3.28
N PRO E 29 -25.76 1.68 3.14
CA PRO E 29 -25.51 0.25 2.97
C PRO E 29 -25.79 -0.51 4.26
N ARG E 30 -26.36 -1.70 4.12
CA ARG E 30 -26.62 -2.55 5.28
C ARG E 30 -25.44 -3.42 5.66
N ALA E 31 -24.49 -3.63 4.74
CA ALA E 31 -23.32 -4.46 4.98
C ALA E 31 -22.06 -3.69 4.64
N VAL E 32 -21.14 -3.58 5.60
CA VAL E 32 -19.84 -2.96 5.40
C VAL E 32 -18.81 -3.85 6.09
N PHE E 33 -17.93 -4.48 5.32
CA PHE E 33 -16.97 -5.41 5.88
C PHE E 33 -15.68 -5.33 5.09
N PRO E 34 -14.54 -5.70 5.71
CA PRO E 34 -13.26 -5.60 5.00
C PRO E 34 -13.16 -6.54 3.82
N SER E 35 -12.60 -6.04 2.73
CA SER E 35 -12.46 -6.80 1.49
C SER E 35 -11.16 -7.61 1.55
N ILE E 36 -11.18 -8.63 2.41
CA ILE E 36 -10.02 -9.48 2.66
C ILE E 36 -10.47 -10.94 2.65
N VAL E 37 -9.61 -11.81 2.12
CA VAL E 37 -9.83 -13.25 2.15
C VAL E 37 -8.71 -13.88 2.98
N GLY E 38 -9.10 -14.71 3.94
CA GLY E 38 -8.15 -15.35 4.84
C GLY E 38 -8.05 -16.84 4.60
N ARG E 39 -6.87 -17.39 4.86
CA ARG E 39 -6.62 -18.81 4.63
C ARG E 39 -5.61 -19.29 5.68
N PRO E 40 -5.71 -20.55 6.12
CA PRO E 40 -4.77 -21.12 7.10
C PRO E 40 -3.37 -21.31 6.54
N SER E 54 -11.36 -21.45 4.10
CA SER E 54 -11.25 -20.03 3.77
C SER E 54 -12.13 -19.19 4.67
N TYR E 55 -11.71 -17.94 4.92
CA TYR E 55 -12.45 -17.01 5.74
C TYR E 55 -12.45 -15.65 5.08
N VAL E 56 -13.59 -14.96 5.18
CA VAL E 56 -13.79 -13.67 4.53
C VAL E 56 -14.26 -12.66 5.57
N GLY E 57 -13.82 -11.42 5.42
CA GLY E 57 -14.38 -10.33 6.20
C GLY E 57 -13.77 -10.23 7.58
N ASP E 58 -14.61 -10.01 8.58
CA ASP E 58 -14.14 -9.75 9.93
C ASP E 58 -13.67 -11.01 10.67
N GLU E 59 -13.95 -12.20 10.14
CA GLU E 59 -13.43 -13.42 10.77
C GLU E 59 -12.25 -14.01 10.02
N ALA E 60 -11.94 -13.51 8.82
CA ALA E 60 -10.56 -13.60 8.35
C ALA E 60 -9.65 -12.73 9.21
N GLN E 61 -10.21 -11.71 9.85
CA GLN E 61 -9.51 -10.94 10.88
C GLN E 61 -9.42 -11.77 12.17
N SER E 62 -10.55 -11.99 12.81
CA SER E 62 -10.61 -12.72 14.08
C SER E 62 -10.35 -14.20 13.87
N THR E 68 -2.79 -16.18 6.54
CA THR E 68 -2.50 -15.36 5.37
C THR E 68 -3.74 -14.56 4.95
N LEU E 69 -3.53 -13.26 4.75
CA LEU E 69 -4.59 -12.34 4.35
C LEU E 69 -4.25 -11.76 2.99
N LYS E 70 -5.20 -11.79 2.07
CA LYS E 70 -5.01 -11.27 0.72
C LYS E 70 -6.12 -10.29 0.37
N TYR E 71 -5.74 -9.21 -0.31
CA TYR E 71 -6.71 -8.24 -0.78
C TYR E 71 -7.01 -8.54 -2.24
N PRO E 72 -8.21 -9.00 -2.57
CA PRO E 72 -8.52 -9.29 -3.99
C PRO E 72 -8.50 -8.05 -4.87
N ILE E 73 -8.76 -6.87 -4.31
CA ILE E 73 -8.78 -5.62 -5.05
C ILE E 73 -7.55 -4.80 -4.65
N GLU E 74 -6.76 -4.40 -5.63
CA GLU E 74 -5.57 -3.61 -5.38
C GLU E 74 -5.66 -2.28 -6.11
N GLY E 76 -7.99 -0.30 -6.20
CA GLY E 76 -9.31 -0.18 -6.80
C GLY E 76 -9.60 -1.15 -7.91
N ILE E 77 -8.60 -1.94 -8.31
CA ILE E 77 -8.72 -2.88 -9.42
C ILE E 77 -8.72 -4.29 -8.87
N ILE E 78 -9.62 -5.12 -9.39
CA ILE E 78 -9.66 -6.54 -9.02
C ILE E 78 -8.47 -7.24 -9.66
N THR E 79 -7.62 -7.85 -8.83
CA THR E 79 -6.48 -8.59 -9.33
C THR E 79 -6.45 -10.05 -8.92
N ASN E 80 -7.21 -10.45 -7.90
CA ASN E 80 -7.36 -11.85 -7.51
C ASN E 80 -8.82 -12.23 -7.77
N TRP E 81 -9.06 -12.89 -8.90
CA TRP E 81 -10.44 -13.16 -9.32
C TRP E 81 -11.07 -14.31 -8.55
N ASP E 82 -10.29 -15.31 -8.16
CA ASP E 82 -10.86 -16.41 -7.39
C ASP E 82 -11.19 -15.98 -5.97
N ASP E 83 -10.42 -15.06 -5.40
CA ASP E 83 -10.73 -14.52 -4.09
C ASP E 83 -11.85 -13.48 -4.14
N MET E 84 -11.97 -12.76 -5.27
CA MET E 84 -13.08 -11.84 -5.43
C MET E 84 -14.40 -12.58 -5.44
N GLU E 85 -14.40 -13.82 -5.94
CA GLU E 85 -15.60 -14.64 -5.90
C GLU E 85 -15.99 -14.97 -4.46
N LYS E 86 -15.00 -15.21 -3.60
CA LYS E 86 -15.30 -15.46 -2.20
C LYS E 86 -15.85 -14.22 -1.51
N ILE E 87 -15.37 -13.03 -1.92
CA ILE E 87 -15.93 -11.79 -1.39
C ILE E 87 -17.39 -11.66 -1.77
N TRP E 88 -17.71 -11.87 -3.05
CA TRP E 88 -19.09 -11.74 -3.51
C TRP E 88 -19.98 -12.83 -2.92
N HIS E 89 -19.48 -14.07 -2.85
CA HIS E 89 -20.18 -15.13 -2.16
C HIS E 89 -20.51 -14.74 -0.73
N HIS E 90 -19.51 -14.22 -0.02
CA HIS E 90 -19.71 -13.77 1.36
C HIS E 90 -20.68 -12.60 1.42
N THR E 91 -20.71 -11.75 0.38
CA THR E 91 -21.62 -10.62 0.36
C THR E 91 -23.07 -11.10 0.28
N PHE E 92 -23.36 -11.99 -0.66
CA PHE E 92 -24.74 -12.44 -0.87
C PHE E 92 -25.24 -13.28 0.30
N TYR E 93 -24.48 -14.31 0.67
CA TYR E 93 -25.00 -15.35 1.55
C TYR E 93 -24.71 -15.11 3.02
N ASN E 94 -23.60 -14.47 3.37
CA ASN E 94 -23.25 -14.26 4.76
C ASN E 94 -23.69 -12.90 5.29
N GLU E 95 -23.46 -11.83 4.52
CA GLU E 95 -23.80 -10.49 5.00
C GLU E 95 -25.26 -10.14 4.73
N LEU E 96 -25.65 -10.10 3.46
CA LEU E 96 -27.01 -9.70 3.11
C LEU E 96 -28.01 -10.84 3.27
N ARG E 97 -27.56 -12.10 3.11
CA ARG E 97 -28.41 -13.29 3.24
C ARG E 97 -29.55 -13.26 2.22
N VAL E 98 -29.17 -13.20 0.95
CA VAL E 98 -30.13 -13.18 -0.15
C VAL E 98 -29.74 -14.24 -1.16
N ALA E 99 -30.73 -14.67 -1.95
CA ALA E 99 -30.47 -15.50 -3.11
C ALA E 99 -30.10 -14.58 -4.25
N PRO E 100 -28.85 -14.59 -4.73
CA PRO E 100 -28.49 -13.67 -5.83
C PRO E 100 -29.30 -13.89 -7.09
N GLU E 101 -29.87 -15.08 -7.29
CA GLU E 101 -30.62 -15.35 -8.50
C GLU E 101 -31.93 -14.58 -8.56
N GLU E 102 -32.43 -14.08 -7.43
CA GLU E 102 -33.67 -13.32 -7.43
C GLU E 102 -33.44 -11.82 -7.24
N HIS E 103 -32.22 -11.34 -7.48
CA HIS E 103 -31.94 -9.93 -7.27
C HIS E 103 -31.08 -9.35 -8.39
N PRO E 104 -31.63 -8.47 -9.23
CA PRO E 104 -30.78 -7.70 -10.14
C PRO E 104 -29.74 -6.94 -9.33
N THR E 105 -28.48 -7.00 -9.79
CA THR E 105 -27.36 -6.52 -9.00
C THR E 105 -26.59 -5.43 -9.73
N LEU E 106 -26.37 -4.32 -9.04
CA LEU E 106 -25.54 -3.23 -9.53
C LEU E 106 -24.20 -3.29 -8.81
N LEU E 107 -23.12 -3.36 -9.57
CA LEU E 107 -21.77 -3.28 -9.03
C LEU E 107 -21.11 -1.99 -9.48
N THR E 108 -19.96 -1.69 -8.88
CA THR E 108 -19.19 -0.51 -9.23
C THR E 108 -17.78 -0.92 -9.65
N GLU E 109 -17.11 -0.01 -10.35
CA GLU E 109 -15.76 -0.26 -10.83
C GLU E 109 -14.96 1.03 -10.79
N ALA E 110 -13.63 0.88 -10.75
CA ALA E 110 -12.74 2.03 -10.76
C ALA E 110 -12.79 2.72 -12.12
N PRO E 111 -12.43 4.00 -12.18
CA PRO E 111 -12.26 4.65 -13.48
C PRO E 111 -11.15 3.99 -14.28
N LEU E 112 -11.35 3.92 -15.60
CA LEU E 112 -10.38 3.33 -16.52
C LEU E 112 -10.15 1.84 -16.25
N ASN E 113 -11.15 1.18 -15.67
CA ASN E 113 -11.08 -0.25 -15.44
C ASN E 113 -10.91 -0.99 -16.76
N PRO E 114 -9.97 -1.94 -16.86
CA PRO E 114 -9.76 -2.62 -18.13
C PRO E 114 -10.97 -3.43 -18.57
N LYS E 115 -11.01 -3.73 -19.87
CA LYS E 115 -12.15 -4.45 -20.44
C LYS E 115 -12.19 -5.90 -19.97
N ALA E 116 -11.02 -6.52 -19.79
CA ALA E 116 -10.98 -7.88 -19.30
C ALA E 116 -11.61 -7.98 -17.91
N ASN E 117 -11.40 -6.95 -17.08
CA ASN E 117 -11.97 -6.97 -15.74
C ASN E 117 -13.50 -6.92 -15.77
N ARG E 118 -14.06 -6.14 -16.69
CA ARG E 118 -15.51 -6.00 -16.74
C ARG E 118 -16.18 -7.29 -17.20
N GLU E 119 -15.55 -8.02 -18.12
CA GLU E 119 -16.12 -9.27 -18.59
C GLU E 119 -16.11 -10.34 -17.50
N LYS E 120 -14.99 -10.45 -16.76
CA LYS E 120 -14.91 -11.43 -15.70
C LYS E 120 -15.92 -11.14 -14.60
N MET E 121 -16.09 -9.86 -14.26
CA MET E 121 -17.16 -9.46 -13.35
C MET E 121 -18.51 -9.90 -13.87
N THR E 122 -18.78 -9.63 -15.16
CA THR E 122 -20.04 -10.06 -15.76
C THR E 122 -20.13 -11.58 -15.84
N GLN E 123 -19.01 -12.25 -16.13
CA GLN E 123 -19.03 -13.71 -16.21
C GLN E 123 -19.29 -14.34 -14.85
N ILE E 124 -18.68 -13.79 -13.79
CA ILE E 124 -18.88 -14.37 -12.46
C ILE E 124 -20.31 -14.16 -12.01
N MET E 125 -20.89 -12.99 -12.30
CA MET E 125 -22.22 -12.68 -11.80
C MET E 125 -23.27 -13.59 -12.42
N PHE E 126 -23.18 -13.83 -13.72
CA PHE E 126 -24.22 -14.60 -14.40
C PHE E 126 -23.99 -16.11 -14.30
N GLU E 127 -22.74 -16.56 -14.29
CA GLU E 127 -22.45 -17.99 -14.30
C GLU E 127 -22.35 -18.58 -12.91
N THR E 128 -21.70 -17.89 -11.99
CA THR E 128 -21.51 -18.42 -10.65
C THR E 128 -22.65 -18.08 -9.70
N PHE E 129 -23.19 -16.87 -9.78
CA PHE E 129 -24.23 -16.43 -8.87
C PHE E 129 -25.59 -16.28 -9.55
N ASN E 130 -25.67 -16.38 -10.87
CA ASN E 130 -26.93 -16.50 -11.59
C ASN E 130 -27.86 -15.32 -11.35
N VAL E 131 -27.29 -14.11 -11.31
CA VAL E 131 -28.08 -12.90 -11.11
C VAL E 131 -29.02 -12.74 -12.29
N PRO E 132 -30.25 -12.25 -12.08
CA PRO E 132 -31.17 -12.08 -13.21
C PRO E 132 -30.80 -10.92 -14.11
N ALA E 133 -30.13 -9.90 -13.57
CA ALA E 133 -29.64 -8.78 -14.36
C ALA E 133 -28.42 -8.20 -13.65
N MET E 134 -27.65 -7.41 -14.37
CA MET E 134 -26.40 -6.89 -13.80
C MET E 134 -25.98 -5.61 -14.52
N TYR E 135 -25.32 -4.73 -13.77
CA TYR E 135 -24.74 -3.51 -14.32
C TYR E 135 -23.48 -3.16 -13.52
N VAL E 136 -22.56 -2.47 -14.18
CA VAL E 136 -21.35 -1.96 -13.53
C VAL E 136 -21.27 -0.46 -13.82
N ALA E 137 -21.20 0.34 -12.76
CA ALA E 137 -21.18 1.79 -12.88
C ALA E 137 -19.86 2.35 -12.38
N ILE E 138 -19.46 3.49 -12.96
CA ILE E 138 -18.25 4.16 -12.53
C ILE E 138 -18.48 4.78 -11.15
N GLN E 139 -17.55 4.51 -10.23
CA GLN E 139 -17.73 4.92 -8.84
C GLN E 139 -17.88 6.43 -8.70
N ALA E 140 -16.98 7.20 -9.34
CA ALA E 140 -16.99 8.65 -9.14
C ALA E 140 -18.26 9.29 -9.70
N VAL E 141 -18.81 8.73 -10.79
CA VAL E 141 -20.04 9.28 -11.35
C VAL E 141 -21.20 9.09 -10.39
N LEU E 142 -21.30 7.91 -9.77
CA LEU E 142 -22.33 7.66 -8.76
C LEU E 142 -22.23 8.69 -7.64
N SER E 143 -21.00 8.98 -7.18
CA SER E 143 -20.82 9.95 -6.10
C SER E 143 -21.29 11.34 -6.52
N LEU E 144 -21.04 11.73 -7.77
CA LEU E 144 -21.48 13.05 -8.23
C LEU E 144 -23.00 13.15 -8.20
N TYR E 145 -23.69 12.15 -8.75
CA TYR E 145 -25.14 12.11 -8.68
C TYR E 145 -25.63 12.13 -7.23
N ALA E 146 -24.94 11.38 -6.36
CA ALA E 146 -25.27 11.41 -4.94
C ALA E 146 -25.17 12.83 -4.38
N SER E 147 -24.29 13.66 -4.94
CA SER E 147 -24.18 15.04 -4.49
C SER E 147 -25.22 15.95 -5.12
N GLY E 148 -26.07 15.43 -6.00
CA GLY E 148 -27.05 16.25 -6.69
C GLY E 148 -26.49 17.04 -7.85
N ARG E 149 -25.52 16.49 -8.57
CA ARG E 149 -24.85 17.20 -9.65
C ARG E 149 -24.70 16.31 -10.87
N THR E 150 -24.64 16.95 -12.04
CA THR E 150 -24.24 16.31 -13.28
C THR E 150 -22.93 16.83 -13.81
N THR E 151 -22.41 17.93 -13.25
CA THR E 151 -21.15 18.50 -13.68
C THR E 151 -20.33 18.84 -12.44
N GLY E 152 -19.06 18.44 -12.46
CA GLY E 152 -18.16 18.67 -11.36
C GLY E 152 -16.95 17.77 -11.49
N ILE E 153 -16.00 17.98 -10.59
CA ILE E 153 -14.81 17.14 -10.54
C ILE E 153 -14.79 16.44 -9.19
N VAL E 154 -14.77 15.12 -9.22
CA VAL E 154 -14.82 14.31 -8.02
C VAL E 154 -13.40 13.98 -7.58
N LEU E 155 -13.14 14.12 -6.29
CA LEU E 155 -11.93 13.59 -5.67
C LEU E 155 -12.36 12.38 -4.85
N ASP E 156 -12.07 11.18 -5.36
CA ASP E 156 -12.44 9.91 -4.74
C ASP E 156 -11.17 9.27 -4.18
N SER E 157 -11.08 9.21 -2.85
CA SER E 157 -9.93 8.64 -2.17
C SER E 157 -10.44 7.64 -1.13
N GLY E 158 -10.03 6.39 -1.26
CA GLY E 158 -10.45 5.38 -0.31
C GLY E 158 -9.29 4.80 0.47
N ASP E 159 -9.26 3.46 0.54
CA ASP E 159 -8.19 2.77 1.25
C ASP E 159 -7.00 2.42 0.36
N GLY E 160 -7.20 2.33 -0.95
CA GLY E 160 -6.15 1.86 -1.83
C GLY E 160 -5.78 2.80 -2.96
N VAL E 161 -6.71 3.64 -3.42
CA VAL E 161 -6.47 4.50 -4.57
C VAL E 161 -7.14 5.85 -4.38
N THR E 162 -6.57 6.87 -5.01
CA THR E 162 -7.18 8.19 -5.11
C THR E 162 -7.37 8.53 -6.59
N HIS E 163 -8.50 9.14 -6.91
CA HIS E 163 -8.84 9.46 -8.29
C HIS E 163 -9.40 10.87 -8.37
N ASN E 164 -9.06 11.58 -9.45
CA ASN E 164 -9.73 12.80 -9.85
C ASN E 164 -10.52 12.49 -11.12
N VAL E 165 -11.82 12.74 -11.09
CA VAL E 165 -12.69 12.41 -12.22
C VAL E 165 -13.58 13.60 -12.56
N PRO E 166 -13.21 14.43 -13.53
CA PRO E 166 -14.10 15.52 -13.95
C PRO E 166 -15.23 15.02 -14.83
N ILE E 167 -16.43 15.51 -14.56
CA ILE E 167 -17.65 15.05 -15.23
C ILE E 167 -18.42 16.27 -15.71
N TYR E 168 -18.92 16.21 -16.94
CA TYR E 168 -19.66 17.31 -17.55
C TYR E 168 -20.97 16.78 -18.12
N GLU E 169 -22.08 17.33 -17.63
CA GLU E 169 -23.43 16.94 -18.06
C GLU E 169 -23.61 15.42 -18.01
N GLY E 170 -23.04 14.81 -16.98
CA GLY E 170 -23.25 13.39 -16.72
C GLY E 170 -22.28 12.44 -17.39
N TYR E 171 -21.25 12.95 -18.06
CA TYR E 171 -20.32 12.08 -18.78
C TYR E 171 -18.91 12.40 -18.33
N ALA E 172 -18.27 11.42 -17.70
CA ALA E 172 -16.90 11.57 -17.24
C ALA E 172 -15.96 11.74 -18.42
N LEU E 173 -14.93 12.56 -18.22
CA LEU E 173 -13.97 12.86 -19.28
C LEU E 173 -12.73 12.01 -19.06
N PRO E 174 -12.61 10.85 -19.71
CA PRO E 174 -11.52 9.91 -19.35
C PRO E 174 -10.13 10.47 -19.53
N HIS E 175 -9.90 11.26 -20.57
CA HIS E 175 -8.56 11.76 -20.84
C HIS E 175 -8.05 12.68 -19.73
N ALA E 176 -8.96 13.26 -18.94
CA ALA E 176 -8.60 14.12 -17.83
C ALA E 176 -8.58 13.42 -16.47
N ILE E 177 -8.80 12.11 -16.45
CA ILE E 177 -8.82 11.37 -15.19
C ILE E 177 -7.40 11.22 -14.67
N MET E 178 -7.23 11.44 -13.36
CA MET E 178 -5.95 11.24 -12.69
C MET E 178 -6.08 10.09 -11.69
N ARG E 179 -5.04 9.25 -11.63
CA ARG E 179 -4.95 8.17 -10.65
C ARG E 179 -3.69 8.37 -9.81
N LEU E 180 -3.85 8.33 -8.49
CA LEU E 180 -2.76 8.53 -7.53
C LEU E 180 -2.78 7.35 -6.55
N ASP E 181 -1.76 6.50 -6.63
CA ASP E 181 -1.72 5.29 -5.81
C ASP E 181 -1.25 5.61 -4.39
N LEU E 182 -2.04 6.45 -3.72
CA LEU E 182 -1.77 6.88 -2.35
C LEU E 182 -3.11 7.13 -1.69
N ALA E 183 -3.43 6.37 -0.64
CA ALA E 183 -4.76 6.49 -0.05
C ALA E 183 -4.71 6.00 1.40
N GLY E 184 -5.85 5.50 1.90
CA GLY E 184 -6.03 5.37 3.34
C GLY E 184 -5.07 4.40 3.99
N ARG E 185 -4.82 3.25 3.35
CA ARG E 185 -3.91 2.27 3.96
C ARG E 185 -2.50 2.82 4.08
N ASP E 186 -2.05 3.57 3.09
CA ASP E 186 -0.73 4.21 3.19
C ASP E 186 -0.71 5.21 4.35
N LEU E 187 -1.82 5.91 4.58
CA LEU E 187 -1.87 6.86 5.68
C LEU E 187 -1.85 6.14 7.03
N THR E 188 -2.55 5.01 7.12
CA THR E 188 -2.49 4.20 8.34
C THR E 188 -1.08 3.68 8.59
N ASP E 189 -0.40 3.23 7.53
CA ASP E 189 0.96 2.73 7.67
C ASP E 189 1.90 3.84 8.12
N TYR E 190 1.71 5.04 7.57
CA TYR E 190 2.58 6.16 7.93
C TYR E 190 2.32 6.63 9.34
N LEU E 191 1.05 6.66 9.77
CA LEU E 191 0.74 7.01 11.15
C LEU E 191 1.37 6.02 12.11
N MET E 192 1.31 4.73 11.78
CA MET E 192 1.97 3.71 12.61
C MET E 192 3.47 3.97 12.72
N LYS E 193 4.08 4.45 11.63
CA LYS E 193 5.52 4.66 11.63
C LYS E 193 5.90 5.87 12.48
N ILE E 194 5.24 7.01 12.26
CA ILE E 194 5.62 8.21 13.01
C ILE E 194 5.23 8.09 14.48
N LEU E 195 4.22 7.28 14.80
CA LEU E 195 3.87 7.07 16.20
C LEU E 195 4.98 6.39 16.98
N THR E 196 5.90 5.69 16.31
CA THR E 196 7.01 5.07 17.01
C THR E 196 8.01 6.08 17.54
N GLU E 197 8.03 7.29 16.97
CA GLU E 197 8.96 8.32 17.42
C GLU E 197 8.81 8.59 18.91
N ARG E 198 7.57 8.56 19.41
CA ARG E 198 7.31 8.76 20.84
C ARG E 198 7.55 7.51 21.67
N GLY E 199 8.01 6.41 21.08
CA GLY E 199 8.26 5.19 21.81
C GLY E 199 7.17 4.14 21.69
N TYR E 200 6.05 4.44 21.06
CA TYR E 200 4.97 3.48 20.91
C TYR E 200 5.33 2.44 19.85
N SER E 201 4.76 1.25 19.99
CA SER E 201 5.05 0.16 19.06
C SER E 201 3.76 -0.58 18.76
N PHE E 202 3.27 -0.43 17.53
CA PHE E 202 2.09 -1.12 17.05
C PHE E 202 2.56 -2.19 16.07
N VAL E 203 2.66 -3.42 16.56
CA VAL E 203 3.21 -4.54 15.81
C VAL E 203 2.14 -5.55 15.43
N THR E 204 1.45 -6.11 16.43
CA THR E 204 0.51 -7.20 16.18
C THR E 204 -0.70 -6.71 15.37
N THR E 205 -1.48 -7.68 14.91
CA THR E 205 -2.62 -7.36 14.05
C THR E 205 -3.67 -6.54 14.80
N ALA E 206 -3.90 -6.87 16.07
CA ALA E 206 -4.82 -6.05 16.87
C ALA E 206 -4.26 -4.65 17.10
N GLU E 207 -2.93 -4.51 17.16
CA GLU E 207 -2.35 -3.19 17.38
C GLU E 207 -2.44 -2.33 16.14
N ARG E 208 -2.36 -2.93 14.94
CA ARG E 208 -2.51 -2.14 13.72
C ARG E 208 -3.93 -1.61 13.57
N GLU E 209 -4.93 -2.43 13.90
CA GLU E 209 -6.31 -1.95 13.86
C GLU E 209 -6.51 -0.74 14.76
N ILE E 210 -5.79 -0.69 15.88
CA ILE E 210 -5.88 0.48 16.76
C ILE E 210 -5.39 1.73 16.04
N VAL E 211 -4.31 1.60 15.26
CA VAL E 211 -3.77 2.78 14.58
C VAL E 211 -4.78 3.34 13.59
N ARG E 212 -5.49 2.48 12.87
CA ARG E 212 -6.53 2.98 11.97
C ARG E 212 -7.63 3.69 12.74
N ASP E 213 -8.00 3.15 13.91
CA ASP E 213 -9.00 3.82 14.74
C ASP E 213 -8.49 5.17 15.24
N ILE E 214 -7.20 5.25 15.59
CA ILE E 214 -6.61 6.54 15.95
C ILE E 214 -6.66 7.49 14.76
N LYS E 215 -6.29 7.00 13.58
CA LYS E 215 -6.28 7.81 12.36
C LYS E 215 -7.65 8.42 12.08
N GLU E 216 -8.70 7.60 12.17
CA GLU E 216 -10.03 8.07 11.81
C GLU E 216 -10.63 9.00 12.85
N LYS E 217 -10.17 8.93 14.10
CA LYS E 217 -10.81 9.68 15.17
C LYS E 217 -10.03 10.91 15.62
N LEU E 218 -8.71 10.93 15.46
CA LEU E 218 -7.91 12.02 16.00
C LEU E 218 -7.12 12.81 14.97
N CYS E 219 -7.02 12.33 13.73
CA CYS E 219 -6.24 13.03 12.72
C CYS E 219 -7.06 14.17 12.12
N TYR E 220 -6.34 15.12 11.52
CA TYR E 220 -6.96 16.25 10.84
C TYR E 220 -5.92 16.88 9.91
N VAL E 221 -6.39 17.56 8.88
CA VAL E 221 -5.50 18.26 7.96
C VAL E 221 -5.35 19.69 8.44
N ALA E 222 -4.11 20.16 8.54
CA ALA E 222 -3.84 21.52 8.96
C ALA E 222 -3.96 22.48 7.78
N LEU E 223 -4.53 23.65 8.04
CA LEU E 223 -4.61 24.69 7.01
C LEU E 223 -3.22 25.15 6.61
N ASP E 224 -2.39 25.48 7.60
CA ASP E 224 -0.99 25.84 7.39
C ASP E 224 -0.13 24.85 8.16
N PHE E 225 0.57 23.98 7.44
CA PHE E 225 1.28 22.88 8.09
C PHE E 225 2.39 23.38 9.00
N GLU E 226 3.20 24.32 8.52
CA GLU E 226 4.34 24.79 9.31
C GLU E 226 3.88 25.52 10.58
N ASN E 227 2.78 26.26 10.50
CA ASN E 227 2.26 26.93 11.69
C ASN E 227 1.75 25.92 12.71
N GLU E 228 1.10 24.85 12.24
CA GLU E 228 0.64 23.79 13.13
C GLU E 228 1.82 23.10 13.80
N MET E 229 2.92 22.93 13.07
CA MET E 229 4.12 22.32 13.65
C MET E 229 4.69 23.17 14.76
N ALA E 230 4.75 24.50 14.55
CA ALA E 230 5.29 25.39 15.57
C ALA E 230 4.43 25.37 16.83
N THR E 231 3.10 25.28 16.67
CA THR E 231 2.22 25.20 17.83
C THR E 231 2.42 23.89 18.59
N ALA E 232 2.59 22.78 17.84
CA ALA E 232 2.84 21.50 18.50
C ALA E 232 4.19 21.48 19.20
N ALA E 233 5.19 22.18 18.64
CA ALA E 233 6.49 22.24 19.30
C ALA E 233 6.49 23.19 20.49
N SER E 234 5.69 24.25 20.44
CA SER E 234 5.67 25.24 21.51
C SER E 234 4.71 24.86 22.63
N SER E 235 3.47 24.55 22.28
CA SER E 235 2.43 24.25 23.27
C SER E 235 2.03 22.78 23.20
N SER E 236 1.11 22.40 24.09
CA SER E 236 0.51 21.07 24.09
C SER E 236 -1.00 21.15 23.83
N SER E 237 -1.46 22.26 23.24
CA SER E 237 -2.90 22.42 22.99
C SER E 237 -3.38 21.48 21.88
N LEU E 238 -2.51 21.13 20.95
CA LEU E 238 -2.88 20.27 19.83
C LEU E 238 -2.82 18.78 20.18
N GLU E 239 -2.57 18.45 21.44
CA GLU E 239 -2.40 17.07 21.85
C GLU E 239 -3.74 16.44 22.23
N LYS E 240 -3.92 15.18 21.84
CA LYS E 240 -5.08 14.40 22.21
C LYS E 240 -4.62 13.06 22.75
N SER E 241 -5.26 12.61 23.83
CA SER E 241 -4.94 11.32 24.43
C SER E 241 -5.91 10.25 23.93
N TYR E 242 -5.42 9.01 23.88
CA TYR E 242 -6.18 7.89 23.37
C TYR E 242 -5.95 6.70 24.29
N GLU E 243 -7.03 6.00 24.63
CA GLU E 243 -6.96 4.85 25.53
C GLU E 243 -6.94 3.57 24.71
N LEU E 244 -5.91 2.75 24.94
CA LEU E 244 -5.81 1.46 24.28
C LEU E 244 -6.69 0.44 24.98
N PRO E 245 -7.01 -0.67 24.33
CA PRO E 245 -7.85 -1.69 24.97
C PRO E 245 -7.35 -2.17 26.32
N ASP E 246 -6.05 -2.11 26.58
CA ASP E 246 -5.51 -2.57 27.86
C ASP E 246 -5.47 -1.47 28.92
N GLY E 247 -6.00 -0.29 28.63
CA GLY E 247 -6.03 0.81 29.57
C GLY E 247 -4.91 1.81 29.42
N GLN E 248 -3.87 1.48 28.66
CA GLN E 248 -2.79 2.42 28.42
C GLN E 248 -3.30 3.66 27.69
N VAL E 249 -2.94 4.83 28.22
CA VAL E 249 -3.35 6.10 27.64
C VAL E 249 -2.14 6.73 26.97
N ILE E 250 -2.11 6.68 25.64
CA ILE E 250 -1.05 7.28 24.87
C ILE E 250 -1.43 8.72 24.52
N THR E 251 -0.43 9.50 24.14
CA THR E 251 -0.63 10.90 23.75
C THR E 251 -0.21 11.08 22.30
N ILE E 252 -1.02 11.80 21.53
CA ILE E 252 -0.74 12.11 20.14
C ILE E 252 -0.48 13.60 20.02
N GLY E 253 0.54 13.96 19.24
CA GLY E 253 0.87 15.36 19.04
C GLY E 253 0.72 15.80 17.61
N ASN E 254 1.82 16.26 17.00
CA ASN E 254 1.79 16.66 15.59
C ASN E 254 1.51 15.49 14.66
N GLU E 255 1.57 14.25 15.17
CA GLU E 255 1.23 13.09 14.34
C GLU E 255 -0.19 13.18 13.81
N ARG E 256 -1.07 13.88 14.52
CA ARG E 256 -2.45 14.04 14.08
C ARG E 256 -2.54 14.63 12.67
N PHE E 257 -1.79 15.70 12.42
CA PHE E 257 -1.86 16.34 11.11
C PHE E 257 -0.70 15.98 10.19
N ARG E 258 0.41 15.46 10.74
N ARG E 258 0.40 15.46 10.74
CA ARG E 258 1.47 14.97 9.88
CA ARG E 258 1.48 14.96 9.88
C ARG E 258 1.01 13.77 9.04
C ARG E 258 1.01 13.77 9.04
N CYS E 259 0.12 12.95 9.58
CA CYS E 259 -0.36 11.79 8.82
C CYS E 259 -1.08 12.18 7.55
N PRO E 260 -2.21 12.90 7.59
CA PRO E 260 -2.90 13.21 6.34
C PRO E 260 -2.22 14.30 5.52
N GLU E 261 -1.24 15.02 6.07
CA GLU E 261 -0.43 15.93 5.26
C GLU E 261 0.21 15.20 4.10
N THR E 262 0.48 13.90 4.27
CA THR E 262 0.99 13.07 3.19
C THR E 262 0.14 13.17 1.92
N LEU E 263 -1.15 13.43 2.07
CA LEU E 263 -2.01 13.61 0.90
C LEU E 263 -1.57 14.79 0.05
N PHE E 264 -1.08 15.85 0.69
CA PHE E 264 -0.62 17.04 -0.02
C PHE E 264 0.88 17.02 -0.29
N GLN E 265 1.65 16.28 0.51
CA GLN E 265 3.09 16.09 0.29
C GLN E 265 3.37 14.59 0.28
N PRO E 266 3.24 13.94 -0.88
CA PRO E 266 3.53 12.49 -0.93
C PRO E 266 4.98 12.13 -0.64
N SER E 267 5.90 13.10 -0.62
CA SER E 267 7.28 12.81 -0.27
C SER E 267 7.42 12.35 1.18
N PHE E 268 6.39 12.53 2.01
CA PHE E 268 6.45 12.09 3.39
C PHE E 268 6.61 10.57 3.51
N ILE E 269 6.20 9.82 2.50
CA ILE E 269 6.37 8.37 2.48
C ILE E 269 7.26 7.94 1.32
N GLY E 270 8.11 8.84 0.83
CA GLY E 270 9.05 8.49 -0.22
C GLY E 270 8.43 8.41 -1.60
N MET E 271 7.29 9.04 -1.83
CA MET E 271 6.62 9.02 -3.12
C MET E 271 6.93 10.31 -3.86
N GLU E 272 7.57 10.20 -5.02
CA GLU E 272 7.80 11.35 -5.88
C GLU E 272 6.54 11.53 -6.72
N SER E 273 5.56 12.23 -6.15
CA SER E 273 4.27 12.40 -6.80
C SER E 273 3.66 13.72 -6.36
N ALA E 274 2.81 14.27 -7.23
CA ALA E 274 2.05 15.44 -6.85
C ALA E 274 1.03 15.09 -5.77
N GLY E 275 0.67 16.08 -4.96
CA GLY E 275 -0.39 15.91 -3.99
C GLY E 275 -1.76 15.97 -4.63
N ILE E 276 -2.78 15.67 -3.81
CA ILE E 276 -4.15 15.64 -4.32
C ILE E 276 -4.58 17.01 -4.82
N HIS E 277 -4.04 18.09 -4.24
CA HIS E 277 -4.35 19.42 -4.73
C HIS E 277 -3.80 19.62 -6.14
N GLU E 278 -2.61 19.06 -6.41
CA GLU E 278 -2.00 19.20 -7.73
C GLU E 278 -2.66 18.30 -8.76
N THR E 279 -2.97 17.06 -8.39
CA THR E 279 -3.69 16.18 -9.30
C THR E 279 -5.07 16.73 -9.62
N THR E 280 -5.69 17.43 -8.67
CA THR E 280 -6.96 18.10 -8.94
C THR E 280 -6.76 19.22 -9.95
N TYR E 281 -5.77 20.08 -9.71
CA TYR E 281 -5.47 21.15 -10.66
C TYR E 281 -5.15 20.58 -12.03
N ASN E 282 -4.26 19.58 -12.08
CA ASN E 282 -3.86 19.01 -13.37
C ASN E 282 -5.04 18.37 -14.09
N SER E 283 -5.97 17.76 -13.35
CA SER E 283 -7.14 17.18 -13.98
C SER E 283 -7.99 18.26 -14.64
N ILE E 284 -8.27 19.34 -13.90
CA ILE E 284 -9.06 20.45 -14.43
C ILE E 284 -8.42 21.03 -15.67
N MET E 285 -7.09 21.19 -15.64
CA MET E 285 -6.36 21.74 -16.78
C MET E 285 -6.37 20.84 -18.00
N LYS E 286 -6.78 19.58 -17.85
CA LYS E 286 -6.90 18.68 -18.98
C LYS E 286 -8.26 18.73 -19.64
N CYS E 287 -9.15 19.61 -19.18
CA CYS E 287 -10.50 19.74 -19.68
C CYS E 287 -10.62 21.04 -20.46
N ASP E 288 -11.62 21.11 -21.33
CA ASP E 288 -11.88 22.33 -22.10
C ASP E 288 -11.98 23.54 -21.17
N ILE E 289 -11.40 24.65 -21.61
CA ILE E 289 -11.37 25.85 -20.78
C ILE E 289 -12.79 26.34 -20.46
N ASP E 290 -13.75 26.05 -21.34
CA ASP E 290 -15.11 26.54 -21.15
C ASP E 290 -15.84 25.86 -20.00
N ILE E 291 -15.36 24.72 -19.52
CA ILE E 291 -15.98 24.03 -18.40
C ILE E 291 -15.16 24.11 -17.12
N ARG E 292 -13.96 24.68 -17.16
CA ARG E 292 -13.08 24.66 -15.99
C ARG E 292 -13.68 25.45 -14.83
N LYS E 293 -14.31 26.58 -15.13
CA LYS E 293 -14.94 27.36 -14.05
C LYS E 293 -16.03 26.58 -13.35
N ASP E 294 -16.73 25.69 -14.07
CA ASP E 294 -17.72 24.85 -13.42
C ASP E 294 -17.08 23.81 -12.52
N LEU E 295 -15.91 23.30 -12.91
CA LEU E 295 -15.23 22.30 -12.10
C LEU E 295 -14.59 22.91 -10.87
N TYR E 296 -14.03 24.12 -11.01
CA TYR E 296 -13.45 24.79 -9.85
C TYR E 296 -14.49 25.05 -8.77
N ALA E 297 -15.73 25.32 -9.16
CA ALA E 297 -16.80 25.60 -8.22
C ALA E 297 -17.53 24.34 -7.77
N ASN E 298 -17.18 23.17 -8.30
CA ASN E 298 -17.86 21.92 -7.95
C ASN E 298 -16.84 20.80 -7.74
N ASN E 299 -15.94 21.00 -6.76
CA ASN E 299 -15.00 19.96 -6.34
C ASN E 299 -15.69 19.14 -5.26
N VAL E 300 -16.21 17.98 -5.64
CA VAL E 300 -16.94 17.11 -4.72
C VAL E 300 -15.99 16.03 -4.21
N MET E 301 -15.93 15.88 -2.89
CA MET E 301 -15.04 14.90 -2.27
C MET E 301 -15.82 13.66 -1.87
N SER E 302 -15.27 12.49 -2.18
CA SER E 302 -15.89 11.23 -1.83
C SER E 302 -14.83 10.28 -1.29
N GLY E 303 -15.28 9.31 -0.51
CA GLY E 303 -14.40 8.29 0.02
C GLY E 303 -13.95 8.59 1.44
N GLY E 304 -13.59 7.52 2.15
CA GLY E 304 -13.26 7.66 3.56
C GLY E 304 -12.03 8.48 3.84
N THR E 305 -11.06 8.47 2.92
CA THR E 305 -9.84 9.25 3.13
C THR E 305 -10.04 10.75 2.86
N THR E 306 -11.24 11.17 2.44
CA THR E 306 -11.56 12.59 2.40
C THR E 306 -12.29 13.06 3.66
N MET E 307 -12.37 12.20 4.68
CA MET E 307 -13.12 12.52 5.89
C MET E 307 -12.30 13.31 6.92
N TYR E 308 -11.02 13.54 6.67
CA TYR E 308 -10.19 14.25 7.63
C TYR E 308 -10.75 15.64 7.89
N PRO E 309 -11.00 16.02 9.15
CA PRO E 309 -11.38 17.41 9.44
C PRO E 309 -10.32 18.37 8.91
N GLY E 310 -10.79 19.44 8.28
CA GLY E 310 -9.91 20.45 7.72
C GLY E 310 -9.46 20.20 6.29
N ILE E 311 -9.81 19.05 5.70
CA ILE E 311 -9.32 18.76 4.35
C ILE E 311 -10.00 19.68 3.33
N ALA E 312 -11.24 20.12 3.60
CA ALA E 312 -11.93 20.97 2.65
C ALA E 312 -11.36 22.38 2.64
N ASP E 313 -11.08 22.93 3.82
CA ASP E 313 -10.47 24.25 3.89
C ASP E 313 -9.06 24.24 3.30
N ARG E 314 -8.28 23.21 3.60
CA ARG E 314 -6.93 23.14 3.04
C ARG E 314 -6.98 22.99 1.53
N MET E 315 -7.89 22.15 1.02
CA MET E 315 -8.06 22.01 -0.42
C MET E 315 -8.47 23.33 -1.07
N GLN E 316 -9.39 24.06 -0.43
CA GLN E 316 -9.77 25.38 -0.94
C GLN E 316 -8.57 26.30 -1.02
N LYS E 317 -7.77 26.35 0.05
CA LYS E 317 -6.58 27.20 0.05
C LYS E 317 -5.60 26.79 -1.04
N GLU E 318 -5.39 25.48 -1.22
CA GLU E 318 -4.35 25.02 -2.13
C GLU E 318 -4.75 25.17 -3.59
N ILE E 319 -6.02 24.94 -3.92
CA ILE E 319 -6.47 25.14 -5.29
C ILE E 319 -6.47 26.61 -5.64
N THR E 320 -6.85 27.47 -4.70
CA THR E 320 -6.82 28.91 -4.93
C THR E 320 -5.41 29.41 -5.22
N ALA E 321 -4.40 28.81 -4.58
CA ALA E 321 -3.02 29.19 -4.85
C ALA E 321 -2.54 28.74 -6.23
N LEU E 322 -3.29 27.85 -6.90
CA LEU E 322 -2.92 27.36 -8.22
C LEU E 322 -3.82 27.84 -9.33
N ALA E 323 -5.05 28.23 -9.02
CA ALA E 323 -6.02 28.64 -10.03
C ALA E 323 -5.79 30.11 -10.42
N PRO E 324 -6.34 30.53 -11.55
CA PRO E 324 -6.28 31.96 -11.91
C PRO E 324 -6.85 32.81 -10.78
N SER E 325 -6.34 34.05 -10.69
CA SER E 325 -6.65 34.90 -9.55
C SER E 325 -8.13 35.27 -9.48
N THR E 326 -8.85 35.20 -10.60
CA THR E 326 -10.26 35.56 -10.63
C THR E 326 -11.17 34.34 -10.52
N MET E 327 -10.62 33.14 -10.33
CA MET E 327 -11.42 31.93 -10.34
C MET E 327 -12.07 31.69 -8.98
N LYS E 328 -13.38 31.43 -8.99
CA LYS E 328 -14.10 31.06 -7.79
C LYS E 328 -13.97 29.56 -7.58
N ILE E 329 -13.62 29.16 -6.36
CA ILE E 329 -13.37 27.75 -6.03
C ILE E 329 -14.27 27.37 -4.87
N LYS E 330 -14.85 26.18 -4.95
CA LYS E 330 -15.67 25.64 -3.88
C LYS E 330 -15.42 24.15 -3.75
N ILE E 331 -15.26 23.70 -2.51
CA ILE E 331 -15.10 22.28 -2.18
C ILE E 331 -16.36 21.83 -1.46
N ILE E 332 -16.95 20.75 -1.95
CA ILE E 332 -18.17 20.18 -1.38
C ILE E 332 -17.81 18.86 -0.71
N ALA E 333 -18.11 18.76 0.58
CA ALA E 333 -17.73 17.60 1.39
C ALA E 333 -18.99 17.04 2.05
N PRO E 334 -19.76 16.22 1.33
CA PRO E 334 -20.99 15.67 1.89
C PRO E 334 -20.71 14.91 3.18
N PRO E 335 -21.58 15.05 4.19
CA PRO E 335 -21.28 14.45 5.50
C PRO E 335 -21.12 12.93 5.47
N GLU E 336 -21.86 12.23 4.61
CA GLU E 336 -21.78 10.78 4.53
C GLU E 336 -20.94 10.32 3.34
N ARG E 337 -19.89 11.06 2.99
CA ARG E 337 -19.13 10.80 1.78
C ARG E 337 -18.29 9.53 1.84
N LYS E 338 -18.23 8.86 2.99
CA LYS E 338 -17.62 7.53 2.94
C LYS E 338 -18.53 6.50 2.28
N TYR E 339 -19.81 6.84 2.07
CA TYR E 339 -20.75 5.97 1.36
C TYR E 339 -21.39 6.65 0.16
N SER E 340 -20.73 7.69 -0.38
CA SER E 340 -21.30 8.44 -1.50
C SER E 340 -21.46 7.56 -2.73
N VAL E 341 -20.45 6.76 -3.05
CA VAL E 341 -20.54 5.87 -4.21
C VAL E 341 -21.75 4.96 -4.08
N TRP E 342 -21.92 4.34 -2.90
CA TRP E 342 -23.02 3.42 -2.71
C TRP E 342 -24.36 4.14 -2.78
N ILE E 343 -24.49 5.27 -2.08
CA ILE E 343 -25.76 5.99 -2.03
C ILE E 343 -26.19 6.41 -3.44
N GLY E 344 -25.25 6.92 -4.23
CA GLY E 344 -25.56 7.24 -5.62
C GLY E 344 -26.02 6.02 -6.39
N GLY E 345 -25.36 4.88 -6.20
CA GLY E 345 -25.82 3.66 -6.83
C GLY E 345 -27.19 3.24 -6.35
N SER E 346 -27.49 3.48 -5.07
CA SER E 346 -28.82 3.16 -4.54
C SER E 346 -29.89 4.04 -5.18
N ILE E 347 -29.56 5.29 -5.48
CA ILE E 347 -30.51 6.18 -6.14
C ILE E 347 -30.76 5.73 -7.57
N LEU E 348 -29.68 5.49 -8.32
CA LEU E 348 -29.82 5.16 -9.73
C LEU E 348 -30.52 3.82 -9.93
N ALA E 349 -30.15 2.81 -9.14
CA ALA E 349 -30.77 1.50 -9.26
C ALA E 349 -32.23 1.52 -8.87
N SER E 350 -32.71 2.58 -8.22
CA SER E 350 -34.13 2.77 -7.94
C SER E 350 -34.90 3.29 -9.14
N LEU E 351 -34.22 3.64 -10.22
CA LEU E 351 -34.85 4.23 -11.40
C LEU E 351 -35.06 3.16 -12.46
N SER E 352 -36.31 2.99 -12.89
CA SER E 352 -36.64 1.89 -13.80
C SER E 352 -35.94 2.02 -15.14
N THR E 353 -35.74 3.25 -15.64
CA THR E 353 -35.04 3.41 -16.90
C THR E 353 -33.57 3.01 -16.77
N PHE E 354 -32.96 3.27 -15.62
CA PHE E 354 -31.59 2.80 -15.39
C PHE E 354 -31.54 1.28 -15.38
N GLN E 355 -32.47 0.64 -14.68
CA GLN E 355 -32.51 -0.82 -14.65
C GLN E 355 -32.83 -1.42 -16.01
N GLN E 356 -33.45 -0.67 -16.92
CA GLN E 356 -33.69 -1.18 -18.27
C GLN E 356 -32.38 -1.40 -19.03
N MET E 357 -31.34 -0.63 -18.71
CA MET E 357 -30.05 -0.79 -19.37
C MET E 357 -29.25 -1.99 -18.86
N TRP E 358 -29.70 -2.64 -17.78
CA TRP E 358 -28.93 -3.72 -17.20
C TRP E 358 -28.99 -4.96 -18.09
N ILE E 359 -27.87 -5.67 -18.18
CA ILE E 359 -27.81 -6.90 -18.96
C ILE E 359 -28.69 -7.95 -18.29
N THR E 360 -29.72 -8.40 -18.99
CA THR E 360 -30.48 -9.55 -18.52
C THR E 360 -29.69 -10.83 -18.78
N LYS E 361 -30.03 -11.88 -18.02
CA LYS E 361 -29.34 -13.15 -18.21
C LYS E 361 -29.59 -13.73 -19.60
N GLN E 362 -30.74 -13.43 -20.20
CA GLN E 362 -30.99 -13.87 -21.56
C GLN E 362 -30.01 -13.21 -22.52
N GLU E 363 -29.79 -11.90 -22.37
CA GLU E 363 -28.80 -11.20 -23.18
C GLU E 363 -27.42 -11.81 -23.00
N TYR E 364 -27.06 -12.16 -21.76
CA TYR E 364 -25.77 -12.78 -21.51
C TYR E 364 -25.70 -14.18 -22.12
N ASP E 365 -26.75 -14.97 -21.96
CA ASP E 365 -26.73 -16.35 -22.43
C ASP E 365 -26.59 -16.45 -23.94
N GLU E 366 -26.99 -15.41 -24.68
CA GLU E 366 -26.88 -15.43 -26.13
C GLU E 366 -25.75 -14.57 -26.68
N ALA E 367 -25.18 -13.67 -25.88
CA ALA E 367 -24.08 -12.82 -26.32
C ALA E 367 -22.80 -12.99 -25.52
N GLY E 368 -22.89 -13.39 -24.25
CA GLY E 368 -21.72 -13.71 -23.47
C GLY E 368 -21.19 -12.53 -22.66
N PRO E 369 -19.96 -12.68 -22.15
CA PRO E 369 -19.42 -11.68 -21.21
C PRO E 369 -19.00 -10.37 -21.86
N SER E 370 -18.74 -10.33 -23.17
CA SER E 370 -18.35 -9.08 -23.81
C SER E 370 -19.52 -8.12 -24.01
N ILE E 371 -20.74 -8.52 -23.64
CA ILE E 371 -21.87 -7.61 -23.72
C ILE E 371 -21.70 -6.43 -22.76
N VAL E 372 -20.84 -6.58 -21.75
CA VAL E 372 -20.65 -5.50 -20.78
C VAL E 372 -20.05 -4.27 -21.43
N HIS E 373 -19.24 -4.45 -22.49
CA HIS E 373 -18.70 -3.31 -23.21
C HIS E 373 -19.78 -2.55 -23.95
N ARG E 374 -20.92 -3.18 -24.24
CA ARG E 374 -21.96 -2.56 -25.03
C ARG E 374 -23.22 -2.22 -24.23
N LYS E 375 -23.23 -2.49 -22.93
CA LYS E 375 -24.40 -2.17 -22.11
C LYS E 375 -24.05 -1.36 -20.87
N CYS E 376 -22.90 -1.60 -20.26
CA CYS E 376 -22.52 -0.94 -19.01
C CYS E 376 -21.63 0.27 -19.32
N PHE E 377 -22.12 1.46 -19.00
CA PHE E 377 -21.34 2.68 -19.14
C PHE E 377 -21.41 3.50 -17.86
N LEU F 5 -19.76 14.50 -25.02
CA LEU F 5 -19.55 13.51 -26.07
C LEU F 5 -19.15 12.15 -25.48
N GLY F 6 -19.59 11.08 -26.14
CA GLY F 6 -19.24 9.74 -25.71
C GLY F 6 -19.04 8.79 -26.87
N THR F 7 -19.06 7.49 -26.58
CA THR F 7 -18.89 6.49 -27.62
C THR F 7 -20.15 6.40 -28.48
N GLU F 8 -19.94 6.16 -29.78
CA GLU F 8 -21.02 5.84 -30.72
C GLU F 8 -21.95 4.81 -30.10
N LEU F 9 -21.37 3.84 -29.40
CA LEU F 9 -22.12 2.78 -28.76
C LEU F 9 -22.85 3.28 -27.52
N GLU F 10 -22.20 4.14 -26.73
CA GLU F 10 -22.80 4.59 -25.47
C GLU F 10 -23.97 5.54 -25.70
N LYS F 11 -23.95 6.31 -26.80
CA LYS F 11 -25.01 7.27 -27.03
C LYS F 11 -26.31 6.61 -27.46
N LYS F 12 -26.24 5.45 -28.13
CA LYS F 12 -27.46 4.80 -28.60
C LYS F 12 -28.13 3.96 -27.52
N VAL F 13 -27.36 3.30 -26.65
CA VAL F 13 -27.98 2.58 -25.54
C VAL F 13 -28.65 3.55 -24.58
N LYS F 14 -28.00 4.70 -24.31
CA LYS F 14 -28.59 5.68 -23.41
C LYS F 14 -29.76 6.42 -24.07
N LEU F 15 -29.71 6.62 -25.38
CA LEU F 15 -30.88 7.16 -26.07
C LEU F 15 -32.02 6.15 -26.07
N GLU F 16 -31.71 4.86 -26.26
CA GLU F 16 -32.74 3.84 -26.17
C GLU F 16 -33.34 3.79 -24.78
N ALA F 17 -32.51 3.95 -23.75
CA ALA F 17 -32.99 3.91 -22.37
C ALA F 17 -34.00 5.04 -22.12
N SER F 18 -33.66 6.25 -22.55
CA SER F 18 -34.53 7.41 -22.32
C SER F 18 -35.89 7.25 -22.99
N GLN F 19 -36.05 6.31 -23.92
CA GLN F 19 -37.34 6.07 -24.54
C GLN F 19 -38.34 5.40 -23.61
N HIS F 20 -37.90 4.93 -22.45
CA HIS F 20 -38.77 4.20 -21.53
C HIS F 20 -39.28 5.07 -20.38
N GLU F 21 -39.12 6.38 -20.46
CA GLU F 21 -39.62 7.31 -19.44
C GLU F 21 -40.81 8.05 -20.03
N ASP F 22 -42.00 7.80 -19.47
CA ASP F 22 -43.23 8.36 -20.02
C ASP F 22 -43.22 9.89 -19.97
N ALA F 23 -42.53 10.47 -19.01
CA ALA F 23 -42.57 11.92 -18.83
C ALA F 23 -42.00 12.67 -20.04
N TRP F 24 -41.08 12.04 -20.79
CA TRP F 24 -40.46 12.72 -21.91
C TRP F 24 -41.29 12.69 -23.19
N LYS F 25 -42.36 11.89 -23.23
CA LYS F 25 -43.18 11.79 -24.43
C LYS F 25 -43.79 13.14 -24.79
N GLY F 26 -43.38 13.71 -25.92
CA GLY F 26 -43.85 15.02 -26.33
C GLY F 26 -43.12 16.18 -25.71
N ALA F 27 -41.99 15.94 -25.06
CA ALA F 27 -41.23 17.03 -24.46
C ALA F 27 -40.41 17.77 -25.50
N GLY F 28 -40.32 19.09 -25.34
CA GLY F 28 -39.46 19.88 -26.19
C GLY F 28 -39.91 20.03 -27.63
N LYS F 29 -41.20 19.81 -27.92
CA LYS F 29 -41.68 19.93 -29.29
C LYS F 29 -42.16 21.33 -29.62
N GLN F 30 -42.62 22.08 -28.63
CA GLN F 30 -43.06 23.46 -28.81
C GLN F 30 -42.26 24.36 -27.87
N VAL F 31 -42.18 25.64 -28.23
CA VAL F 31 -41.54 26.60 -27.34
C VAL F 31 -42.36 26.72 -26.07
N GLY F 32 -41.68 26.94 -24.96
CA GLY F 32 -42.34 27.09 -23.68
C GLY F 32 -41.53 26.42 -22.59
N VAL F 33 -42.18 26.23 -21.45
CA VAL F 33 -41.55 25.71 -20.23
C VAL F 33 -42.34 24.49 -19.79
N GLU F 34 -41.66 23.36 -19.65
CA GLU F 34 -42.26 22.13 -19.18
C GLU F 34 -41.58 21.71 -17.89
N ILE F 35 -42.39 21.32 -16.89
CA ILE F 35 -41.92 21.12 -15.53
C ILE F 35 -42.36 19.76 -15.03
N TRP F 36 -41.45 19.07 -14.33
CA TRP F 36 -41.74 17.82 -13.64
C TRP F 36 -41.19 17.90 -12.22
N ARG F 37 -41.82 17.15 -11.32
CA ARG F 37 -41.33 17.04 -9.94
C ARG F 37 -40.92 15.60 -9.66
N ILE F 38 -39.83 15.44 -8.92
CA ILE F 38 -39.40 14.12 -8.48
C ILE F 38 -40.27 13.71 -7.29
N GLN F 39 -40.98 12.60 -7.43
CA GLN F 39 -41.90 12.10 -6.40
C GLN F 39 -41.57 10.64 -6.14
N GLN F 40 -40.81 10.39 -5.06
CA GLN F 40 -40.38 9.06 -4.67
C GLN F 40 -39.78 8.31 -5.87
N PHE F 41 -38.72 8.90 -6.43
CA PHE F 41 -37.94 8.42 -7.55
C PHE F 41 -38.68 8.48 -8.89
N LYS F 42 -39.89 9.02 -8.93
CA LYS F 42 -40.66 9.08 -10.17
C LYS F 42 -40.70 10.52 -10.69
N VAL F 43 -40.71 10.64 -12.02
CA VAL F 43 -40.77 11.93 -12.70
C VAL F 43 -42.24 12.19 -12.99
N VAL F 44 -42.84 13.09 -12.22
CA VAL F 44 -44.28 13.34 -12.28
C VAL F 44 -44.49 14.74 -12.86
N PRO F 45 -45.26 14.88 -13.95
CA PRO F 45 -45.45 16.22 -14.54
C PRO F 45 -46.23 17.13 -13.61
N VAL F 46 -45.86 18.41 -13.61
CA VAL F 46 -46.51 19.41 -12.79
C VAL F 46 -47.63 20.05 -13.62
N PRO F 47 -48.85 20.13 -13.10
CA PRO F 47 -49.93 20.75 -13.88
C PRO F 47 -49.64 22.21 -14.18
N LYS F 48 -50.23 22.68 -15.29
CA LYS F 48 -49.95 24.04 -15.75
C LYS F 48 -50.30 25.09 -14.69
N LYS F 49 -51.37 24.86 -13.93
CA LYS F 49 -51.80 25.83 -12.93
C LYS F 49 -50.81 25.98 -11.78
N HIS F 50 -49.84 25.08 -11.67
CA HIS F 50 -48.84 25.14 -10.60
C HIS F 50 -47.46 25.58 -11.09
N HIS F 51 -47.29 25.81 -12.40
CA HIS F 51 -45.99 26.19 -12.93
C HIS F 51 -45.54 27.52 -12.34
N GLY F 52 -44.23 27.63 -12.08
CA GLY F 52 -43.69 28.76 -11.35
C GLY F 52 -43.74 28.61 -9.85
N SER F 53 -44.42 27.57 -9.34
CA SER F 53 -44.50 27.29 -7.91
C SER F 53 -43.67 26.05 -7.60
N PHE F 54 -42.70 26.19 -6.70
CA PHE F 54 -41.77 25.11 -6.36
C PHE F 54 -41.74 24.93 -4.85
N TYR F 55 -41.92 23.68 -4.41
CA TYR F 55 -41.83 23.37 -2.99
C TYR F 55 -40.38 23.36 -2.53
N THR F 56 -40.14 23.93 -1.35
CA THR F 56 -38.79 24.05 -0.82
C THR F 56 -38.19 22.70 -0.43
N GLY F 57 -39.01 21.66 -0.26
CA GLY F 57 -38.50 20.37 0.14
C GLY F 57 -38.39 19.38 -0.99
N ASP F 58 -38.42 19.86 -2.23
CA ASP F 58 -38.52 19.00 -3.39
C ASP F 58 -37.50 19.40 -4.46
N SER F 59 -37.38 18.54 -5.47
CA SER F 59 -36.51 18.76 -6.62
C SER F 59 -37.36 18.67 -7.89
N TYR F 60 -37.02 19.50 -8.87
CA TYR F 60 -37.79 19.58 -10.11
C TYR F 60 -36.86 19.57 -11.32
N ILE F 61 -37.45 19.33 -12.49
CA ILE F 61 -36.77 19.49 -13.77
C ILE F 61 -37.58 20.46 -14.62
N VAL F 62 -36.91 21.50 -15.11
CA VAL F 62 -37.56 22.58 -15.87
C VAL F 62 -36.93 22.60 -17.26
N LEU F 63 -37.68 22.14 -18.26
CA LEU F 63 -37.22 22.14 -19.64
C LEU F 63 -37.77 23.38 -20.34
N SER F 64 -36.87 24.25 -20.78
CA SER F 64 -37.23 25.45 -21.52
C SER F 64 -36.85 25.26 -22.98
N THR F 65 -37.85 25.27 -23.86
CA THR F 65 -37.65 25.18 -25.29
C THR F 65 -37.87 26.55 -25.91
N TYR F 66 -36.95 26.99 -26.76
CA TYR F 66 -37.00 28.34 -27.29
C TYR F 66 -36.38 28.39 -28.67
N HIS F 67 -36.72 29.43 -29.41
CA HIS F 67 -36.03 29.76 -30.65
C HIS F 67 -34.93 30.77 -30.35
N PRO F 68 -33.66 30.46 -30.62
CA PRO F 68 -32.61 31.44 -30.36
C PRO F 68 -32.73 32.63 -31.30
N LYS F 69 -32.28 33.79 -30.83
CA LYS F 69 -32.39 35.00 -31.62
C LYS F 69 -31.48 34.94 -32.85
N ASP F 73 -35.59 29.54 -36.66
CA ASP F 73 -36.28 28.42 -37.29
C ASP F 73 -35.97 27.11 -36.56
N LYS F 74 -34.97 27.15 -35.69
CA LYS F 74 -34.48 25.97 -34.97
C LYS F 74 -34.93 26.01 -33.51
N LEU F 75 -35.04 24.82 -32.92
CA LEU F 75 -35.40 24.66 -31.52
C LEU F 75 -34.15 24.44 -30.69
N ALA F 76 -34.01 25.22 -29.61
CA ALA F 76 -32.93 25.05 -28.65
C ALA F 76 -33.52 24.79 -27.27
N TYR F 77 -32.70 24.26 -26.37
CA TYR F 77 -33.16 23.86 -25.05
C TYR F 77 -32.15 24.23 -23.98
N ASP F 78 -32.64 24.79 -22.88
CA ASP F 78 -31.89 24.89 -21.63
C ASP F 78 -32.70 24.16 -20.56
N VAL F 79 -32.15 23.05 -20.06
CA VAL F 79 -32.85 22.24 -19.06
C VAL F 79 -32.25 22.51 -17.69
N HIS F 80 -33.10 22.89 -16.75
CA HIS F 80 -32.70 23.19 -15.39
C HIS F 80 -33.32 22.16 -14.46
N PHE F 81 -32.51 21.57 -13.58
CA PHE F 81 -33.06 20.87 -12.43
C PHE F 81 -32.88 21.75 -11.21
N TRP F 82 -33.96 21.90 -10.44
CA TRP F 82 -34.06 22.89 -9.38
C TRP F 82 -34.16 22.15 -8.05
N LEU F 83 -33.25 22.47 -7.14
CA LEU F 83 -33.12 21.77 -5.87
C LEU F 83 -33.60 22.69 -4.75
N GLY F 84 -34.68 22.32 -4.10
CA GLY F 84 -35.14 23.06 -2.94
C GLY F 84 -34.16 22.97 -1.79
N ALA F 85 -34.19 23.99 -0.93
CA ALA F 85 -33.26 24.04 0.19
C ALA F 85 -33.44 22.89 1.16
N PHE F 86 -34.59 22.20 1.12
CA PHE F 86 -34.87 21.10 2.03
C PHE F 86 -35.15 19.78 1.31
N THR F 87 -34.82 19.70 0.02
CA THR F 87 -34.97 18.43 -0.69
C THR F 87 -33.99 17.40 -0.14
N THR F 88 -34.40 16.14 -0.19
CA THR F 88 -33.56 15.06 0.30
C THR F 88 -32.65 14.55 -0.81
N GLN F 89 -31.62 13.80 -0.40
CA GLN F 89 -30.56 13.38 -1.32
C GLN F 89 -31.10 12.53 -2.47
N ASP F 90 -32.12 11.70 -2.20
CA ASP F 90 -32.69 10.86 -3.25
C ASP F 90 -33.37 11.69 -4.32
N GLU F 91 -34.03 12.79 -3.92
CA GLU F 91 -34.75 13.60 -4.89
C GLU F 91 -33.78 14.41 -5.75
N ALA F 92 -32.75 14.98 -5.13
CA ALA F 92 -31.77 15.76 -5.89
C ALA F 92 -30.94 14.88 -6.80
N GLY F 93 -30.60 13.67 -6.34
CA GLY F 93 -29.87 12.75 -7.19
C GLY F 93 -30.69 12.25 -8.36
N THR F 94 -31.99 12.05 -8.14
CA THR F 94 -32.86 11.62 -9.24
C THR F 94 -33.05 12.75 -10.25
N ALA F 95 -33.25 13.98 -9.78
CA ALA F 95 -33.39 15.11 -10.69
C ALA F 95 -32.14 15.30 -11.54
N ALA F 96 -30.96 15.08 -10.95
CA ALA F 96 -29.73 15.19 -11.71
C ALA F 96 -29.65 14.11 -12.79
N TYR F 97 -29.91 12.86 -12.41
CA TYR F 97 -29.82 11.77 -13.39
C TYR F 97 -30.86 11.94 -14.49
N LYS F 98 -32.11 12.23 -14.11
CA LYS F 98 -33.16 12.33 -15.11
C LYS F 98 -33.01 13.56 -16.00
N THR F 99 -32.30 14.59 -15.52
CA THR F 99 -31.94 15.70 -16.39
C THR F 99 -30.98 15.25 -17.50
N VAL F 100 -29.96 14.48 -17.14
CA VAL F 100 -29.08 13.90 -18.14
C VAL F 100 -29.86 13.02 -19.11
N GLU F 101 -30.82 12.25 -18.58
CA GLU F 101 -31.61 11.37 -19.44
C GLU F 101 -32.48 12.17 -20.39
N LEU F 102 -33.09 13.25 -19.92
CA LEU F 102 -33.85 14.13 -20.81
C LEU F 102 -32.93 14.73 -21.87
N ASP F 103 -31.71 15.12 -21.47
CA ASP F 103 -30.69 15.57 -22.42
C ASP F 103 -30.46 14.53 -23.51
N ASP F 104 -30.22 13.29 -23.11
CA ASP F 104 -30.04 12.20 -24.08
C ASP F 104 -31.26 12.06 -24.97
N TYR F 105 -32.46 12.07 -24.38
CA TYR F 105 -33.70 11.98 -25.14
C TYR F 105 -33.75 13.00 -26.27
N LEU F 106 -33.33 14.23 -25.98
CA LEU F 106 -33.30 15.31 -26.97
C LEU F 106 -31.96 15.38 -27.71
N GLY F 107 -31.26 14.26 -27.86
CA GLY F 107 -30.07 14.21 -28.68
C GLY F 107 -28.92 15.04 -28.16
N GLY F 108 -28.80 15.20 -26.84
CA GLY F 108 -27.71 15.97 -26.27
C GLY F 108 -27.80 17.47 -26.47
N LEU F 109 -28.79 17.96 -27.20
CA LEU F 109 -28.88 19.39 -27.48
C LEU F 109 -29.11 20.27 -26.25
N PRO F 110 -29.95 19.90 -25.28
CA PRO F 110 -30.17 20.81 -24.14
C PRO F 110 -28.89 21.08 -23.34
N VAL F 111 -28.78 22.30 -22.86
CA VAL F 111 -27.71 22.70 -21.94
C VAL F 111 -28.23 22.60 -20.52
N GLN F 112 -27.47 21.91 -19.66
CA GLN F 112 -27.93 21.61 -18.31
C GLN F 112 -27.57 22.71 -17.33
N TYR F 113 -28.50 23.01 -16.42
CA TYR F 113 -28.29 23.94 -15.33
C TYR F 113 -28.67 23.28 -14.02
N ARG F 114 -27.83 23.45 -13.01
CA ARG F 114 -28.17 23.11 -11.63
C ARG F 114 -28.57 24.38 -10.90
N GLU F 115 -29.82 24.45 -10.45
CA GLU F 115 -30.35 25.62 -9.76
C GLU F 115 -30.65 25.27 -8.31
N VAL F 116 -30.01 25.97 -7.39
CA VAL F 116 -30.30 25.85 -5.96
C VAL F 116 -31.21 26.99 -5.55
N GLN F 117 -32.13 26.71 -4.64
CA GLN F 117 -33.05 27.73 -4.15
C GLN F 117 -32.28 28.92 -3.58
N GLY F 118 -32.64 30.12 -4.02
CA GLY F 118 -31.96 31.33 -3.61
C GLY F 118 -30.70 31.66 -4.39
N TYR F 119 -30.23 30.75 -5.25
CA TYR F 119 -29.05 30.97 -6.07
C TYR F 119 -29.32 30.69 -7.55
N GLU F 120 -30.59 30.75 -7.96
CA GLU F 120 -30.93 30.47 -9.35
C GLU F 120 -30.23 31.44 -10.29
N SER F 121 -29.92 30.93 -11.47
CA SER F 121 -29.28 31.77 -12.49
C SER F 121 -30.29 32.80 -13.00
N GLU F 122 -29.80 33.79 -13.72
CA GLU F 122 -30.64 34.84 -14.32
C GLU F 122 -31.46 34.15 -15.42
N ARG F 123 -30.86 33.21 -16.13
CA ARG F 123 -31.56 32.46 -17.19
C ARG F 123 -32.78 31.75 -16.59
N PHE F 124 -32.65 31.12 -15.44
CA PHE F 124 -33.79 30.42 -14.85
C PHE F 124 -34.87 31.39 -14.41
N LEU F 125 -34.48 32.49 -13.75
CA LEU F 125 -35.44 33.49 -13.30
C LEU F 125 -36.20 34.10 -14.48
N SER F 126 -35.56 34.20 -15.64
CA SER F 126 -36.19 34.79 -16.81
C SER F 126 -37.31 33.93 -17.38
N LEU F 127 -37.39 32.66 -16.99
CA LEU F 127 -38.46 31.79 -17.48
C LEU F 127 -39.80 32.08 -16.82
N PHE F 128 -39.83 32.95 -15.81
CA PHE F 128 -41.04 33.25 -15.06
C PHE F 128 -41.23 34.75 -14.92
N PRO F 129 -42.47 35.23 -14.94
CA PRO F 129 -42.75 36.66 -14.78
C PRO F 129 -42.48 37.15 -13.36
N LEU F 133 -41.78 33.57 -9.69
CA LEU F 133 -41.10 32.55 -8.91
C LEU F 133 -41.46 32.65 -7.43
N ARG F 134 -42.26 31.70 -6.96
CA ARG F 134 -42.65 31.63 -5.55
C ARG F 134 -42.27 30.28 -4.97
N ILE F 135 -41.71 30.30 -3.77
CA ILE F 135 -41.30 29.08 -3.05
C ILE F 135 -42.37 28.75 -2.02
N LEU F 136 -42.80 27.48 -2.00
CA LEU F 136 -43.83 27.03 -1.09
C LEU F 136 -43.24 26.18 0.02
N ASP F 137 -43.97 26.11 1.13
CA ASP F 137 -43.58 25.27 2.24
C ASP F 137 -44.01 23.82 1.98
N GLY F 138 -43.27 22.89 2.55
CA GLY F 138 -43.59 21.49 2.45
C GLY F 138 -42.84 20.78 1.34
N GLY F 139 -43.38 19.64 0.94
CA GLY F 139 -42.79 18.82 -0.09
C GLY F 139 -43.18 17.37 0.11
N VAL F 140 -43.12 16.61 -0.99
CA VAL F 140 -43.44 15.19 -0.91
C VAL F 140 -42.36 14.45 -0.14
N GLU F 141 -42.77 13.40 0.56
CA GLU F 141 -41.86 12.64 1.40
C GLU F 141 -40.78 11.96 0.56
N THR F 142 -39.60 11.80 1.16
CA THR F 142 -38.49 11.12 0.50
C THR F 142 -38.92 9.72 0.06
N GLY F 143 -38.25 9.23 -0.98
CA GLY F 143 -38.43 7.85 -1.40
C GLY F 143 -37.50 6.88 -0.73
N PHE F 144 -36.49 7.39 -0.03
CA PHE F 144 -35.54 6.55 0.69
C PHE F 144 -36.25 5.72 1.74
N HIS F 145 -35.82 4.47 1.90
CA HIS F 145 -36.08 3.72 3.12
C HIS F 145 -34.91 3.94 4.06
N HIS F 146 -35.20 4.34 5.30
CA HIS F 146 -34.13 4.63 6.24
C HIS F 146 -33.64 3.36 6.91
N VAL F 147 -32.33 3.19 6.94
CA VAL F 147 -31.69 2.04 7.57
C VAL F 147 -31.31 2.44 8.99
N GLU F 148 -31.94 1.81 9.97
CA GLU F 148 -31.64 2.10 11.37
C GLU F 148 -30.22 1.68 11.71
N THR G 7 -19.34 -27.60 2.09
CA THR G 7 -20.48 -28.23 1.43
C THR G 7 -21.10 -29.30 2.33
N THR G 8 -21.05 -29.04 3.63
CA THR G 8 -21.63 -29.97 4.61
C THR G 8 -23.13 -30.08 4.42
N ALA G 9 -23.64 -31.30 4.64
CA ALA G 9 -25.07 -31.54 4.50
C ALA G 9 -25.85 -30.78 5.58
N LEU G 10 -27.05 -30.32 5.20
CA LEU G 10 -27.94 -29.62 6.11
C LEU G 10 -28.98 -30.58 6.68
N VAL G 11 -29.27 -30.43 7.97
CA VAL G 11 -30.35 -31.15 8.63
C VAL G 11 -31.36 -30.11 9.12
N CYS G 12 -32.57 -30.16 8.58
CA CYS G 12 -33.66 -29.26 8.96
C CYS G 12 -34.84 -30.09 9.44
N ASP G 13 -35.20 -29.93 10.70
CA ASP G 13 -36.30 -30.69 11.30
C ASP G 13 -37.46 -29.74 11.54
N ASN G 14 -38.49 -29.81 10.68
CA ASN G 14 -39.59 -28.85 10.69
C ASN G 14 -40.73 -29.35 11.56
N GLY G 15 -41.06 -28.59 12.60
CA GLY G 15 -42.13 -28.92 13.51
C GLY G 15 -43.32 -27.96 13.38
N SER G 16 -44.42 -28.35 14.03
CA SER G 16 -45.61 -27.52 14.03
C SER G 16 -45.33 -26.15 14.64
N GLY G 17 -44.50 -26.12 15.69
CA GLY G 17 -44.22 -24.88 16.38
C GLY G 17 -42.82 -24.33 16.16
N LEU G 18 -41.83 -25.21 16.00
CA LEU G 18 -40.43 -24.80 15.95
C LEU G 18 -39.71 -25.47 14.80
N VAL G 19 -38.75 -24.72 14.23
CA VAL G 19 -37.84 -25.24 13.23
C VAL G 19 -36.51 -25.54 13.89
N LYS G 20 -35.98 -26.74 13.64
CA LYS G 20 -34.66 -27.15 14.12
C LYS G 20 -33.77 -27.37 12.91
N ALA G 21 -32.69 -26.61 12.80
CA ALA G 21 -31.86 -26.64 11.60
C ALA G 21 -30.39 -26.48 11.96
N GLY G 22 -29.53 -27.11 11.17
CA GLY G 22 -28.10 -27.04 11.40
C GLY G 22 -27.37 -27.86 10.37
N PHE G 23 -26.15 -28.26 10.72
CA PHE G 23 -25.28 -28.98 9.80
C PHE G 23 -25.05 -30.40 10.29
N ALA G 24 -24.98 -31.34 9.34
CA ALA G 24 -24.65 -32.72 9.67
C ALA G 24 -23.29 -32.77 10.37
N GLY G 25 -23.22 -33.54 11.46
CA GLY G 25 -22.02 -33.65 12.25
C GLY G 25 -21.99 -32.78 13.50
N ASP G 26 -22.80 -31.72 13.54
CA ASP G 26 -22.93 -30.93 14.75
C ASP G 26 -23.76 -31.69 15.78
N ASP G 27 -23.45 -31.45 17.06
CA ASP G 27 -24.14 -32.12 18.15
C ASP G 27 -25.40 -31.38 18.61
N ALA G 28 -25.78 -30.31 17.90
CA ALA G 28 -26.96 -29.53 18.24
C ALA G 28 -27.35 -28.65 17.05
N PRO G 29 -28.63 -28.37 16.85
CA PRO G 29 -29.02 -27.46 15.77
C PRO G 29 -28.50 -26.06 16.03
N ARG G 30 -28.03 -25.41 14.97
CA ARG G 30 -27.54 -24.04 15.10
C ARG G 30 -28.66 -23.02 15.09
N ALA G 31 -29.80 -23.35 14.48
CA ALA G 31 -30.95 -22.46 14.39
C ALA G 31 -32.18 -23.15 14.96
N VAL G 32 -32.82 -22.50 15.92
CA VAL G 32 -34.12 -22.93 16.47
C VAL G 32 -34.99 -21.69 16.55
N PHE G 33 -36.06 -21.65 15.75
CA PHE G 33 -36.88 -20.47 15.66
C PHE G 33 -38.32 -20.89 15.39
N PRO G 34 -39.30 -20.05 15.74
CA PRO G 34 -40.70 -20.43 15.57
C PRO G 34 -41.07 -20.63 14.10
N SER G 35 -41.91 -21.64 13.86
CA SER G 35 -42.43 -21.93 12.52
C SER G 35 -43.68 -21.10 12.33
N ILE G 36 -43.48 -19.82 12.01
CA ILE G 36 -44.54 -18.82 11.92
C ILE G 36 -44.23 -17.88 10.78
N VAL G 37 -45.25 -17.54 9.99
CA VAL G 37 -45.15 -16.55 8.92
C VAL G 37 -46.15 -15.44 9.21
N GLY G 38 -45.64 -14.24 9.46
CA GLY G 38 -46.48 -13.10 9.78
C GLY G 38 -46.65 -12.16 8.61
N SER G 54 -43.76 -9.44 4.67
CA SER G 54 -43.93 -10.63 5.49
C SER G 54 -42.70 -10.90 6.34
N TYR G 55 -42.92 -11.34 7.57
CA TYR G 55 -41.85 -11.63 8.52
C TYR G 55 -41.98 -13.07 9.01
N VAL G 56 -40.84 -13.75 9.15
CA VAL G 56 -40.80 -15.16 9.52
C VAL G 56 -40.05 -15.33 10.83
N GLY G 57 -40.58 -16.20 11.69
CA GLY G 57 -39.85 -16.59 12.89
C GLY G 57 -39.76 -15.47 13.90
N ASP G 58 -38.54 -15.12 14.29
CA ASP G 58 -38.34 -14.03 15.24
C ASP G 58 -38.94 -12.73 14.72
N GLU G 59 -38.83 -12.48 13.43
CA GLU G 59 -39.34 -11.26 12.83
C GLU G 59 -40.86 -11.28 12.76
N THR G 68 -51.10 -10.62 12.88
CA THR G 68 -51.59 -11.85 12.26
C THR G 68 -50.45 -12.82 12.01
N LEU G 69 -50.41 -13.90 12.80
CA LEU G 69 -49.40 -14.94 12.67
C LEU G 69 -50.03 -16.22 12.16
N LYS G 70 -49.32 -16.93 11.29
CA LYS G 70 -49.83 -18.14 10.66
C LYS G 70 -48.80 -19.26 10.76
N TYR G 71 -49.29 -20.48 11.02
CA TYR G 71 -48.47 -21.67 11.16
C TYR G 71 -48.59 -22.53 9.91
N PRO G 72 -47.56 -22.61 9.07
CA PRO G 72 -47.69 -23.41 7.84
C PRO G 72 -47.75 -24.91 8.08
N ILE G 73 -47.38 -25.39 9.25
CA ILE G 73 -47.41 -26.82 9.57
C ILE G 73 -48.46 -27.05 10.64
N GLU G 74 -49.51 -27.79 10.29
CA GLU G 74 -50.59 -28.09 11.22
C GLU G 74 -50.56 -29.57 11.61
N GLY G 76 -48.20 -31.33 12.67
CA GLY G 76 -47.00 -31.95 12.11
C GLY G 76 -47.00 -32.09 10.60
N ILE G 77 -48.06 -31.60 9.96
CA ILE G 77 -48.25 -31.77 8.51
C ILE G 77 -48.23 -30.39 7.85
N ILE G 78 -47.53 -30.29 6.73
CA ILE G 78 -47.46 -29.04 5.98
C ILE G 78 -48.78 -28.84 5.25
N THR G 79 -49.42 -27.70 5.50
CA THR G 79 -50.68 -27.36 4.84
C THR G 79 -50.62 -26.05 4.08
N ASN G 80 -49.74 -25.12 4.43
CA ASN G 80 -49.54 -23.88 3.69
C ASN G 80 -48.21 -23.96 2.97
N TRP G 81 -48.26 -24.23 1.67
CA TRP G 81 -47.02 -24.44 0.92
C TRP G 81 -46.31 -23.12 0.64
N ASP G 82 -47.06 -22.05 0.37
CA ASP G 82 -46.43 -20.76 0.12
C ASP G 82 -45.80 -20.20 1.39
N ASP G 83 -46.40 -20.46 2.55
CA ASP G 83 -45.78 -20.05 3.81
C ASP G 83 -44.64 -20.97 4.20
N MET G 84 -44.75 -22.28 3.90
CA MET G 84 -43.65 -23.20 4.17
C MET G 84 -42.44 -22.88 3.32
N GLU G 85 -42.65 -22.43 2.09
CA GLU G 85 -41.54 -21.98 1.25
C GLU G 85 -40.78 -20.85 1.90
N LYS G 86 -41.50 -19.95 2.58
CA LYS G 86 -40.84 -18.86 3.30
C LYS G 86 -40.06 -19.39 4.49
N ILE G 87 -40.62 -20.37 5.21
CA ILE G 87 -39.91 -20.96 6.33
C ILE G 87 -38.57 -21.52 5.87
N TRP G 88 -38.58 -22.24 4.73
CA TRP G 88 -37.34 -22.83 4.23
C TRP G 88 -36.38 -21.74 3.74
N HIS G 89 -36.90 -20.73 3.05
CA HIS G 89 -36.05 -19.60 2.67
C HIS G 89 -35.42 -18.96 3.89
N HIS G 90 -36.21 -18.72 4.93
CA HIS G 90 -35.68 -18.14 6.16
C HIS G 90 -34.66 -19.06 6.82
N THR G 91 -34.85 -20.38 6.70
CA THR G 91 -33.90 -21.32 7.27
C THR G 91 -32.56 -21.26 6.54
N PHE G 92 -32.59 -21.35 5.22
CA PHE G 92 -31.34 -21.43 4.45
C PHE G 92 -30.56 -20.12 4.50
N TYR G 93 -31.25 -18.99 4.35
CA TYR G 93 -30.59 -17.70 4.14
C TYR G 93 -30.43 -16.90 5.44
N ASN G 94 -31.55 -16.50 6.05
CA ASN G 94 -31.45 -15.62 7.22
C ASN G 94 -30.80 -16.30 8.40
N GLU G 95 -31.12 -17.58 8.64
CA GLU G 95 -30.60 -18.28 9.82
C GLU G 95 -29.22 -18.88 9.56
N LEU G 96 -29.13 -19.80 8.61
CA LEU G 96 -27.89 -20.55 8.39
C LEU G 96 -26.91 -19.85 7.45
N ARG G 97 -27.34 -18.81 6.75
CA ARG G 97 -26.49 -18.04 5.83
C ARG G 97 -25.71 -18.95 4.89
N VAL G 98 -26.43 -19.81 4.18
CA VAL G 98 -25.81 -20.72 3.23
C VAL G 98 -26.47 -20.54 1.87
N ALA G 99 -25.76 -21.00 0.84
CA ALA G 99 -26.35 -21.18 -0.48
C ALA G 99 -26.93 -22.59 -0.53
N PRO G 100 -28.24 -22.77 -0.59
CA PRO G 100 -28.80 -24.14 -0.55
C PRO G 100 -28.31 -25.00 -1.71
N GLU G 101 -28.01 -24.41 -2.86
CA GLU G 101 -27.54 -25.19 -4.00
C GLU G 101 -26.20 -25.86 -3.75
N GLU G 102 -25.50 -25.50 -2.67
CA GLU G 102 -24.21 -26.09 -2.34
C GLU G 102 -24.30 -27.12 -1.21
N HIS G 103 -25.51 -27.49 -0.80
CA HIS G 103 -25.64 -28.34 0.37
C HIS G 103 -26.68 -29.44 0.19
N PRO G 104 -26.30 -30.71 0.28
CA PRO G 104 -27.30 -31.77 0.40
C PRO G 104 -28.10 -31.55 1.67
N THR G 105 -29.43 -31.70 1.58
CA THR G 105 -30.32 -31.30 2.65
C THR G 105 -31.18 -32.47 3.10
N LEU G 106 -31.11 -32.78 4.39
CA LEU G 106 -31.95 -33.79 5.01
C LEU G 106 -33.13 -33.10 5.66
N LEU G 107 -34.35 -33.47 5.25
CA LEU G 107 -35.57 -32.98 5.87
C LEU G 107 -36.24 -34.11 6.65
N THR G 108 -37.14 -33.73 7.55
CA THR G 108 -37.90 -34.69 8.33
C THR G 108 -39.39 -34.53 8.04
N GLU G 109 -40.15 -35.58 8.36
CA GLU G 109 -41.59 -35.55 8.13
C GLU G 109 -42.28 -36.41 9.17
N ALA G 110 -43.55 -36.09 9.41
CA ALA G 110 -44.34 -36.81 10.39
C ALA G 110 -44.72 -38.20 9.87
N PRO G 111 -45.00 -39.15 10.76
CA PRO G 111 -45.42 -40.48 10.31
C PRO G 111 -46.69 -40.41 9.46
N LEU G 112 -46.74 -41.25 8.43
CA LEU G 112 -47.88 -41.37 7.53
C LEU G 112 -48.16 -40.05 6.81
N ASN G 113 -47.10 -39.35 6.42
CA ASN G 113 -47.25 -38.10 5.68
C ASN G 113 -47.80 -38.39 4.29
N PRO G 114 -48.83 -37.67 3.84
CA PRO G 114 -49.42 -37.96 2.52
C PRO G 114 -48.42 -37.84 1.39
N LYS G 115 -48.74 -38.52 0.28
CA LYS G 115 -47.83 -38.57 -0.86
C LYS G 115 -47.69 -37.21 -1.53
N ALA G 116 -48.79 -36.43 -1.59
CA ALA G 116 -48.72 -35.10 -2.17
C ALA G 116 -47.75 -34.21 -1.42
N ASN G 117 -47.70 -34.35 -0.09
CA ASN G 117 -46.75 -33.56 0.70
C ASN G 117 -45.32 -33.96 0.40
N ARG G 118 -45.05 -35.25 0.28
CA ARG G 118 -43.69 -35.71 -0.03
C ARG G 118 -43.25 -35.22 -1.40
N GLU G 119 -44.13 -35.28 -2.40
CA GLU G 119 -43.78 -34.81 -3.73
C GLU G 119 -43.58 -33.31 -3.75
N LYS G 120 -44.48 -32.56 -3.13
CA LYS G 120 -44.35 -31.10 -3.12
C LYS G 120 -43.11 -30.68 -2.35
N MET G 121 -42.79 -31.36 -1.26
CA MET G 121 -41.56 -31.09 -0.54
C MET G 121 -40.34 -31.34 -1.42
N THR G 122 -40.36 -32.43 -2.19
CA THR G 122 -39.25 -32.75 -3.07
C THR G 122 -39.15 -31.75 -4.21
N GLN G 123 -40.30 -31.38 -4.79
CA GLN G 123 -40.31 -30.41 -5.88
C GLN G 123 -39.75 -29.07 -5.44
N ILE G 124 -40.19 -28.58 -4.29
CA ILE G 124 -39.77 -27.25 -3.84
C ILE G 124 -38.28 -27.24 -3.55
N MET G 125 -37.75 -28.30 -2.95
CA MET G 125 -36.33 -28.35 -2.65
C MET G 125 -35.48 -28.31 -3.91
N PHE G 126 -35.88 -29.05 -4.94
CA PHE G 126 -35.07 -29.13 -6.14
C PHE G 126 -35.33 -27.98 -7.11
N GLU G 127 -36.58 -27.53 -7.23
CA GLU G 127 -36.90 -26.50 -8.21
C GLU G 127 -36.76 -25.09 -7.67
N THR G 128 -37.16 -24.85 -6.42
CA THR G 128 -37.07 -23.51 -5.85
C THR G 128 -35.70 -23.25 -5.22
N PHE G 129 -35.13 -24.23 -4.52
CA PHE G 129 -33.88 -24.05 -3.81
C PHE G 129 -32.69 -24.75 -4.47
N ASN G 130 -32.93 -25.56 -5.50
CA ASN G 130 -31.85 -26.12 -6.34
C ASN G 130 -30.84 -26.91 -5.52
N VAL G 131 -31.31 -27.69 -4.55
CA VAL G 131 -30.40 -28.48 -3.72
C VAL G 131 -29.74 -29.56 -4.58
N PRO G 132 -28.49 -29.94 -4.29
CA PRO G 132 -27.84 -30.98 -5.08
C PRO G 132 -28.32 -32.39 -4.75
N ALA G 133 -28.74 -32.60 -3.51
CA ALA G 133 -29.27 -33.89 -3.09
C ALA G 133 -30.18 -33.69 -1.88
N MET G 134 -31.10 -34.63 -1.68
CA MET G 134 -32.12 -34.46 -0.65
C MET G 134 -32.64 -35.82 -0.18
N TYR G 135 -33.12 -35.85 1.06
CA TYR G 135 -33.75 -37.00 1.66
C TYR G 135 -34.75 -36.51 2.71
N VAL G 136 -35.82 -37.27 2.91
CA VAL G 136 -36.79 -36.99 3.96
C VAL G 136 -36.89 -38.22 4.85
N ALA G 137 -36.67 -38.03 6.15
CA ALA G 137 -36.62 -39.13 7.10
C ALA G 137 -37.80 -39.07 8.08
N ILE G 138 -38.13 -40.24 8.64
CA ILE G 138 -39.16 -40.31 9.66
C ILE G 138 -38.63 -39.74 10.97
N GLN G 139 -39.37 -38.80 11.55
CA GLN G 139 -38.90 -38.09 12.73
C GLN G 139 -38.66 -39.05 13.90
N ALA G 140 -39.62 -39.93 14.18
CA ALA G 140 -39.51 -40.80 15.33
C ALA G 140 -38.37 -41.81 15.19
N VAL G 141 -38.01 -42.17 13.95
CA VAL G 141 -36.90 -43.11 13.76
C VAL G 141 -35.58 -42.44 14.08
N LEU G 142 -35.38 -41.20 13.62
CA LEU G 142 -34.18 -40.46 13.98
C LEU G 142 -34.03 -40.33 15.49
N SER G 143 -35.16 -40.12 16.19
CA SER G 143 -35.11 -40.06 17.64
C SER G 143 -34.65 -41.37 18.25
N LEU G 144 -35.10 -42.50 17.68
CA LEU G 144 -34.72 -43.79 18.25
C LEU G 144 -33.23 -44.07 18.06
N TYR G 145 -32.71 -43.78 16.87
CA TYR G 145 -31.27 -43.88 16.65
C TYR G 145 -30.50 -42.94 17.57
N ALA G 146 -31.03 -41.74 17.81
CA ALA G 146 -30.35 -40.80 18.70
C ALA G 146 -30.21 -41.36 20.11
N SER G 147 -31.12 -42.23 20.54
CA SER G 147 -31.00 -42.89 21.82
C SER G 147 -30.12 -44.13 21.78
N GLY G 148 -29.57 -44.46 20.61
CA GLY G 148 -28.75 -45.65 20.47
C GLY G 148 -29.54 -46.94 20.53
N ARG G 149 -30.62 -47.00 19.75
CA ARG G 149 -31.50 -48.16 19.71
C ARG G 149 -31.93 -48.42 18.28
N THR G 150 -32.25 -49.69 18.01
CA THR G 150 -32.86 -50.10 16.75
C THR G 150 -34.27 -50.65 16.93
N THR G 151 -34.67 -50.96 18.16
CA THR G 151 -36.01 -51.43 18.48
C THR G 151 -36.56 -50.63 19.64
N GLY G 152 -37.80 -50.18 19.51
CA GLY G 152 -38.45 -49.48 20.60
C GLY G 152 -39.73 -48.83 20.12
N ILE G 153 -40.44 -48.23 21.06
CA ILE G 153 -41.63 -47.43 20.77
C ILE G 153 -41.37 -46.00 21.23
N VAL G 154 -41.41 -45.07 20.28
CA VAL G 154 -41.13 -43.67 20.56
C VAL G 154 -42.44 -42.95 20.83
N LEU G 155 -42.48 -42.20 21.93
CA LEU G 155 -43.55 -41.24 22.18
C LEU G 155 -43.01 -39.87 21.79
N ASP G 156 -43.42 -39.39 20.62
CA ASP G 156 -43.01 -38.09 20.11
C ASP G 156 -44.16 -37.12 20.27
N SER G 157 -44.00 -36.14 21.16
CA SER G 157 -45.01 -35.12 21.41
C SER G 157 -44.35 -33.75 21.31
N GLY G 158 -44.85 -32.91 20.42
CA GLY G 158 -44.28 -31.58 20.24
C GLY G 158 -45.25 -30.46 20.56
N ASP G 159 -45.43 -29.54 19.61
CA ASP G 159 -46.39 -28.45 19.76
C ASP G 159 -47.71 -28.73 19.06
N GLY G 160 -47.73 -29.60 18.06
CA GLY G 160 -48.92 -29.84 17.27
C GLY G 160 -49.48 -31.24 17.35
N VAL G 161 -48.61 -32.26 17.35
CA VAL G 161 -49.06 -33.65 17.43
C VAL G 161 -48.32 -34.41 18.52
N THR G 162 -48.96 -35.49 18.95
CA THR G 162 -48.33 -36.55 19.71
C THR G 162 -48.43 -37.83 18.89
N HIS G 163 -47.34 -38.58 18.83
CA HIS G 163 -47.28 -39.81 18.06
C HIS G 163 -46.69 -40.92 18.91
N ASN G 164 -47.17 -42.15 18.65
CA ASN G 164 -46.55 -43.36 19.15
C ASN G 164 -46.09 -44.16 17.94
N VAL G 165 -44.78 -44.36 17.82
CA VAL G 165 -44.23 -45.07 16.67
C VAL G 165 -43.39 -46.24 17.16
N PRO G 166 -43.92 -47.47 17.11
CA PRO G 166 -43.09 -48.64 17.45
C PRO G 166 -42.18 -49.02 16.28
N ILE G 167 -40.95 -49.40 16.64
CA ILE G 167 -39.91 -49.70 15.66
C ILE G 167 -39.23 -51.00 16.07
N TYR G 168 -38.98 -51.87 15.09
CA TYR G 168 -38.33 -53.16 15.34
C TYR G 168 -37.19 -53.34 14.35
N GLU G 169 -35.98 -53.55 14.87
CA GLU G 169 -34.78 -53.77 14.05
C GLU G 169 -34.61 -52.67 13.01
N GLY G 170 -34.90 -51.43 13.43
CA GLY G 170 -34.66 -50.26 12.61
C GLY G 170 -35.79 -49.86 11.68
N TYR G 171 -36.93 -50.53 11.74
CA TYR G 171 -38.02 -50.27 10.80
C TYR G 171 -39.31 -50.02 11.55
N ALA G 172 -39.95 -48.90 11.24
CA ALA G 172 -41.22 -48.55 11.87
C ALA G 172 -42.31 -49.51 11.41
N LEU G 173 -43.24 -49.79 12.33
CA LEU G 173 -44.39 -50.65 12.04
C LEU G 173 -45.58 -49.75 11.73
N PRO G 174 -45.92 -49.55 10.45
CA PRO G 174 -46.89 -48.49 10.12
C PRO G 174 -48.29 -48.73 10.66
N HIS G 175 -48.72 -49.99 10.76
CA HIS G 175 -50.09 -50.27 11.19
C HIS G 175 -50.29 -50.07 12.68
N ALA G 176 -49.21 -49.96 13.46
CA ALA G 176 -49.32 -49.75 14.90
C ALA G 176 -49.02 -48.32 15.31
N ILE G 177 -48.80 -47.42 14.35
CA ILE G 177 -48.51 -46.03 14.66
C ILE G 177 -49.79 -45.32 15.08
N MET G 178 -49.72 -44.56 16.17
CA MET G 178 -50.84 -43.79 16.68
C MET G 178 -50.59 -42.30 16.50
N ARG G 179 -51.63 -41.59 16.11
CA ARG G 179 -51.61 -40.13 16.04
C ARG G 179 -52.63 -39.58 17.02
N LEU G 180 -52.19 -38.65 17.87
CA LEU G 180 -53.05 -37.99 18.84
C LEU G 180 -52.91 -36.49 18.67
N ASP G 181 -53.98 -35.84 18.21
CA ASP G 181 -53.96 -34.39 17.97
C ASP G 181 -54.10 -33.62 19.28
N LEU G 182 -53.11 -33.79 20.14
CA LEU G 182 -53.09 -33.17 21.46
C LEU G 182 -51.63 -33.00 21.85
N ALA G 183 -51.17 -31.76 21.97
CA ALA G 183 -49.75 -31.51 22.18
C ALA G 183 -49.57 -30.16 22.87
N GLY G 184 -48.39 -29.57 22.69
CA GLY G 184 -47.99 -28.46 23.54
C GLY G 184 -48.85 -27.22 23.37
N ARG G 185 -49.32 -26.96 22.16
CA ARG G 185 -50.17 -25.75 21.93
C ARG G 185 -51.47 -25.93 22.70
N ASP G 186 -52.07 -27.11 22.64
CA ASP G 186 -53.30 -27.35 23.39
C ASP G 186 -53.06 -27.15 24.89
N LEU G 187 -51.91 -27.61 25.39
CA LEU G 187 -51.58 -27.41 26.80
C LEU G 187 -51.36 -25.93 27.10
N THR G 188 -50.74 -25.20 26.17
CA THR G 188 -50.59 -23.76 26.33
C THR G 188 -51.95 -23.08 26.45
N ASP G 189 -52.89 -23.46 25.59
CA ASP G 189 -54.22 -22.87 25.66
C ASP G 189 -54.96 -23.28 26.93
N TYR G 190 -54.79 -24.53 27.37
CA TYR G 190 -55.45 -24.97 28.59
C TYR G 190 -54.92 -24.24 29.81
N LEU G 191 -53.61 -24.00 29.85
CA LEU G 191 -53.04 -23.22 30.96
C LEU G 191 -53.56 -21.79 30.94
N MET G 192 -53.73 -21.22 29.75
CA MET G 192 -54.33 -19.89 29.65
C MET G 192 -55.74 -19.87 30.23
N LYS G 193 -56.51 -20.92 29.95
CA LYS G 193 -57.88 -21.00 30.44
C LYS G 193 -57.91 -21.08 31.97
N ILE G 194 -57.21 -22.06 32.53
CA ILE G 194 -57.33 -22.29 33.97
C ILE G 194 -56.63 -21.19 34.77
N LEU G 195 -55.74 -20.41 34.15
CA LEU G 195 -55.15 -19.28 34.85
C LEU G 195 -56.17 -18.16 35.10
N THR G 196 -57.31 -18.18 34.41
CA THR G 196 -58.32 -17.16 34.62
C THR G 196 -59.02 -17.28 35.96
N GLU G 197 -59.03 -18.48 36.55
CA GLU G 197 -59.77 -18.70 37.80
C GLU G 197 -59.26 -17.80 38.92
N ARG G 198 -57.96 -17.52 38.94
CA ARG G 198 -57.37 -16.60 39.90
C ARG G 198 -57.48 -15.14 39.48
N GLY G 199 -58.08 -14.86 38.33
CA GLY G 199 -58.26 -13.50 37.86
C GLY G 199 -57.30 -13.05 36.77
N TYR G 200 -56.27 -13.84 36.48
CA TYR G 200 -55.35 -13.49 35.42
C TYR G 200 -56.01 -13.60 34.05
N SER G 201 -55.61 -12.72 33.14
CA SER G 201 -56.15 -12.71 31.78
C SER G 201 -55.01 -12.68 30.79
N PHE G 202 -54.82 -13.78 30.07
CA PHE G 202 -53.81 -13.90 29.01
C PHE G 202 -54.55 -14.18 27.71
N VAL G 203 -54.62 -13.17 26.84
CA VAL G 203 -55.50 -13.19 25.67
C VAL G 203 -54.73 -12.98 24.38
N THR G 204 -53.88 -11.97 24.34
CA THR G 204 -53.16 -11.64 23.12
C THR G 204 -52.10 -12.71 22.81
N THR G 205 -51.68 -12.74 21.54
CA THR G 205 -50.61 -13.65 21.14
C THR G 205 -49.36 -13.41 21.95
N ALA G 206 -49.03 -12.14 22.22
CA ALA G 206 -47.95 -11.81 23.13
C ALA G 206 -48.13 -12.49 24.49
N GLU G 207 -49.31 -12.31 25.09
CA GLU G 207 -49.58 -12.90 26.39
C GLU G 207 -49.59 -14.43 26.32
N ARG G 208 -50.00 -15.00 25.19
CA ARG G 208 -49.93 -16.45 25.02
C ARG G 208 -48.49 -16.94 25.09
N GLU G 209 -47.54 -16.13 24.59
CA GLU G 209 -46.13 -16.50 24.69
C GLU G 209 -45.65 -16.50 26.13
N ILE G 210 -46.18 -15.60 26.97
CA ILE G 210 -45.81 -15.63 28.39
C ILE G 210 -46.32 -16.91 29.04
N VAL G 211 -47.50 -17.39 28.64
CA VAL G 211 -48.06 -18.59 29.26
C VAL G 211 -47.29 -19.83 28.80
N ARG G 212 -46.92 -19.89 27.52
CA ARG G 212 -46.06 -20.96 27.05
C ARG G 212 -44.77 -20.98 27.87
N ASP G 213 -44.21 -19.81 28.17
CA ASP G 213 -43.04 -19.73 29.04
C ASP G 213 -43.38 -20.22 30.46
N ILE G 214 -44.50 -19.75 31.01
CA ILE G 214 -44.92 -20.22 32.34
C ILE G 214 -45.04 -21.73 32.35
N LYS G 215 -45.69 -22.27 31.31
CA LYS G 215 -45.83 -23.72 31.17
C LYS G 215 -44.48 -24.43 31.22
N GLU G 216 -43.54 -23.98 30.40
CA GLU G 216 -42.26 -24.70 30.27
C GLU G 216 -41.43 -24.64 31.56
N LYS G 217 -41.69 -23.67 32.44
CA LYS G 217 -40.82 -23.42 33.58
C LYS G 217 -41.37 -23.96 34.90
N LEU G 218 -42.68 -23.88 35.12
CA LEU G 218 -43.24 -24.19 36.43
C LEU G 218 -44.16 -25.41 36.43
N CYS G 219 -44.43 -26.00 35.27
CA CYS G 219 -45.35 -27.12 35.20
C CYS G 219 -44.64 -28.44 35.48
N TYR G 220 -45.41 -29.43 35.88
CA TYR G 220 -44.91 -30.78 36.14
C TYR G 220 -46.09 -31.74 36.14
N VAL G 221 -45.80 -33.02 35.96
CA VAL G 221 -46.82 -34.07 35.94
C VAL G 221 -46.82 -34.75 37.29
N ALA G 222 -47.96 -34.71 37.98
CA ALA G 222 -48.07 -35.37 39.27
C ALA G 222 -48.11 -36.88 39.10
N LEU G 223 -47.36 -37.59 39.96
CA LEU G 223 -47.40 -39.05 39.94
C LEU G 223 -48.77 -39.55 40.37
N ASP G 224 -49.35 -38.97 41.41
CA ASP G 224 -50.70 -39.27 41.88
C ASP G 224 -51.48 -37.96 41.81
N PHE G 225 -52.30 -37.82 40.75
CA PHE G 225 -52.95 -36.55 40.47
C PHE G 225 -53.88 -36.14 41.61
N GLU G 226 -54.78 -37.05 42.00
CA GLU G 226 -55.74 -36.73 43.06
C GLU G 226 -55.05 -36.44 44.38
N ASN G 227 -53.92 -37.10 44.65
CA ASN G 227 -53.17 -36.81 45.87
C ASN G 227 -52.62 -35.39 45.86
N GLU G 228 -52.02 -34.97 44.74
CA GLU G 228 -51.46 -33.62 44.66
C GLU G 228 -52.56 -32.57 44.68
N MET G 229 -53.74 -32.88 44.13
CA MET G 229 -54.87 -31.96 44.24
C MET G 229 -55.25 -31.74 45.69
N ALA G 230 -55.20 -32.80 46.51
CA ALA G 230 -55.46 -32.66 47.93
C ALA G 230 -54.35 -31.89 48.63
N THR G 231 -53.10 -32.05 48.17
CA THR G 231 -51.98 -31.34 48.78
C THR G 231 -52.05 -29.84 48.49
N ALA G 232 -52.40 -29.46 47.25
CA ALA G 232 -52.48 -28.05 46.90
C ALA G 232 -53.61 -27.35 47.66
N ALA G 233 -54.68 -28.08 47.99
CA ALA G 233 -55.72 -27.51 48.84
C ALA G 233 -55.32 -27.51 50.31
N SER G 234 -54.49 -28.49 50.72
CA SER G 234 -54.09 -28.59 52.11
C SER G 234 -53.06 -27.51 52.46
N SER G 235 -52.06 -27.33 51.61
CA SER G 235 -50.92 -26.47 51.92
C SER G 235 -50.70 -25.47 50.79
N SER G 236 -49.73 -24.58 51.01
CA SER G 236 -49.23 -23.68 49.97
C SER G 236 -47.85 -24.10 49.48
N SER G 237 -47.46 -25.34 49.77
CA SER G 237 -46.13 -25.82 49.38
C SER G 237 -45.98 -25.93 47.87
N LEU G 238 -47.08 -26.23 47.16
CA LEU G 238 -47.03 -26.41 45.73
C LEU G 238 -47.05 -25.09 44.96
N GLU G 239 -47.13 -23.96 45.67
CA GLU G 239 -47.28 -22.67 45.02
C GLU G 239 -45.93 -22.13 44.55
N LYS G 240 -45.92 -21.58 43.34
CA LYS G 240 -44.74 -20.96 42.76
C LYS G 240 -45.11 -19.60 42.19
N SER G 241 -44.18 -18.66 42.27
CA SER G 241 -44.39 -17.31 41.75
C SER G 241 -43.65 -17.13 40.43
N TYR G 242 -44.13 -16.16 39.65
CA TYR G 242 -43.59 -15.88 38.33
C TYR G 242 -43.79 -14.41 38.02
N GLU G 243 -42.70 -13.72 37.67
CA GLU G 243 -42.75 -12.28 37.43
C GLU G 243 -42.98 -12.02 35.94
N LEU G 244 -44.04 -11.28 35.62
CA LEU G 244 -44.36 -10.91 34.26
C LEU G 244 -43.43 -9.80 33.78
N PRO G 245 -43.41 -9.52 32.48
CA PRO G 245 -42.66 -8.35 32.01
C PRO G 245 -43.17 -7.04 32.58
N ASP G 246 -44.45 -6.99 32.98
CA ASP G 246 -45.02 -5.80 33.60
C ASP G 246 -44.44 -5.50 34.98
N GLY G 247 -43.64 -6.42 35.54
CA GLY G 247 -43.41 -6.43 36.97
C GLY G 247 -44.49 -7.13 37.75
N GLN G 248 -45.62 -7.42 37.12
CA GLN G 248 -46.69 -8.20 37.74
C GLN G 248 -46.19 -9.59 38.12
N VAL G 249 -46.40 -9.97 39.37
CA VAL G 249 -45.98 -11.27 39.89
C VAL G 249 -47.24 -12.11 40.12
N ILE G 250 -47.47 -13.08 39.23
CA ILE G 250 -48.60 -13.98 39.38
C ILE G 250 -48.15 -15.18 40.21
N THR G 251 -49.13 -15.88 40.79
CA THR G 251 -48.87 -17.02 41.65
C THR G 251 -49.67 -18.22 41.15
N ILE G 252 -48.98 -19.33 40.93
CA ILE G 252 -49.57 -20.53 40.35
C ILE G 252 -49.64 -21.61 41.43
N GLY G 253 -50.65 -22.47 41.34
CA GLY G 253 -50.84 -23.53 42.29
C GLY G 253 -51.01 -24.89 41.65
N ASN G 254 -52.16 -25.53 41.87
CA ASN G 254 -52.42 -26.82 41.23
C ASN G 254 -52.55 -26.70 39.72
N GLU G 255 -52.54 -25.49 39.17
CA GLU G 255 -52.46 -25.34 37.72
C GLU G 255 -51.13 -25.87 37.18
N ARG G 256 -50.10 -25.91 38.02
CA ARG G 256 -48.81 -26.44 37.62
C ARG G 256 -48.95 -27.85 37.05
N PHE G 257 -49.72 -28.69 37.71
CA PHE G 257 -49.85 -30.08 37.28
C PHE G 257 -51.19 -30.40 36.61
N ARG G 258 -52.22 -29.57 36.80
CA ARG G 258 -53.44 -29.79 36.04
C ARG G 258 -53.21 -29.60 34.55
N CYS G 259 -52.29 -28.70 34.17
CA CYS G 259 -52.08 -28.43 32.75
C CYS G 259 -51.55 -29.65 32.00
N PRO G 260 -50.43 -30.26 32.40
CA PRO G 260 -49.97 -31.46 31.68
C PRO G 260 -50.75 -32.72 32.02
N GLU G 261 -51.62 -32.67 33.05
CA GLU G 261 -52.52 -33.80 33.30
C GLU G 261 -53.38 -34.10 32.09
N THR G 262 -53.69 -33.07 31.29
CA THR G 262 -54.48 -33.24 30.08
C THR G 262 -53.90 -34.29 29.15
N LEU G 263 -52.57 -34.46 29.17
CA LEU G 263 -51.95 -35.50 28.35
C LEU G 263 -52.48 -36.88 28.73
N PHE G 264 -52.67 -37.12 30.03
CA PHE G 264 -53.24 -38.38 30.49
C PHE G 264 -54.77 -38.34 30.58
N GLN G 265 -55.37 -37.16 30.63
CA GLN G 265 -56.83 -36.99 30.68
C GLN G 265 -57.24 -35.97 29.63
N PRO G 266 -57.38 -36.40 28.37
CA PRO G 266 -57.79 -35.45 27.32
C PRO G 266 -59.19 -34.88 27.52
N SER G 267 -60.00 -35.46 28.40
CA SER G 267 -61.29 -34.87 28.72
C SER G 267 -61.15 -33.51 29.41
N PHE G 268 -59.96 -33.21 29.94
CA PHE G 268 -59.73 -31.91 30.57
C PHE G 268 -60.00 -30.76 29.61
N ILE G 269 -59.82 -30.99 28.31
CA ILE G 269 -60.11 -29.97 27.30
C ILE G 269 -61.29 -30.38 26.42
N GLY G 270 -62.16 -31.26 26.92
CA GLY G 270 -63.33 -31.68 26.16
C GLY G 270 -63.07 -32.66 25.05
N MET G 271 -61.92 -33.32 25.06
CA MET G 271 -61.54 -34.24 24.00
C MET G 271 -61.83 -35.68 24.44
N GLU G 272 -62.69 -36.37 23.68
CA GLU G 272 -62.98 -37.77 23.93
C GLU G 272 -61.90 -38.59 23.24
N SER G 273 -60.85 -38.92 23.99
CA SER G 273 -59.70 -39.63 23.43
C SER G 273 -58.91 -40.22 24.57
N ALA G 274 -58.17 -41.28 24.24
CA ALA G 274 -57.29 -41.91 25.22
C ALA G 274 -56.11 -40.99 25.55
N GLY G 275 -55.59 -41.12 26.77
CA GLY G 275 -54.39 -40.41 27.16
C GLY G 275 -53.16 -40.98 26.49
N ILE G 276 -52.02 -40.33 26.73
CA ILE G 276 -50.79 -40.74 26.07
C ILE G 276 -50.33 -42.10 26.57
N HIS G 277 -50.56 -42.40 27.86
CA HIS G 277 -50.24 -43.72 28.38
C HIS G 277 -51.08 -44.80 27.71
N GLU G 278 -52.34 -44.48 27.39
CA GLU G 278 -53.20 -45.47 26.75
C GLU G 278 -52.84 -45.66 25.28
N THR G 279 -52.56 -44.56 24.57
CA THR G 279 -52.17 -44.69 23.16
C THR G 279 -50.85 -45.44 23.02
N THR G 280 -49.95 -45.30 23.99
CA THR G 280 -48.73 -46.10 23.98
C THR G 280 -49.05 -47.58 24.15
N TYR G 281 -49.80 -47.92 25.19
CA TYR G 281 -50.23 -49.31 25.40
C TYR G 281 -50.95 -49.84 24.17
N ASN G 282 -51.89 -49.06 23.64
CA ASN G 282 -52.66 -49.51 22.48
C ASN G 282 -51.76 -49.75 21.28
N SER G 283 -50.76 -48.89 21.08
CA SER G 283 -49.82 -49.09 19.98
C SER G 283 -49.00 -50.37 20.17
N ILE G 284 -48.53 -50.61 21.40
CA ILE G 284 -47.78 -51.84 21.67
C ILE G 284 -48.64 -53.06 21.39
N MET G 285 -49.89 -53.03 21.83
CA MET G 285 -50.78 -54.17 21.62
C MET G 285 -51.10 -54.40 20.15
N LYS G 286 -50.87 -53.42 19.28
CA LYS G 286 -51.09 -53.58 17.86
C LYS G 286 -49.90 -54.19 17.14
N CYS G 287 -48.78 -54.41 17.83
CA CYS G 287 -47.62 -55.06 17.25
C CYS G 287 -47.65 -56.57 17.51
N ASP G 288 -46.77 -57.28 16.81
CA ASP G 288 -46.58 -58.71 17.06
C ASP G 288 -46.28 -58.95 18.53
N ILE G 289 -46.97 -59.93 19.11
CA ILE G 289 -46.79 -60.26 20.53
C ILE G 289 -45.33 -60.60 20.82
N ASP G 290 -44.61 -61.14 19.84
CA ASP G 290 -43.24 -61.58 20.06
C ASP G 290 -42.27 -60.43 20.30
N ILE G 291 -42.66 -59.19 19.99
CA ILE G 291 -41.78 -58.04 20.15
C ILE G 291 -42.30 -57.06 21.19
N ARG G 292 -43.41 -57.35 21.86
CA ARG G 292 -43.97 -56.39 22.81
C ARG G 292 -43.07 -56.20 24.02
N LYS G 293 -42.42 -57.29 24.47
CA LYS G 293 -41.54 -57.18 25.62
C LYS G 293 -40.40 -56.21 25.36
N ASP G 294 -39.84 -56.24 24.15
CA ASP G 294 -38.80 -55.28 23.80
C ASP G 294 -39.34 -53.85 23.76
N LEU G 295 -40.60 -53.68 23.39
CA LEU G 295 -41.18 -52.34 23.35
C LEU G 295 -41.44 -51.80 24.75
N TYR G 296 -41.94 -52.65 25.65
CA TYR G 296 -42.23 -52.23 27.02
C TYR G 296 -40.97 -51.77 27.73
N ALA G 297 -39.85 -52.42 27.46
CA ALA G 297 -38.59 -52.07 28.11
C ALA G 297 -37.87 -50.92 27.42
N ASN G 298 -38.44 -50.35 26.36
CA ASN G 298 -37.76 -49.35 25.56
C ASN G 298 -38.75 -48.28 25.09
N ASN G 299 -39.34 -47.56 26.04
CA ASN G 299 -40.21 -46.43 25.72
C ASN G 299 -39.35 -45.17 25.67
N VAL G 300 -39.11 -44.67 24.46
CA VAL G 300 -38.24 -43.52 24.24
C VAL G 300 -39.12 -42.29 24.03
N MET G 301 -38.99 -41.31 24.90
CA MET G 301 -39.71 -40.05 24.78
C MET G 301 -38.88 -39.04 23.99
N SER G 302 -39.54 -38.33 23.09
CA SER G 302 -38.92 -37.25 22.34
C SER G 302 -39.93 -36.12 22.17
N GLY G 303 -39.41 -34.92 21.96
CA GLY G 303 -40.27 -33.79 21.74
C GLY G 303 -40.36 -32.90 22.97
N GLY G 304 -40.62 -31.61 22.74
CA GLY G 304 -40.62 -30.65 23.83
C GLY G 304 -41.68 -30.91 24.88
N THR G 305 -42.81 -31.50 24.49
CA THR G 305 -43.89 -31.75 25.44
C THR G 305 -43.62 -32.96 26.33
N THR G 306 -42.62 -33.79 26.01
CA THR G 306 -42.19 -34.82 26.96
C THR G 306 -41.23 -34.27 28.02
N MET G 307 -41.03 -32.96 28.08
CA MET G 307 -40.03 -32.37 28.97
C MET G 307 -40.58 -32.01 30.35
N TYR G 308 -41.87 -32.21 30.61
CA TYR G 308 -42.41 -31.91 31.92
C TYR G 308 -41.71 -32.76 32.97
N PRO G 309 -41.19 -32.17 34.04
CA PRO G 309 -40.66 -32.98 35.14
C PRO G 309 -41.74 -33.89 35.71
N GLY G 310 -41.39 -35.17 35.90
CA GLY G 310 -42.30 -36.15 36.43
C GLY G 310 -43.06 -36.96 35.39
N ILE G 311 -42.92 -36.64 34.11
CA ILE G 311 -43.73 -37.36 33.12
C ILE G 311 -43.22 -38.77 32.90
N ALA G 312 -41.93 -39.03 33.15
CA ALA G 312 -41.42 -40.39 32.99
C ALA G 312 -41.90 -41.29 34.11
N ASP G 313 -41.80 -40.82 35.36
CA ASP G 313 -42.34 -41.58 36.49
C ASP G 313 -43.81 -41.88 36.31
N ARG G 314 -44.59 -40.92 35.80
CA ARG G 314 -46.03 -41.14 35.63
C ARG G 314 -46.31 -42.11 34.49
N MET G 315 -45.55 -42.02 33.40
CA MET G 315 -45.69 -42.99 32.31
C MET G 315 -45.34 -44.40 32.79
N GLN G 316 -44.25 -44.52 33.55
CA GLN G 316 -43.89 -45.83 34.10
C GLN G 316 -45.03 -46.40 34.94
N LYS G 317 -45.62 -45.57 35.80
CA LYS G 317 -46.71 -46.02 36.65
C LYS G 317 -47.93 -46.42 35.82
N GLU G 318 -48.29 -45.61 34.83
CA GLU G 318 -49.50 -45.89 34.05
C GLU G 318 -49.31 -47.10 33.15
N ILE G 319 -48.13 -47.25 32.53
CA ILE G 319 -47.89 -48.41 31.69
C ILE G 319 -47.81 -49.67 32.54
N THR G 320 -47.31 -49.55 33.78
CA THR G 320 -47.31 -50.69 34.68
C THR G 320 -48.72 -51.16 35.00
N ALA G 321 -49.64 -50.21 35.19
CA ALA G 321 -51.02 -50.57 35.51
C ALA G 321 -51.71 -51.27 34.34
N LEU G 322 -51.28 -51.01 33.12
CA LEU G 322 -51.90 -51.59 31.94
C LEU G 322 -51.25 -52.89 31.48
N ALA G 323 -49.95 -53.05 31.73
CA ALA G 323 -49.18 -54.16 31.20
C ALA G 323 -49.38 -55.41 32.03
N PRO G 324 -48.99 -56.58 31.50
CA PRO G 324 -48.99 -57.80 32.31
C PRO G 324 -48.16 -57.64 33.58
N SER G 325 -48.41 -58.54 34.54
CA SER G 325 -47.92 -58.36 35.90
C SER G 325 -46.40 -58.35 35.98
N THR G 326 -45.75 -59.20 35.19
CA THR G 326 -44.30 -59.39 35.30
C THR G 326 -43.51 -58.63 34.24
N MET G 327 -44.18 -57.82 33.41
CA MET G 327 -43.52 -57.14 32.31
C MET G 327 -42.57 -56.07 32.83
N LYS G 328 -41.32 -56.09 32.33
CA LYS G 328 -40.35 -55.05 32.64
C LYS G 328 -40.65 -53.82 31.79
N ILE G 329 -40.92 -52.70 32.45
CA ILE G 329 -41.24 -51.46 31.75
C ILE G 329 -40.17 -50.43 32.08
N LYS G 330 -39.67 -49.76 31.04
CA LYS G 330 -38.66 -48.72 31.21
C LYS G 330 -38.98 -47.54 30.31
N ILE G 331 -39.00 -46.34 30.89
CA ILE G 331 -39.17 -45.11 30.15
C ILE G 331 -37.80 -44.45 30.02
N ILE G 332 -37.40 -44.14 28.80
CA ILE G 332 -36.12 -43.50 28.52
C ILE G 332 -36.40 -42.05 28.15
N ALA G 333 -35.83 -41.13 28.93
CA ALA G 333 -36.08 -39.69 28.77
C ALA G 333 -34.73 -39.01 28.58
N PRO G 334 -34.22 -38.95 27.35
CA PRO G 334 -32.95 -38.27 27.10
C PRO G 334 -33.04 -36.79 27.47
N PRO G 335 -32.02 -36.23 28.10
CA PRO G 335 -32.10 -34.81 28.51
C PRO G 335 -32.32 -33.85 27.36
N GLU G 336 -31.75 -34.11 26.19
CA GLU G 336 -31.88 -33.23 25.04
C GLU G 336 -32.94 -33.69 24.04
N ARG G 337 -34.03 -34.29 24.54
CA ARG G 337 -35.03 -34.85 23.64
C ARG G 337 -35.82 -33.80 22.89
N LYS G 338 -35.74 -32.53 23.29
CA LYS G 338 -36.28 -31.46 22.45
C LYS G 338 -35.65 -31.47 21.06
N TYR G 339 -34.45 -32.02 20.92
CA TYR G 339 -33.73 -32.02 19.65
C TYR G 339 -33.28 -33.42 19.24
N SER G 340 -33.89 -34.45 19.81
N SER G 340 -33.88 -34.47 19.80
CA SER G 340 -33.51 -35.83 19.47
CA SER G 340 -33.45 -35.82 19.46
C SER G 340 -33.72 -36.11 18.00
C SER G 340 -33.75 -36.17 18.00
N VAL G 341 -34.80 -35.59 17.42
CA VAL G 341 -35.07 -35.82 16.00
C VAL G 341 -33.94 -35.23 15.17
N TRP G 342 -33.57 -33.98 15.45
CA TRP G 342 -32.50 -33.33 14.71
C TRP G 342 -31.18 -34.06 14.91
N ILE G 343 -30.85 -34.40 16.16
CA ILE G 343 -29.59 -35.06 16.47
C ILE G 343 -29.49 -36.38 15.74
N GLY G 344 -30.58 -37.16 15.72
CA GLY G 344 -30.59 -38.37 14.91
C GLY G 344 -30.33 -38.08 13.45
N GLY G 345 -30.89 -36.99 12.93
CA GLY G 345 -30.59 -36.61 11.56
C GLY G 345 -29.14 -36.25 11.36
N SER G 346 -28.56 -35.51 12.31
CA SER G 346 -27.16 -35.14 12.23
C SER G 346 -26.26 -36.38 12.15
N ILE G 347 -26.57 -37.41 12.93
CA ILE G 347 -25.78 -38.63 12.94
C ILE G 347 -25.91 -39.36 11.61
N LEU G 348 -27.14 -39.60 11.16
CA LEU G 348 -27.35 -40.38 9.94
C LEU G 348 -26.80 -39.66 8.73
N ALA G 349 -27.01 -38.35 8.64
CA ALA G 349 -26.46 -37.58 7.52
C ALA G 349 -24.94 -37.57 7.51
N SER G 350 -24.29 -37.94 8.60
CA SER G 350 -22.84 -38.05 8.66
C SER G 350 -22.34 -39.40 8.16
N LEU G 351 -23.23 -40.28 7.71
CA LEU G 351 -22.87 -41.61 7.25
C LEU G 351 -22.97 -41.65 5.73
N SER G 352 -21.85 -41.95 5.07
CA SER G 352 -21.82 -41.91 3.60
C SER G 352 -22.80 -42.89 2.98
N THR G 353 -23.06 -44.03 3.62
CA THR G 353 -24.03 -44.97 3.07
C THR G 353 -25.45 -44.45 3.17
N PHE G 354 -25.75 -43.64 4.19
CA PHE G 354 -27.06 -43.00 4.27
C PHE G 354 -27.22 -41.96 3.17
N GLN G 355 -26.22 -41.10 2.99
CA GLN G 355 -26.30 -40.08 1.94
C GLN G 355 -26.30 -40.70 0.55
N GLN G 356 -25.78 -41.92 0.42
CA GLN G 356 -25.81 -42.64 -0.86
C GLN G 356 -27.23 -42.92 -1.33
N MET G 357 -28.21 -42.95 -0.42
CA MET G 357 -29.59 -43.18 -0.77
C MET G 357 -30.34 -41.91 -1.14
N TRP G 358 -29.74 -40.74 -0.97
CA TRP G 358 -30.44 -39.49 -1.20
C TRP G 358 -30.67 -39.25 -2.70
N ILE G 359 -31.76 -38.55 -3.00
CA ILE G 359 -32.09 -38.21 -4.39
C ILE G 359 -31.14 -37.12 -4.86
N THR G 360 -30.43 -37.38 -5.95
CA THR G 360 -29.60 -36.35 -6.54
C THR G 360 -30.43 -35.46 -7.46
N LYS G 361 -29.88 -34.28 -7.77
CA LYS G 361 -30.55 -33.38 -8.71
C LYS G 361 -30.71 -34.04 -10.06
N GLN G 362 -29.71 -34.82 -10.48
CA GLN G 362 -29.81 -35.55 -11.75
C GLN G 362 -30.99 -36.52 -11.73
N GLU G 363 -31.18 -37.24 -10.62
CA GLU G 363 -32.28 -38.20 -10.55
C GLU G 363 -33.63 -37.50 -10.54
N TYR G 364 -33.72 -36.34 -9.89
CA TYR G 364 -34.97 -35.58 -9.91
C TYR G 364 -35.29 -35.09 -11.31
N ASP G 365 -34.28 -34.58 -12.02
CA ASP G 365 -34.50 -34.09 -13.38
C ASP G 365 -34.87 -35.21 -14.35
N GLU G 366 -34.61 -36.46 -13.99
CA GLU G 366 -34.98 -37.59 -14.83
C GLU G 366 -36.34 -38.17 -14.46
N ALA G 367 -36.71 -38.13 -13.18
CA ALA G 367 -37.94 -38.76 -12.71
C ALA G 367 -38.99 -37.79 -12.20
N GLY G 368 -38.59 -36.62 -11.69
CA GLY G 368 -39.53 -35.67 -11.16
C GLY G 368 -39.76 -35.85 -9.67
N PRO G 369 -40.77 -35.17 -9.13
CA PRO G 369 -41.02 -35.27 -7.68
C PRO G 369 -41.44 -36.65 -7.21
N SER G 370 -42.02 -37.49 -8.08
CA SER G 370 -42.49 -38.81 -7.67
C SER G 370 -41.35 -39.73 -7.27
N ILE G 371 -40.09 -39.32 -7.45
CA ILE G 371 -38.95 -40.14 -7.08
C ILE G 371 -38.87 -40.35 -5.57
N VAL G 372 -39.47 -39.46 -4.79
CA VAL G 372 -39.39 -39.55 -3.34
C VAL G 372 -40.03 -40.84 -2.82
N HIS G 373 -41.05 -41.34 -3.54
CA HIS G 373 -41.67 -42.60 -3.16
C HIS G 373 -40.71 -43.78 -3.29
N ARG G 374 -39.70 -43.66 -4.14
CA ARG G 374 -38.81 -44.77 -4.46
C ARG G 374 -37.43 -44.64 -3.84
N LYS G 375 -37.16 -43.60 -3.04
CA LYS G 375 -35.83 -43.43 -2.48
C LYS G 375 -35.86 -43.18 -0.98
N CYS G 376 -36.87 -42.47 -0.49
CA CYS G 376 -36.93 -42.01 0.90
C CYS G 376 -37.80 -42.94 1.72
N PHE G 377 -37.23 -43.51 2.78
CA PHE G 377 -37.96 -44.39 3.68
C PHE G 377 -37.62 -44.08 5.13
N THR H 7 -43.01 -53.02 0.83
CA THR H 7 -41.73 -52.42 1.22
C THR H 7 -40.57 -53.11 0.50
N GLU H 8 -40.85 -53.62 -0.71
CA GLU H 8 -39.82 -54.33 -1.47
C GLU H 8 -38.79 -53.36 -2.04
N LEU H 9 -39.24 -52.21 -2.54
CA LEU H 9 -38.30 -51.22 -3.03
C LEU H 9 -37.46 -50.62 -1.91
N GLU H 10 -38.02 -50.50 -0.71
CA GLU H 10 -37.24 -50.10 0.45
C GLU H 10 -36.11 -51.08 0.71
N LYS H 11 -36.42 -52.38 0.70
CA LYS H 11 -35.39 -53.39 0.90
C LYS H 11 -34.36 -53.37 -0.24
N LYS H 12 -34.75 -52.91 -1.42
CA LYS H 12 -33.81 -52.81 -2.53
C LYS H 12 -32.82 -51.68 -2.31
N VAL H 13 -33.32 -50.48 -1.99
CA VAL H 13 -32.42 -49.35 -1.79
C VAL H 13 -31.60 -49.53 -0.52
N LYS H 14 -32.16 -50.15 0.51
CA LYS H 14 -31.39 -50.41 1.72
C LYS H 14 -30.28 -51.41 1.46
N LEU H 15 -30.57 -52.47 0.71
CA LEU H 15 -29.54 -53.42 0.34
C LEU H 15 -28.50 -52.78 -0.58
N GLU H 16 -28.94 -51.88 -1.45
CA GLU H 16 -28.00 -51.17 -2.31
C GLU H 16 -27.07 -50.28 -1.50
N ALA H 17 -27.61 -49.61 -0.48
CA ALA H 17 -26.78 -48.74 0.35
C ALA H 17 -25.72 -49.53 1.10
N SER H 18 -26.11 -50.67 1.67
CA SER H 18 -25.17 -51.48 2.44
C SER H 18 -24.01 -51.98 1.60
N GLN H 19 -24.15 -52.00 0.27
CA GLN H 19 -23.03 -52.39 -0.59
C GLN H 19 -21.92 -51.35 -0.60
N HIS H 20 -22.15 -50.16 -0.07
CA HIS H 20 -21.17 -49.09 -0.10
C HIS H 20 -20.38 -48.98 1.21
N GLU H 21 -20.50 -49.96 2.09
CA GLU H 21 -19.72 -50.02 3.32
C GLU H 21 -18.64 -51.08 3.16
N ASP H 22 -17.37 -50.65 3.20
CA ASP H 22 -16.26 -51.58 3.02
C ASP H 22 -16.21 -52.62 4.13
N ALA H 23 -16.63 -52.24 5.35
CA ALA H 23 -16.50 -53.13 6.49
C ALA H 23 -17.32 -54.41 6.36
N TRP H 24 -18.36 -54.41 5.52
CA TRP H 24 -19.20 -55.58 5.35
C TRP H 24 -18.66 -56.57 4.31
N LYS H 25 -17.65 -56.17 3.53
CA LYS H 25 -17.05 -57.05 2.53
C LYS H 25 -16.46 -58.29 3.21
N GLY H 26 -16.96 -59.47 2.83
CA GLY H 26 -16.50 -60.71 3.41
C GLY H 26 -17.05 -61.03 4.79
N ALA H 27 -17.94 -60.21 5.34
CA ALA H 27 -18.50 -60.45 6.65
C ALA H 27 -19.56 -61.53 6.59
N GLY H 28 -19.59 -62.38 7.62
CA GLY H 28 -20.61 -63.40 7.71
C GLY H 28 -20.49 -64.54 6.72
N LYS H 29 -19.28 -64.83 6.25
CA LYS H 29 -19.08 -65.91 5.30
C LYS H 29 -18.68 -67.22 5.97
N GLN H 30 -18.18 -67.17 7.20
CA GLN H 30 -17.79 -68.37 7.92
C GLN H 30 -18.15 -68.22 9.39
N VAL H 31 -18.23 -69.36 10.08
CA VAL H 31 -18.56 -69.34 11.50
C VAL H 31 -17.45 -68.64 12.27
N GLY H 32 -17.83 -67.74 13.16
CA GLY H 32 -16.88 -66.99 13.93
C GLY H 32 -17.48 -65.70 14.44
N VAL H 33 -16.63 -64.90 15.07
CA VAL H 33 -17.02 -63.63 15.70
C VAL H 33 -16.21 -62.52 15.08
N GLU H 34 -16.88 -61.60 14.40
CA GLU H 34 -16.26 -60.43 13.78
C GLU H 34 -16.69 -59.17 14.52
N ILE H 35 -15.74 -58.25 14.75
CA ILE H 35 -15.97 -57.09 15.59
C ILE H 35 -15.48 -55.84 14.88
N TRP H 36 -16.30 -54.78 14.93
CA TRP H 36 -15.94 -53.47 14.42
C TRP H 36 -16.18 -52.42 15.49
N ARG H 37 -15.43 -51.31 15.41
CA ARG H 37 -15.58 -50.20 16.34
C ARG H 37 -15.92 -48.95 15.56
N ILE H 38 -16.89 -48.18 16.06
CA ILE H 38 -17.21 -46.89 15.48
C ILE H 38 -16.10 -45.91 15.85
N GLN H 39 -15.50 -45.28 14.83
CA GLN H 39 -14.44 -44.30 15.03
C GLN H 39 -14.75 -43.09 14.17
N GLN H 40 -15.27 -42.04 14.80
CA GLN H 40 -15.68 -40.81 14.12
C GLN H 40 -16.55 -41.13 12.90
N PHE H 41 -17.68 -41.78 13.16
CA PHE H 41 -18.71 -42.16 12.21
C PHE H 41 -18.27 -43.28 11.27
N LYS H 42 -17.03 -43.75 11.36
CA LYS H 42 -16.53 -44.80 10.49
C LYS H 42 -16.57 -46.15 11.19
N VAL H 43 -16.91 -47.20 10.44
CA VAL H 43 -16.91 -48.57 10.93
C VAL H 43 -15.56 -49.19 10.61
N VAL H 44 -14.80 -49.55 11.65
CA VAL H 44 -13.41 -49.95 11.52
C VAL H 44 -13.26 -51.34 12.14
N PRO H 45 -12.70 -52.30 11.42
CA PRO H 45 -12.54 -53.64 12.00
C PRO H 45 -11.57 -53.62 13.17
N VAL H 46 -11.89 -54.40 14.20
CA VAL H 46 -11.03 -54.54 15.36
C VAL H 46 -10.12 -55.74 15.13
N PRO H 47 -8.81 -55.59 15.27
CA PRO H 47 -7.90 -56.72 15.06
C PRO H 47 -8.22 -57.89 15.99
N LYS H 48 -8.00 -59.11 15.48
CA LYS H 48 -8.36 -60.31 16.24
C LYS H 48 -7.68 -60.35 17.59
N LYS H 49 -6.47 -59.80 17.70
CA LYS H 49 -5.73 -59.77 18.96
C LYS H 49 -6.41 -58.92 20.02
N HIS H 50 -7.38 -58.08 19.65
CA HIS H 50 -8.07 -57.20 20.58
C HIS H 50 -9.51 -57.64 20.83
N HIS H 51 -9.97 -58.71 20.17
CA HIS H 51 -11.31 -59.22 20.43
C HIS H 51 -11.43 -59.65 21.90
N GLY H 52 -12.51 -59.23 22.55
CA GLY H 52 -12.67 -59.38 23.98
C GLY H 52 -12.35 -58.14 24.77
N SER H 53 -11.55 -57.24 24.22
CA SER H 53 -11.20 -55.97 24.84
C SER H 53 -12.09 -54.87 24.27
N PHE H 54 -12.73 -54.11 25.14
CA PHE H 54 -13.65 -53.06 24.73
C PHE H 54 -13.36 -51.79 25.51
N TYR H 55 -13.29 -50.67 24.80
CA TYR H 55 -13.05 -49.38 25.45
C TYR H 55 -14.36 -48.85 26.01
N THR H 56 -14.32 -48.43 27.28
CA THR H 56 -15.53 -47.95 27.95
C THR H 56 -16.07 -46.68 27.30
N GLY H 57 -15.27 -45.98 26.51
CA GLY H 57 -15.72 -44.78 25.85
C GLY H 57 -16.18 -44.96 24.41
N ASP H 58 -16.41 -46.19 23.97
CA ASP H 58 -16.66 -46.45 22.56
C ASP H 58 -17.85 -47.39 22.38
N SER H 59 -18.32 -47.45 21.14
CA SER H 59 -19.38 -48.37 20.72
C SER H 59 -18.83 -49.32 19.68
N TYR H 60 -19.33 -50.56 19.70
CA TYR H 60 -18.85 -51.62 18.83
C TYR H 60 -20.03 -52.33 18.16
N ILE H 61 -19.71 -53.07 17.09
CA ILE H 61 -20.64 -53.97 16.43
C ILE H 61 -20.01 -55.35 16.39
N VAL H 62 -20.75 -56.35 16.88
CA VAL H 62 -20.24 -57.71 17.03
C VAL H 62 -21.18 -58.65 16.28
N LEU H 63 -20.67 -59.27 15.23
CA LEU H 63 -21.44 -60.22 14.42
C LEU H 63 -21.00 -61.64 14.75
N SER H 64 -21.93 -62.45 15.24
CA SER H 64 -21.66 -63.85 15.56
C SER H 64 -22.31 -64.71 14.48
N THR H 65 -21.48 -65.37 13.69
CA THR H 65 -21.95 -66.29 12.64
C THR H 65 -21.86 -67.73 13.17
N TYR H 66 -22.91 -68.51 12.91
CA TYR H 66 -22.98 -69.85 13.48
C TYR H 66 -23.90 -70.72 12.63
N HIS H 67 -23.82 -72.03 12.88
CA HIS H 67 -24.71 -72.99 12.24
C HIS H 67 -25.94 -73.19 13.10
N PRO H 68 -27.14 -72.89 12.59
CA PRO H 68 -28.35 -73.08 13.40
C PRO H 68 -28.71 -74.56 13.52
N LYS H 69 -29.27 -74.91 14.68
CA LYS H 69 -29.55 -76.32 14.95
C LYS H 69 -30.60 -76.89 14.02
N THR H 70 -31.58 -76.07 13.61
CA THR H 70 -32.65 -76.57 12.75
C THR H 70 -32.12 -77.02 11.40
N ASN H 71 -30.99 -76.47 10.95
CA ASN H 71 -30.35 -76.87 9.72
C ASN H 71 -28.88 -76.44 9.77
N PRO H 72 -27.98 -77.32 10.22
CA PRO H 72 -26.60 -76.90 10.48
C PRO H 72 -25.78 -76.63 9.22
N ASP H 73 -26.31 -76.89 8.03
CA ASP H 73 -25.57 -76.62 6.82
C ASP H 73 -25.64 -75.15 6.38
N LYS H 74 -26.55 -74.41 7.01
CA LYS H 74 -26.73 -72.99 6.66
C LYS H 74 -25.95 -72.10 7.63
N LEU H 75 -26.03 -70.79 7.43
CA LEU H 75 -25.45 -69.82 8.33
C LEU H 75 -26.55 -68.97 8.95
N ALA H 76 -26.44 -68.73 10.26
CA ALA H 76 -27.30 -67.80 10.97
C ALA H 76 -26.43 -66.75 11.64
N TYR H 77 -27.06 -65.66 12.06
CA TYR H 77 -26.32 -64.53 12.57
C TYR H 77 -27.04 -63.90 13.76
N ASP H 78 -26.26 -63.56 14.78
CA ASP H 78 -26.67 -62.63 15.82
C ASP H 78 -25.72 -61.44 15.75
N VAL H 79 -26.28 -60.24 15.60
CA VAL H 79 -25.48 -59.03 15.53
C VAL H 79 -25.78 -58.21 16.79
N HIS H 80 -24.77 -58.08 17.65
CA HIS H 80 -24.87 -57.26 18.83
C HIS H 80 -24.12 -55.95 18.59
N PHE H 81 -24.70 -54.84 19.02
CA PHE H 81 -23.96 -53.60 19.13
C PHE H 81 -23.84 -53.24 20.60
N TRP H 82 -22.64 -52.85 21.01
CA TRP H 82 -22.25 -52.78 22.41
C TRP H 82 -21.86 -51.34 22.75
N LEU H 83 -22.55 -50.76 23.72
CA LEU H 83 -22.39 -49.35 24.06
C LEU H 83 -21.59 -49.24 25.36
N GLY H 84 -20.37 -48.70 25.26
CA GLY H 84 -19.59 -48.47 26.46
C GLY H 84 -20.24 -47.46 27.38
N ALA H 85 -19.91 -47.57 28.67
CA ALA H 85 -20.53 -46.71 29.68
C ALA H 85 -20.28 -45.22 29.44
N PHE H 86 -19.25 -44.87 28.67
CA PHE H 86 -18.91 -43.47 28.43
C PHE H 86 -18.88 -43.14 26.95
N THR H 87 -19.49 -43.98 26.11
CA THR H 87 -19.54 -43.67 24.68
C THR H 87 -20.46 -42.48 24.45
N THR H 88 -20.16 -41.72 23.40
CA THR H 88 -20.93 -40.53 23.09
C THR H 88 -22.03 -40.83 22.09
N GLN H 89 -23.02 -39.93 22.07
CA GLN H 89 -24.27 -40.19 21.35
C GLN H 89 -24.02 -40.48 19.88
N ASP H 90 -23.06 -39.79 19.26
CA ASP H 90 -22.76 -40.04 17.85
C ASP H 90 -22.28 -41.47 17.64
N GLU H 91 -21.54 -42.03 18.60
CA GLU H 91 -21.03 -43.38 18.46
C GLU H 91 -22.14 -44.41 18.64
N ALA H 92 -22.94 -44.27 19.69
CA ALA H 92 -24.05 -45.19 19.90
C ALA H 92 -25.04 -45.12 18.75
N GLY H 93 -25.36 -43.91 18.28
CA GLY H 93 -26.29 -43.78 17.16
C GLY H 93 -25.78 -44.43 15.89
N THR H 94 -24.50 -44.20 15.58
CA THR H 94 -23.91 -44.82 14.39
C THR H 94 -23.88 -46.34 14.52
N ALA H 95 -23.53 -46.84 15.70
CA ALA H 95 -23.52 -48.29 15.92
C ALA H 95 -24.90 -48.89 15.69
N ALA H 96 -25.95 -48.22 16.16
CA ALA H 96 -27.30 -48.71 15.96
C ALA H 96 -27.69 -48.70 14.49
N TYR H 97 -27.44 -47.59 13.80
CA TYR H 97 -27.80 -47.52 12.39
C TYR H 97 -27.01 -48.54 11.56
N LYS H 98 -25.71 -48.66 11.82
CA LYS H 98 -24.89 -49.58 11.06
C LYS H 98 -25.21 -51.04 11.39
N THR H 99 -25.75 -51.31 12.58
CA THR H 99 -26.24 -52.64 12.88
C THR H 99 -27.39 -53.01 11.96
N VAL H 100 -28.34 -52.08 11.78
CA VAL H 100 -29.44 -52.31 10.84
C VAL H 100 -28.89 -52.50 9.43
N GLU H 101 -27.86 -51.73 9.07
CA GLU H 101 -27.31 -51.82 7.72
C GLU H 101 -26.61 -53.16 7.50
N LEU H 102 -25.93 -53.68 8.51
CA LEU H 102 -25.37 -55.02 8.43
C LEU H 102 -26.48 -56.06 8.32
N ASP H 103 -27.56 -55.89 9.09
CA ASP H 103 -28.76 -56.72 8.94
C ASP H 103 -29.23 -56.71 7.50
N ASP H 104 -29.46 -55.51 6.94
CA ASP H 104 -29.89 -55.40 5.54
C ASP H 104 -28.89 -56.06 4.61
N TYR H 105 -27.60 -55.88 4.88
CA TYR H 105 -26.58 -56.45 4.03
C TYR H 105 -26.70 -57.97 3.97
N LEU H 106 -27.02 -58.61 5.09
CA LEU H 106 -27.19 -60.05 5.16
C LEU H 106 -28.66 -60.47 5.04
N GLY H 107 -29.43 -59.75 4.23
CA GLY H 107 -30.79 -60.16 3.89
C GLY H 107 -31.80 -60.14 5.02
N GLY H 108 -31.49 -59.48 6.14
CA GLY H 108 -32.38 -59.48 7.27
C GLY H 108 -32.26 -60.68 8.19
N LEU H 109 -31.45 -61.67 7.82
CA LEU H 109 -31.30 -62.86 8.65
C LEU H 109 -30.73 -62.59 10.05
N PRO H 110 -29.78 -61.66 10.25
CA PRO H 110 -29.29 -61.43 11.62
C PRO H 110 -30.37 -60.98 12.58
N VAL H 111 -30.25 -61.40 13.83
CA VAL H 111 -31.10 -60.95 14.91
C VAL H 111 -30.33 -59.92 15.73
N GLN H 112 -30.93 -58.74 15.90
CA GLN H 112 -30.24 -57.61 16.50
C GLN H 112 -30.35 -57.63 18.02
N TYR H 113 -29.26 -57.24 18.69
CA TYR H 113 -29.21 -57.18 20.14
C TYR H 113 -28.49 -55.91 20.56
N ARG H 114 -29.06 -55.19 21.53
CA ARG H 114 -28.43 -54.01 22.11
C ARG H 114 -27.80 -54.40 23.44
N GLU H 115 -26.49 -54.22 23.56
CA GLU H 115 -25.75 -54.54 24.78
C GLU H 115 -25.14 -53.27 25.35
N VAL H 116 -25.26 -53.07 26.65
CA VAL H 116 -24.64 -51.93 27.32
C VAL H 116 -23.65 -52.46 28.35
N GLN H 117 -22.59 -51.69 28.57
CA GLN H 117 -21.50 -52.14 29.44
C GLN H 117 -22.00 -52.43 30.85
N GLY H 118 -21.66 -53.62 31.35
CA GLY H 118 -22.08 -54.06 32.66
C GLY H 118 -23.39 -54.81 32.71
N TYR H 119 -24.22 -54.71 31.67
CA TYR H 119 -25.54 -55.33 31.65
C TYR H 119 -25.73 -56.19 30.41
N GLU H 120 -24.64 -56.73 29.87
CA GLU H 120 -24.72 -57.52 28.64
C GLU H 120 -25.53 -58.79 28.87
N SER H 121 -26.15 -59.26 27.80
CA SER H 121 -26.97 -60.50 27.83
C SER H 121 -26.05 -61.72 27.86
N GLU H 122 -26.58 -62.86 28.28
CA GLU H 122 -25.72 -64.07 28.28
C GLU H 122 -25.36 -64.43 26.86
N ARG H 123 -26.29 -64.29 25.93
CA ARG H 123 -26.04 -64.57 24.50
C ARG H 123 -24.77 -63.82 24.09
N PHE H 124 -24.63 -62.58 24.51
CA PHE H 124 -23.44 -61.83 24.13
C PHE H 124 -22.22 -62.27 24.93
N LEU H 125 -22.40 -62.47 26.25
CA LEU H 125 -21.28 -62.84 27.10
C LEU H 125 -20.75 -64.22 26.74
N SER H 126 -21.58 -65.08 26.14
CA SER H 126 -21.13 -66.41 25.78
C SER H 126 -20.09 -66.39 24.66
N LEU H 127 -19.98 -65.29 23.93
CA LEU H 127 -18.99 -65.17 22.86
C LEU H 127 -17.58 -64.95 23.40
N PHE H 128 -17.43 -64.70 24.69
CA PHE H 128 -16.15 -64.37 25.31
C PHE H 128 -15.96 -65.21 26.56
N PRO H 129 -14.70 -65.45 26.98
CA PRO H 129 -14.38 -66.29 28.14
C PRO H 129 -15.10 -65.89 29.43
N LEU H 133 -14.50 -60.73 29.48
CA LEU H 133 -14.70 -59.38 28.95
C LEU H 133 -13.91 -58.35 29.76
N ARG H 134 -12.93 -57.72 29.11
CA ARG H 134 -12.04 -56.77 29.77
C ARG H 134 -12.34 -55.36 29.26
N ILE H 135 -12.69 -54.47 30.17
CA ILE H 135 -13.06 -53.09 29.83
C ILE H 135 -11.85 -52.20 30.05
N LEU H 136 -11.43 -51.51 29.00
CA LEU H 136 -10.26 -50.64 29.04
C LEU H 136 -10.69 -49.19 29.24
N ASP H 137 -9.83 -48.42 29.91
CA ASP H 137 -10.04 -46.99 30.03
C ASP H 137 -9.81 -46.29 28.69
N GLY H 138 -10.52 -45.19 28.50
CA GLY H 138 -10.31 -44.36 27.32
C GLY H 138 -11.22 -44.73 26.17
N GLY H 139 -10.81 -44.28 24.98
CA GLY H 139 -11.57 -44.52 23.78
C GLY H 139 -11.29 -43.46 22.74
N VAL H 140 -11.69 -43.76 21.52
CA VAL H 140 -11.49 -42.82 20.41
C VAL H 140 -12.43 -41.62 20.60
N GLU H 141 -11.96 -40.44 20.20
CA GLU H 141 -12.69 -39.20 20.41
C GLU H 141 -13.95 -39.16 19.55
N THR H 142 -14.96 -38.42 20.02
CA THR H 142 -16.22 -38.31 19.32
C THR H 142 -16.02 -37.74 17.93
N GLY H 143 -16.95 -38.06 17.03
CA GLY H 143 -16.97 -37.45 15.72
C GLY H 143 -17.77 -36.16 15.65
N PHE H 144 -18.49 -35.84 16.72
CA PHE H 144 -19.32 -34.64 16.75
C PHE H 144 -18.47 -33.38 16.77
N HIS H 145 -18.92 -32.35 16.04
CA HIS H 145 -18.47 -30.99 16.28
C HIS H 145 -19.39 -30.37 17.33
N HIS H 146 -18.80 -29.76 18.35
CA HIS H 146 -19.58 -29.18 19.43
C HIS H 146 -20.03 -27.77 19.04
N VAL H 147 -21.32 -27.50 19.21
CA VAL H 147 -21.88 -26.18 18.95
C VAL H 147 -21.89 -25.40 20.27
N GLU H 148 -21.21 -24.27 20.28
CA GLU H 148 -21.18 -23.44 21.48
C GLU H 148 -22.54 -22.81 21.74
#